data_2GJH
#
_entry.id   2GJH
#
_cell.length_a   1.000
_cell.length_b   1.000
_cell.length_c   1.000
_cell.angle_alpha   90.00
_cell.angle_beta   90.00
_cell.angle_gamma   90.00
#
_symmetry.space_group_name_H-M   'P 1'
#
_entity_poly.entity_id   1
_entity_poly.type   'polypeptide(L)'
_entity_poly.pdbx_seq_one_letter_code
;MERVRISITARTKKEAEKFAAILIKVFAELGYNDINVTWDGDTVTVEGQLEGGSLEHHHHHH
;
_entity_poly.pdbx_strand_id   A,B
#
# COMPACT_ATOMS: atom_id res chain seq x y z
N GLU A 2 -11.58 4.10 12.93
CA GLU A 2 -10.16 3.91 12.72
C GLU A 2 -9.89 2.76 11.75
N ARG A 3 -10.71 2.69 10.70
CA ARG A 3 -10.57 1.64 9.70
C ARG A 3 -9.69 2.12 8.54
N VAL A 4 -8.63 1.36 8.26
CA VAL A 4 -7.72 1.71 7.17
C VAL A 4 -7.80 0.70 6.04
N ARG A 5 -8.06 1.18 4.83
CA ARG A 5 -8.17 0.32 3.66
C ARG A 5 -7.32 0.84 2.52
N ILE A 6 -6.51 -0.04 1.94
CA ILE A 6 -5.64 0.35 0.82
C ILE A 6 -5.87 -0.55 -0.39
N SER A 7 -6.16 0.07 -1.53
CA SER A 7 -6.41 -0.67 -2.76
C SER A 7 -5.28 -0.46 -3.76
N ILE A 8 -4.68 -1.56 -4.21
CA ILE A 8 -3.59 -1.50 -5.17
C ILE A 8 -4.02 -2.05 -6.52
N THR A 9 -3.65 -1.34 -7.59
CA THR A 9 -3.99 -1.74 -8.94
C THR A 9 -2.74 -2.15 -9.72
N ALA A 10 -2.54 -3.45 -9.86
CA ALA A 10 -1.39 -3.98 -10.59
C ALA A 10 -1.83 -4.63 -11.90
N ARG A 11 -0.85 -4.93 -12.76
CA ARG A 11 -1.12 -5.55 -14.04
C ARG A 11 -1.61 -6.99 -13.85
N THR A 12 -0.83 -7.79 -13.14
CA THR A 12 -1.18 -9.18 -12.90
C THR A 12 -1.36 -9.45 -11.41
N LYS A 13 -2.03 -10.54 -11.08
CA LYS A 13 -2.27 -10.91 -9.69
C LYS A 13 -0.96 -11.05 -8.93
N LYS A 14 0.03 -11.67 -9.58
CA LYS A 14 1.33 -11.87 -8.96
C LYS A 14 1.96 -10.53 -8.56
N GLU A 15 1.72 -9.51 -9.37
CA GLU A 15 2.26 -8.17 -9.10
C GLU A 15 1.63 -7.59 -7.85
N ALA A 16 0.30 -7.58 -7.79
CA ALA A 16 -0.42 -7.04 -6.65
C ALA A 16 -0.10 -7.83 -5.38
N GLU A 17 -0.01 -9.15 -5.51
CA GLU A 17 0.28 -10.00 -4.37
C GLU A 17 1.63 -9.63 -3.74
N LYS A 18 2.60 -9.30 -4.58
CA LYS A 18 3.92 -8.93 -4.12
C LYS A 18 3.85 -7.70 -3.22
N PHE A 19 2.89 -6.81 -3.50
CA PHE A 19 2.72 -5.60 -2.71
C PHE A 19 1.93 -5.89 -1.44
N ALA A 20 0.92 -6.75 -1.54
CA ALA A 20 0.11 -7.11 -0.39
C ALA A 20 0.96 -7.63 0.75
N ALA A 21 1.93 -8.48 0.41
CA ALA A 21 2.82 -9.06 1.42
C ALA A 21 3.47 -7.97 2.26
N ILE A 22 3.93 -6.92 1.61
CA ILE A 22 4.57 -5.80 2.30
C ILE A 22 3.57 -5.04 3.16
N LEU A 23 2.44 -4.67 2.55
CA LEU A 23 1.40 -3.94 3.26
C LEU A 23 1.00 -4.65 4.55
N ILE A 24 0.94 -5.98 4.50
CA ILE A 24 0.58 -6.78 5.66
C ILE A 24 1.58 -6.58 6.79
N LYS A 25 2.86 -6.55 6.45
CA LYS A 25 3.91 -6.36 7.44
C LYS A 25 3.84 -4.97 8.06
N VAL A 26 3.59 -3.98 7.22
CA VAL A 26 3.48 -2.59 7.69
C VAL A 26 2.29 -2.42 8.63
N PHE A 27 1.18 -3.05 8.28
CA PHE A 27 -0.03 -2.97 9.09
C PHE A 27 0.17 -3.65 10.44
N ALA A 28 0.81 -4.81 10.42
CA ALA A 28 1.07 -5.56 11.64
C ALA A 28 1.97 -4.78 12.60
N GLU A 29 3.03 -4.20 12.06
CA GLU A 29 3.96 -3.42 12.86
C GLU A 29 3.32 -2.12 13.32
N LEU A 30 2.25 -1.72 12.66
CA LEU A 30 1.54 -0.49 13.00
C LEU A 30 0.45 -0.77 14.04
N GLY A 31 0.22 -2.04 14.32
CA GLY A 31 -0.79 -2.42 15.30
C GLY A 31 -2.12 -2.76 14.66
N TYR A 32 -2.13 -2.82 13.33
CA TYR A 32 -3.35 -3.14 12.58
C TYR A 32 -3.43 -4.64 12.28
N ASN A 33 -2.95 -5.45 13.22
CA ASN A 33 -2.97 -6.90 13.06
C ASN A 33 -4.36 -7.38 12.64
N ASP A 34 -4.41 -8.58 12.09
CA ASP A 34 -5.69 -9.16 11.65
C ASP A 34 -6.23 -8.42 10.43
N ILE A 35 -5.49 -8.45 9.34
CA ILE A 35 -5.90 -7.77 8.11
C ILE A 35 -6.70 -8.70 7.22
N ASN A 36 -7.63 -8.13 6.46
CA ASN A 36 -8.47 -8.90 5.56
C ASN A 36 -8.38 -8.37 4.13
N VAL A 37 -8.00 -9.23 3.20
CA VAL A 37 -7.89 -8.85 1.80
C VAL A 37 -9.11 -9.27 1.00
N THR A 38 -9.61 -8.37 0.16
CA THR A 38 -10.78 -8.66 -0.67
C THR A 38 -10.52 -8.30 -2.13
N TRP A 39 -10.50 -9.31 -2.99
CA TRP A 39 -10.27 -9.10 -4.41
C TRP A 39 -11.56 -9.31 -5.21
N ASP A 40 -11.76 -8.48 -6.22
CA ASP A 40 -12.95 -8.57 -7.06
C ASP A 40 -12.60 -8.29 -8.52
N GLY A 41 -12.50 -9.36 -9.31
CA GLY A 41 -12.19 -9.20 -10.72
C GLY A 41 -10.69 -9.20 -10.97
N ASP A 42 -10.06 -8.04 -10.81
CA ASP A 42 -8.63 -7.90 -11.03
C ASP A 42 -8.05 -6.82 -10.13
N THR A 43 -8.76 -6.51 -9.05
CA THR A 43 -8.31 -5.49 -8.11
C THR A 43 -8.27 -6.04 -6.69
N VAL A 44 -7.15 -5.79 -6.00
CA VAL A 44 -6.98 -6.26 -4.63
C VAL A 44 -6.97 -5.09 -3.65
N THR A 45 -7.77 -5.20 -2.59
CA THR A 45 -7.85 -4.15 -1.58
C THR A 45 -7.69 -4.73 -0.18
N VAL A 46 -6.74 -4.18 0.57
CA VAL A 46 -6.50 -4.64 1.93
C VAL A 46 -7.33 -3.85 2.95
N GLU A 47 -7.88 -4.55 3.92
CA GLU A 47 -8.70 -3.93 4.95
C GLU A 47 -8.17 -4.24 6.34
N GLY A 48 -7.81 -3.20 7.09
CA GLY A 48 -7.30 -3.38 8.43
C GLY A 48 -8.02 -2.53 9.46
N GLN A 49 -7.85 -2.88 10.73
CA GLN A 49 -8.51 -2.14 11.81
C GLN A 49 -7.50 -1.80 12.91
N LEU A 50 -7.85 -0.82 13.73
CA LEU A 50 -6.98 -0.39 14.82
C LEU A 50 -7.72 -0.45 16.15
N GLU A 51 -7.01 -0.90 17.19
CA GLU A 51 -7.61 -1.01 18.53
C GLU A 51 -7.10 0.11 19.43
N GLY A 52 -6.96 1.31 18.87
CA GLY A 52 -6.48 2.44 19.64
C GLY A 52 -4.96 2.45 19.77
N GLY A 53 -4.40 3.66 19.79
CA GLY A 53 -2.95 3.79 19.90
C GLY A 53 -2.40 3.05 21.11
N SER A 54 -2.37 3.73 22.25
CA SER A 54 -1.86 3.14 23.48
C SER A 54 -0.37 2.81 23.34
N LEU A 55 0.29 2.63 24.47
CA LEU A 55 1.71 2.31 24.49
C LEU A 55 1.98 1.07 25.35
N GLU A 56 0.98 0.21 25.47
CA GLU A 56 1.12 -0.99 26.27
C GLU A 56 2.10 -1.97 25.62
N HIS A 57 2.15 -3.19 26.14
CA HIS A 57 3.04 -4.21 25.62
C HIS A 57 2.85 -5.54 26.34
N HIS A 58 3.42 -6.60 25.78
CA HIS A 58 3.30 -7.93 26.37
C HIS A 58 4.65 -8.65 26.37
N GLU B 2 4.16 -1.28 -17.00
CA GLU B 2 4.67 -1.62 -15.68
C GLU B 2 4.42 -0.50 -14.69
N ARG B 3 3.24 0.12 -14.79
CA ARG B 3 2.88 1.22 -13.90
C ARG B 3 2.11 0.70 -12.69
N VAL B 4 2.52 1.15 -11.50
CA VAL B 4 1.87 0.72 -10.26
C VAL B 4 1.22 1.92 -9.55
N ARG B 5 -0.05 1.77 -9.21
CA ARG B 5 -0.79 2.84 -8.53
C ARG B 5 -1.51 2.29 -7.30
N ILE B 6 -1.26 2.92 -6.15
CA ILE B 6 -1.89 2.49 -4.90
C ILE B 6 -2.63 3.65 -4.24
N SER B 7 -3.91 3.45 -3.95
CA SER B 7 -4.72 4.47 -3.33
C SER B 7 -5.12 4.06 -1.90
N ILE B 8 -4.82 4.93 -0.94
CA ILE B 8 -5.13 4.66 0.46
C ILE B 8 -6.23 5.59 0.96
N THR B 9 -7.20 5.02 1.68
CA THR B 9 -8.32 5.79 2.21
C THR B 9 -8.23 5.89 3.73
N ALA B 10 -7.65 6.98 4.22
CA ALA B 10 -7.50 7.20 5.66
C ALA B 10 -8.50 8.23 6.15
N ARG B 11 -8.62 8.35 7.48
CA ARG B 11 -9.54 9.31 8.08
C ARG B 11 -9.09 10.73 7.81
N THR B 12 -7.86 11.05 8.23
CA THR B 12 -7.31 12.38 8.03
C THR B 12 -6.04 12.34 7.18
N LYS B 13 -5.60 13.51 6.74
CA LYS B 13 -4.40 13.60 5.91
C LYS B 13 -3.19 13.05 6.65
N LYS B 14 -3.10 13.36 7.94
CA LYS B 14 -1.99 12.90 8.76
C LYS B 14 -1.91 11.38 8.75
N GLU B 15 -3.06 10.72 8.76
CA GLU B 15 -3.12 9.26 8.75
C GLU B 15 -2.59 8.70 7.43
N ALA B 16 -3.12 9.22 6.32
CA ALA B 16 -2.70 8.77 5.00
C ALA B 16 -1.23 9.07 4.76
N GLU B 17 -0.78 10.23 5.25
CA GLU B 17 0.60 10.64 5.07
C GLU B 17 1.56 9.60 5.68
N LYS B 18 1.17 9.07 6.83
CA LYS B 18 1.98 8.06 7.51
C LYS B 18 2.17 6.82 6.65
N PHE B 19 1.14 6.50 5.86
CA PHE B 19 1.19 5.33 4.98
C PHE B 19 2.03 5.63 3.74
N ALA B 20 1.86 6.83 3.18
CA ALA B 20 2.60 7.22 2.00
C ALA B 20 4.11 7.11 2.23
N ALA B 21 4.56 7.57 3.39
CA ALA B 21 5.98 7.53 3.72
C ALA B 21 6.54 6.12 3.52
N ILE B 22 5.82 5.12 4.04
CA ILE B 22 6.25 3.74 3.91
C ILE B 22 6.22 3.28 2.47
N LEU B 23 5.09 3.53 1.80
CA LEU B 23 4.94 3.15 0.40
C LEU B 23 6.09 3.67 -0.45
N ILE B 24 6.53 4.88 -0.15
CA ILE B 24 7.64 5.50 -0.88
C ILE B 24 8.89 4.63 -0.81
N LYS B 25 9.21 4.17 0.39
CA LYS B 25 10.39 3.33 0.59
C LYS B 25 10.24 2.00 -0.14
N VAL B 26 9.09 1.36 0.03
CA VAL B 26 8.82 0.08 -0.63
C VAL B 26 8.97 0.20 -2.15
N PHE B 27 8.50 1.31 -2.70
CA PHE B 27 8.59 1.54 -4.14
C PHE B 27 10.02 1.83 -4.56
N ALA B 28 10.71 2.64 -3.76
CA ALA B 28 12.09 3.00 -4.05
C ALA B 28 13.00 1.77 -4.03
N GLU B 29 12.82 0.94 -3.01
CA GLU B 29 13.63 -0.28 -2.87
C GLU B 29 13.27 -1.29 -3.95
N LEU B 30 12.11 -1.10 -4.57
CA LEU B 30 11.65 -2.00 -5.63
C LEU B 30 12.08 -1.50 -7.00
N GLY B 31 12.76 -0.36 -7.01
CA GLY B 31 13.24 0.21 -8.27
C GLY B 31 12.20 1.12 -8.90
N TYR B 32 11.16 1.45 -8.16
CA TYR B 32 10.10 2.32 -8.66
C TYR B 32 10.35 3.77 -8.27
N ASN B 33 11.62 4.16 -8.23
CA ASN B 33 12.00 5.52 -7.88
C ASN B 33 11.20 6.54 -8.70
N ASP B 34 11.16 7.77 -8.22
CA ASP B 34 10.45 8.84 -8.91
C ASP B 34 8.94 8.62 -8.81
N ILE B 35 8.43 8.56 -7.58
CA ILE B 35 7.01 8.36 -7.35
C ILE B 35 6.27 9.69 -7.32
N ASN B 36 5.01 9.67 -7.75
CA ASN B 36 4.18 10.88 -7.77
C ASN B 36 2.88 10.66 -7.01
N VAL B 37 2.62 11.50 -6.03
CA VAL B 37 1.41 11.40 -5.23
C VAL B 37 0.37 12.43 -5.68
N THR B 38 -0.88 11.98 -5.81
CA THR B 38 -1.97 12.84 -6.23
C THR B 38 -3.19 12.70 -5.32
N TRP B 39 -3.51 13.76 -4.60
CA TRP B 39 -4.65 13.74 -3.69
C TRP B 39 -5.80 14.58 -4.24
N ASP B 40 -7.02 14.13 -4.02
CA ASP B 40 -8.20 14.83 -4.50
C ASP B 40 -9.33 14.75 -3.49
N GLY B 41 -9.51 15.81 -2.70
CA GLY B 41 -10.56 15.83 -1.70
C GLY B 41 -10.08 15.31 -0.36
N ASP B 42 -10.09 13.99 -0.20
CA ASP B 42 -9.66 13.37 1.05
C ASP B 42 -9.04 12.00 0.78
N THR B 43 -8.64 11.77 -0.46
CA THR B 43 -8.04 10.49 -0.85
C THR B 43 -6.69 10.70 -1.53
N VAL B 44 -5.69 9.96 -1.10
CA VAL B 44 -4.35 10.07 -1.67
C VAL B 44 -3.98 8.81 -2.43
N THR B 45 -3.46 8.98 -3.65
CA THR B 45 -3.06 7.86 -4.49
C THR B 45 -1.63 8.02 -4.98
N VAL B 46 -0.80 7.01 -4.73
CA VAL B 46 0.59 7.05 -5.16
C VAL B 46 0.76 6.42 -6.54
N GLU B 47 1.58 7.05 -7.36
CA GLU B 47 1.84 6.56 -8.71
C GLU B 47 3.32 6.36 -8.96
N GLY B 48 3.72 5.13 -9.25
CA GLY B 48 5.12 4.83 -9.51
C GLY B 48 5.33 4.07 -10.81
N GLN B 49 6.54 4.16 -11.34
CA GLN B 49 6.86 3.48 -12.60
C GLN B 49 8.21 2.77 -12.49
N LEU B 50 8.29 1.57 -13.09
CA LEU B 50 9.53 0.80 -13.06
C LEU B 50 10.21 0.82 -14.42
N GLU B 51 11.53 0.94 -14.41
CA GLU B 51 12.31 0.98 -15.64
C GLU B 51 13.00 -0.36 -15.89
N GLY B 52 12.32 -1.45 -15.55
CA GLY B 52 12.88 -2.77 -15.75
C GLY B 52 12.07 -3.85 -15.04
N GLY B 53 10.94 -4.22 -15.64
CA GLY B 53 10.09 -5.25 -15.05
C GLY B 53 8.82 -5.47 -15.84
N SER B 54 8.72 -6.60 -16.52
CA SER B 54 7.54 -6.92 -17.31
C SER B 54 7.25 -8.42 -17.26
N LEU B 55 6.00 -8.78 -17.55
CA LEU B 55 5.58 -10.18 -17.53
C LEU B 55 5.32 -10.68 -18.94
N GLU B 56 6.37 -10.74 -19.75
CA GLU B 56 6.26 -11.21 -21.12
C GLU B 56 5.62 -12.60 -21.18
N HIS B 57 4.87 -12.85 -22.24
CA HIS B 57 4.20 -14.15 -22.42
C HIS B 57 3.43 -14.19 -23.73
N HIS B 58 3.61 -15.27 -24.48
CA HIS B 58 2.93 -15.43 -25.76
C HIS B 58 3.18 -14.23 -26.67
N GLU A 2 -10.86 4.08 13.45
CA GLU A 2 -9.46 3.75 13.19
C GLU A 2 -9.35 2.68 12.11
N ARG A 3 -10.21 2.79 11.09
CA ARG A 3 -10.19 1.83 9.99
C ARG A 3 -9.31 2.32 8.85
N VAL A 4 -8.53 1.41 8.28
CA VAL A 4 -7.63 1.75 7.18
C VAL A 4 -7.75 0.74 6.05
N ARG A 5 -8.00 1.24 4.84
CA ARG A 5 -8.14 0.38 3.67
C ARG A 5 -7.27 0.88 2.52
N ILE A 6 -6.48 -0.02 1.94
CA ILE A 6 -5.61 0.34 0.84
C ILE A 6 -5.86 -0.56 -0.38
N SER A 7 -6.13 0.06 -1.52
CA SER A 7 -6.40 -0.68 -2.74
C SER A 7 -5.28 -0.46 -3.76
N ILE A 8 -4.71 -1.56 -4.24
CA ILE A 8 -3.63 -1.49 -5.22
C ILE A 8 -4.09 -2.01 -6.59
N THR A 9 -3.74 -1.27 -7.63
CA THR A 9 -4.11 -1.66 -9.00
C THR A 9 -2.88 -2.04 -9.81
N ALA A 10 -2.59 -3.33 -9.86
CA ALA A 10 -1.45 -3.83 -10.61
C ALA A 10 -1.88 -4.49 -11.92
N ARG A 11 -0.92 -4.77 -12.79
CA ARG A 11 -1.22 -5.40 -14.07
C ARG A 11 -1.69 -6.83 -13.88
N THR A 12 -0.86 -7.64 -13.21
CA THR A 12 -1.18 -9.03 -12.96
C THR A 12 -1.39 -9.29 -11.48
N LYS A 13 -2.10 -10.38 -11.17
CA LYS A 13 -2.37 -10.74 -9.78
C LYS A 13 -1.07 -10.94 -9.01
N LYS A 14 -0.10 -11.58 -9.64
CA LYS A 14 1.19 -11.83 -9.02
C LYS A 14 1.85 -10.53 -8.58
N GLU A 15 1.64 -9.46 -9.35
CA GLU A 15 2.21 -8.17 -9.05
C GLU A 15 1.59 -7.59 -7.78
N ALA A 16 0.26 -7.54 -7.74
CA ALA A 16 -0.46 -7.02 -6.58
C ALA A 16 -0.15 -7.83 -5.33
N GLU A 17 -0.09 -9.15 -5.48
CA GLU A 17 0.19 -10.04 -4.35
C GLU A 17 1.54 -9.69 -3.72
N LYS A 18 2.51 -9.37 -4.56
CA LYS A 18 3.85 -9.02 -4.09
C LYS A 18 3.80 -7.79 -3.17
N PHE A 19 2.86 -6.90 -3.45
CA PHE A 19 2.70 -5.68 -2.67
C PHE A 19 1.94 -5.96 -1.38
N ALA A 20 0.92 -6.82 -1.49
CA ALA A 20 0.10 -7.17 -0.33
C ALA A 20 0.95 -7.72 0.81
N ALA A 21 1.93 -8.54 0.46
CA ALA A 21 2.82 -9.13 1.46
C ALA A 21 3.47 -8.04 2.31
N ILE A 22 3.94 -6.98 1.67
CA ILE A 22 4.59 -5.88 2.37
C ILE A 22 3.58 -5.11 3.22
N LEU A 23 2.45 -4.76 2.62
CA LEU A 23 1.40 -4.02 3.32
C LEU A 23 1.02 -4.72 4.62
N ILE A 24 0.95 -6.05 4.57
CA ILE A 24 0.60 -6.84 5.73
C ILE A 24 1.58 -6.62 6.87
N LYS A 25 2.88 -6.60 6.53
CA LYS A 25 3.92 -6.40 7.51
C LYS A 25 3.84 -5.00 8.12
N VAL A 26 3.58 -4.01 7.28
CA VAL A 26 3.46 -2.62 7.74
C VAL A 26 2.26 -2.46 8.67
N PHE A 27 1.16 -3.10 8.32
CA PHE A 27 -0.05 -3.02 9.13
C PHE A 27 0.14 -3.71 10.48
N ALA A 28 0.77 -4.88 10.45
CA ALA A 28 1.03 -5.65 11.66
C ALA A 28 1.93 -4.89 12.62
N GLU A 29 3.00 -4.31 12.09
CA GLU A 29 3.95 -3.55 12.89
C GLU A 29 3.31 -2.25 13.39
N LEU A 30 2.24 -1.84 12.73
CA LEU A 30 1.54 -0.61 13.10
C LEU A 30 0.43 -0.89 14.12
N GLY A 31 0.27 -2.17 14.46
CA GLY A 31 -0.74 -2.55 15.43
C GLY A 31 -2.09 -2.82 14.77
N TYR A 32 -2.09 -2.90 13.45
CA TYR A 32 -3.32 -3.15 12.70
C TYR A 32 -3.49 -4.64 12.40
N ASN A 33 -3.06 -5.48 13.34
CA ASN A 33 -3.16 -6.92 13.18
C ASN A 33 -4.57 -7.32 12.78
N ASP A 34 -4.70 -8.54 12.23
CA ASP A 34 -6.00 -9.04 11.80
C ASP A 34 -6.47 -8.32 10.55
N ILE A 35 -5.68 -8.39 9.49
CA ILE A 35 -6.01 -7.74 8.23
C ILE A 35 -6.81 -8.68 7.33
N ASN A 36 -7.69 -8.10 6.52
CA ASN A 36 -8.52 -8.88 5.61
C ASN A 36 -8.43 -8.33 4.18
N VAL A 37 -8.07 -9.20 3.24
CA VAL A 37 -7.95 -8.80 1.84
C VAL A 37 -9.18 -9.22 1.04
N THR A 38 -9.67 -8.31 0.20
CA THR A 38 -10.84 -8.58 -0.62
C THR A 38 -10.60 -8.20 -2.08
N TRP A 39 -10.58 -9.20 -2.95
CA TRP A 39 -10.35 -8.97 -4.37
C TRP A 39 -11.65 -9.13 -5.16
N ASP A 40 -11.82 -8.31 -6.19
CA ASP A 40 -13.01 -8.38 -7.03
C ASP A 40 -12.66 -8.13 -8.49
N GLY A 41 -12.56 -9.20 -9.26
CA GLY A 41 -12.22 -9.07 -10.67
C GLY A 41 -10.73 -9.09 -10.92
N ASP A 42 -10.10 -7.93 -10.79
CA ASP A 42 -8.66 -7.82 -11.00
C ASP A 42 -8.06 -6.76 -10.09
N THR A 43 -8.78 -6.42 -9.03
CA THR A 43 -8.31 -5.42 -8.08
C THR A 43 -8.31 -5.96 -6.66
N VAL A 44 -7.20 -5.75 -5.95
CA VAL A 44 -7.07 -6.22 -4.58
C VAL A 44 -7.04 -5.05 -3.60
N THR A 45 -7.83 -5.16 -2.53
CA THR A 45 -7.90 -4.11 -1.52
C THR A 45 -7.74 -4.69 -0.12
N VAL A 46 -6.77 -4.17 0.62
CA VAL A 46 -6.52 -4.63 1.98
C VAL A 46 -7.33 -3.83 2.99
N GLU A 47 -7.88 -4.53 3.98
CA GLU A 47 -8.68 -3.87 5.02
C GLU A 47 -8.14 -4.21 6.41
N GLY A 48 -7.75 -3.17 7.14
CA GLY A 48 -7.22 -3.37 8.48
C GLY A 48 -7.87 -2.46 9.50
N GLN A 49 -7.72 -2.80 10.77
CA GLN A 49 -8.30 -2.00 11.85
C GLN A 49 -7.34 -1.91 13.03
N LEU A 50 -7.28 -0.74 13.65
CA LEU A 50 -6.40 -0.52 14.79
C LEU A 50 -7.12 -0.82 16.10
N GLU A 51 -6.37 -1.28 17.09
CA GLU A 51 -6.94 -1.61 18.40
C GLU A 51 -6.27 -0.81 19.50
N GLY A 52 -4.95 -0.66 19.39
CA GLY A 52 -4.20 0.08 20.39
C GLY A 52 -2.72 -0.26 20.38
N GLY A 53 -2.37 -1.35 21.06
CA GLY A 53 -0.98 -1.76 21.12
C GLY A 53 -0.81 -3.14 21.74
N SER A 54 -0.06 -4.00 21.06
CA SER A 54 0.17 -5.36 21.53
C SER A 54 1.45 -5.94 20.94
N LEU A 55 2.11 -6.80 21.70
CA LEU A 55 3.34 -7.43 21.25
C LEU A 55 3.06 -8.76 20.55
N GLU A 56 2.42 -9.67 21.27
CA GLU A 56 2.09 -10.98 20.73
C GLU A 56 0.61 -11.30 20.95
N HIS A 57 0.03 -12.04 20.01
CA HIS A 57 -1.38 -12.42 20.09
C HIS A 57 -1.78 -13.28 18.90
N HIS A 58 -2.08 -14.54 19.17
CA HIS A 58 -2.48 -15.48 18.11
C HIS A 58 -3.45 -16.53 18.66
N GLU B 2 3.98 -1.18 -17.19
CA GLU B 2 4.60 -1.57 -15.93
C GLU B 2 4.43 -0.49 -14.87
N ARG B 3 3.28 0.18 -14.89
CA ARG B 3 2.99 1.24 -13.95
C ARG B 3 2.26 0.70 -12.72
N VAL B 4 2.62 1.20 -11.55
CA VAL B 4 2.00 0.75 -10.30
C VAL B 4 1.40 1.94 -9.54
N ARG B 5 0.11 1.85 -9.23
CA ARG B 5 -0.58 2.91 -8.50
C ARG B 5 -1.36 2.34 -7.32
N ILE B 6 -1.17 2.94 -6.15
CA ILE B 6 -1.85 2.50 -4.95
C ILE B 6 -2.62 3.65 -4.29
N SER B 7 -3.91 3.44 -4.06
CA SER B 7 -4.75 4.46 -3.45
C SER B 7 -5.15 4.04 -2.03
N ILE B 8 -4.85 4.92 -1.07
CA ILE B 8 -5.18 4.64 0.33
C ILE B 8 -6.29 5.57 0.82
N THR B 9 -7.26 5.00 1.53
CA THR B 9 -8.38 5.77 2.07
C THR B 9 -8.28 5.90 3.58
N ALA B 10 -7.70 7.00 4.04
CA ALA B 10 -7.56 7.24 5.47
C ALA B 10 -8.55 8.28 5.96
N ARG B 11 -8.66 8.43 7.27
CA ARG B 11 -9.59 9.39 7.86
C ARG B 11 -9.07 10.81 7.68
N THR B 12 -7.96 11.12 8.33
CA THR B 12 -7.36 12.44 8.24
C THR B 12 -6.22 12.47 7.23
N LYS B 13 -5.61 13.64 7.07
CA LYS B 13 -4.49 13.81 6.14
C LYS B 13 -3.23 13.16 6.70
N LYS B 14 -3.03 13.28 8.01
CA LYS B 14 -1.87 12.71 8.67
C LYS B 14 -1.83 11.20 8.49
N GLU B 15 -3.00 10.58 8.44
CA GLU B 15 -3.09 9.14 8.28
C GLU B 15 -2.55 8.71 6.92
N ALA B 16 -3.05 9.33 5.86
CA ALA B 16 -2.62 9.03 4.51
C ALA B 16 -1.13 9.31 4.33
N GLU B 17 -0.67 10.42 4.89
CA GLU B 17 0.73 10.81 4.79
C GLU B 17 1.63 9.79 5.49
N LYS B 18 1.17 9.30 6.64
CA LYS B 18 1.93 8.32 7.41
C LYS B 18 2.17 7.06 6.59
N PHE B 19 1.13 6.57 5.93
CA PHE B 19 1.23 5.38 5.11
C PHE B 19 2.06 5.64 3.86
N ALA B 20 1.89 6.83 3.29
CA ALA B 20 2.63 7.20 2.09
C ALA B 20 4.13 7.08 2.30
N ALA B 21 4.59 7.55 3.45
CA ALA B 21 6.02 7.49 3.78
C ALA B 21 6.56 6.08 3.59
N ILE B 22 5.83 5.10 4.09
CA ILE B 22 6.25 3.70 3.98
C ILE B 22 6.19 3.23 2.54
N LEU B 23 5.06 3.49 1.88
CA LEU B 23 4.89 3.08 0.48
C LEU B 23 6.04 3.58 -0.38
N ILE B 24 6.48 4.81 -0.10
CA ILE B 24 7.59 5.40 -0.85
C ILE B 24 8.85 4.57 -0.73
N LYS B 25 9.14 4.11 0.49
CA LYS B 25 10.31 3.29 0.74
C LYS B 25 10.22 1.95 0.04
N VAL B 26 9.04 1.35 0.08
CA VAL B 26 8.81 0.06 -0.57
C VAL B 26 8.95 0.17 -2.08
N PHE B 27 8.44 1.26 -2.64
CA PHE B 27 8.51 1.48 -4.07
C PHE B 27 9.94 1.77 -4.51
N ALA B 28 10.64 2.59 -3.73
CA ALA B 28 12.02 2.94 -4.03
C ALA B 28 12.92 1.70 -4.03
N GLU B 29 12.76 0.87 -3.02
CA GLU B 29 13.56 -0.34 -2.90
C GLU B 29 13.17 -1.35 -3.98
N LEU B 30 11.99 -1.17 -4.56
CA LEU B 30 11.51 -2.06 -5.61
C LEU B 30 11.92 -1.55 -6.99
N GLY B 31 12.68 -0.46 -7.01
CA GLY B 31 13.12 0.11 -8.27
C GLY B 31 12.12 1.09 -8.84
N TYR B 32 11.07 1.37 -8.09
CA TYR B 32 10.04 2.31 -8.52
C TYR B 32 10.31 3.71 -7.98
N ASN B 33 11.58 4.03 -7.80
CA ASN B 33 11.98 5.34 -7.29
C ASN B 33 11.30 6.46 -8.08
N ASP B 34 11.27 7.65 -7.49
CA ASP B 34 10.65 8.80 -8.13
C ASP B 34 9.14 8.65 -8.20
N ILE B 35 8.52 8.46 -7.03
CA ILE B 35 7.07 8.29 -6.95
C ILE B 35 6.37 9.65 -6.83
N ASN B 36 5.16 9.73 -7.37
CA ASN B 36 4.38 10.96 -7.33
C ASN B 36 3.03 10.73 -6.68
N VAL B 37 2.72 11.53 -5.66
CA VAL B 37 1.46 11.41 -4.95
C VAL B 37 0.42 12.39 -5.50
N THR B 38 -0.80 11.89 -5.71
CA THR B 38 -1.87 12.72 -6.23
C THR B 38 -3.12 12.60 -5.37
N TRP B 39 -3.50 13.70 -4.72
CA TRP B 39 -4.68 13.72 -3.87
C TRP B 39 -5.88 14.26 -4.62
N ASP B 40 -6.97 13.50 -4.61
CA ASP B 40 -8.20 13.90 -5.30
C ASP B 40 -9.38 13.87 -4.34
N GLY B 41 -9.76 15.04 -3.84
CA GLY B 41 -10.87 15.13 -2.91
C GLY B 41 -10.46 14.91 -1.47
N ASP B 42 -10.49 13.66 -1.04
CA ASP B 42 -10.13 13.31 0.33
C ASP B 42 -9.34 12.00 0.36
N THR B 43 -8.92 11.54 -0.80
CA THR B 43 -8.17 10.29 -0.91
C THR B 43 -6.85 10.50 -1.67
N VAL B 44 -5.77 9.99 -1.10
CA VAL B 44 -4.45 10.12 -1.71
C VAL B 44 -4.07 8.85 -2.46
N THR B 45 -3.52 9.01 -3.65
CA THR B 45 -3.11 7.88 -4.47
C THR B 45 -1.67 8.05 -4.95
N VAL B 46 -0.83 7.05 -4.67
CA VAL B 46 0.56 7.08 -5.07
C VAL B 46 0.75 6.50 -6.46
N GLU B 47 1.56 7.15 -7.27
CA GLU B 47 1.82 6.69 -8.64
C GLU B 47 3.33 6.58 -8.89
N GLY B 48 3.76 5.41 -9.35
CA GLY B 48 5.17 5.19 -9.63
C GLY B 48 5.40 4.63 -11.02
N GLN B 49 6.66 4.57 -11.42
CA GLN B 49 7.02 4.05 -12.73
C GLN B 49 8.24 3.15 -12.65
N LEU B 50 8.24 2.06 -13.41
CA LEU B 50 9.35 1.12 -13.43
C LEU B 50 10.14 1.23 -14.73
N GLU B 51 11.47 1.17 -14.61
CA GLU B 51 12.34 1.26 -15.78
C GLU B 51 12.90 -0.11 -16.15
N GLY B 52 12.07 -1.14 -15.97
CA GLY B 52 12.49 -2.49 -16.29
C GLY B 52 12.82 -3.31 -15.06
N GLY B 53 11.92 -4.22 -14.71
CA GLY B 53 12.13 -5.05 -13.53
C GLY B 53 11.27 -6.30 -13.54
N SER B 54 11.72 -7.33 -12.82
CA SER B 54 10.98 -8.58 -12.75
C SER B 54 11.37 -9.38 -11.51
N LEU B 55 10.37 -10.02 -10.90
CA LEU B 55 10.62 -10.82 -9.69
C LEU B 55 10.65 -12.31 -10.02
N GLU B 56 9.56 -12.81 -10.61
CA GLU B 56 9.46 -14.21 -10.97
C GLU B 56 8.24 -14.47 -11.84
N HIS B 57 7.93 -15.74 -12.07
CA HIS B 57 6.78 -16.12 -12.89
C HIS B 57 6.59 -17.63 -12.89
N HIS B 58 5.33 -18.06 -12.92
CA HIS B 58 5.00 -19.47 -12.91
C HIS B 58 4.60 -19.95 -14.31
N GLU A 2 -11.39 4.19 13.61
CA GLU A 2 -10.20 4.38 12.77
C GLU A 2 -9.95 3.17 11.89
N ARG A 3 -10.44 3.22 10.67
CA ARG A 3 -10.27 2.12 9.72
C ARG A 3 -9.31 2.52 8.60
N VAL A 4 -8.55 1.54 8.11
CA VAL A 4 -7.59 1.79 7.03
C VAL A 4 -7.75 0.76 5.91
N ARG A 5 -8.01 1.24 4.71
CA ARG A 5 -8.19 0.36 3.55
C ARG A 5 -7.33 0.83 2.38
N ILE A 6 -6.49 -0.06 1.87
CA ILE A 6 -5.61 0.26 0.75
C ILE A 6 -5.87 -0.68 -0.43
N SER A 7 -6.15 -0.10 -1.59
CA SER A 7 -6.41 -0.88 -2.79
C SER A 7 -5.33 -0.66 -3.84
N ILE A 8 -4.78 -1.75 -4.35
CA ILE A 8 -3.73 -1.67 -5.36
C ILE A 8 -4.21 -2.21 -6.70
N THR A 9 -3.90 -1.48 -7.78
CA THR A 9 -4.30 -1.89 -9.12
C THR A 9 -3.09 -2.20 -9.99
N ALA A 10 -2.71 -3.47 -10.04
CA ALA A 10 -1.57 -3.90 -10.85
C ALA A 10 -2.03 -4.57 -12.13
N ARG A 11 -1.08 -4.79 -13.04
CA ARG A 11 -1.37 -5.42 -14.32
C ARG A 11 -1.56 -6.93 -14.15
N THR A 12 -0.82 -7.50 -13.21
CA THR A 12 -0.91 -8.94 -12.94
C THR A 12 -1.06 -9.21 -11.44
N LYS A 13 -1.59 -10.39 -11.12
CA LYS A 13 -1.78 -10.78 -9.73
C LYS A 13 -0.45 -10.93 -9.01
N LYS A 14 0.58 -11.34 -9.75
CA LYS A 14 1.91 -11.52 -9.19
C LYS A 14 2.42 -10.22 -8.58
N GLU A 15 2.21 -9.12 -9.29
CA GLU A 15 2.65 -7.81 -8.81
C GLU A 15 1.87 -7.40 -7.56
N ALA A 16 0.56 -7.64 -7.59
CA ALA A 16 -0.30 -7.28 -6.47
C ALA A 16 0.07 -8.07 -5.22
N GLU A 17 0.33 -9.37 -5.39
CA GLU A 17 0.69 -10.23 -4.29
C GLU A 17 1.95 -9.73 -3.59
N LYS A 18 2.91 -9.25 -4.38
CA LYS A 18 4.16 -8.73 -3.84
C LYS A 18 3.91 -7.48 -2.98
N PHE A 19 2.91 -6.69 -3.37
CA PHE A 19 2.57 -5.49 -2.63
C PHE A 19 1.85 -5.83 -1.33
N ALA A 20 0.88 -6.73 -1.42
CA ALA A 20 0.11 -7.14 -0.26
C ALA A 20 1.02 -7.65 0.85
N ALA A 21 1.99 -8.48 0.48
CA ALA A 21 2.94 -9.04 1.44
C ALA A 21 3.57 -7.94 2.30
N ILE A 22 4.01 -6.87 1.63
CA ILE A 22 4.63 -5.75 2.34
C ILE A 22 3.61 -5.01 3.20
N LEU A 23 2.47 -4.68 2.62
CA LEU A 23 1.41 -3.98 3.34
C LEU A 23 1.04 -4.71 4.62
N ILE A 24 1.01 -6.05 4.55
CA ILE A 24 0.67 -6.87 5.70
C ILE A 24 1.67 -6.65 6.83
N LYS A 25 2.95 -6.60 6.48
CA LYS A 25 4.01 -6.40 7.47
C LYS A 25 3.90 -5.01 8.10
N VAL A 26 3.63 -4.01 7.28
CA VAL A 26 3.51 -2.64 7.75
C VAL A 26 2.31 -2.50 8.69
N PHE A 27 1.21 -3.15 8.35
CA PHE A 27 0.00 -3.10 9.16
C PHE A 27 0.20 -3.84 10.48
N ALA A 28 0.85 -5.00 10.42
CA ALA A 28 1.10 -5.81 11.61
C ALA A 28 2.00 -5.07 12.58
N GLU A 29 3.07 -4.47 12.07
CA GLU A 29 4.01 -3.73 12.89
C GLU A 29 3.37 -2.45 13.44
N LEU A 30 2.29 -2.02 12.80
CA LEU A 30 1.59 -0.82 13.22
C LEU A 30 0.49 -1.14 14.23
N GLY A 31 0.33 -2.44 14.52
CA GLY A 31 -0.69 -2.87 15.46
C GLY A 31 -2.03 -3.10 14.80
N TYR A 32 -2.04 -3.15 13.47
CA TYR A 32 -3.28 -3.37 12.72
C TYR A 32 -3.47 -4.84 12.42
N ASN A 33 -3.05 -5.70 13.35
CA ASN A 33 -3.19 -7.14 13.17
C ASN A 33 -4.61 -7.51 12.77
N ASP A 34 -4.78 -8.71 12.23
CA ASP A 34 -6.08 -9.18 11.80
C ASP A 34 -6.57 -8.43 10.57
N ILE A 35 -5.77 -8.47 9.51
CA ILE A 35 -6.12 -7.79 8.27
C ILE A 35 -6.95 -8.69 7.36
N ASN A 36 -7.83 -8.07 6.57
CA ASN A 36 -8.68 -8.81 5.65
C ASN A 36 -8.50 -8.31 4.22
N VAL A 37 -8.13 -9.24 3.33
CA VAL A 37 -7.93 -8.89 1.93
C VAL A 37 -9.09 -9.37 1.06
N THR A 38 -9.54 -8.52 0.15
CA THR A 38 -10.64 -8.85 -0.75
C THR A 38 -10.31 -8.51 -2.19
N TRP A 39 -10.50 -9.48 -3.09
CA TRP A 39 -10.22 -9.29 -4.50
C TRP A 39 -11.52 -9.15 -5.30
N ASP A 40 -11.65 -8.03 -5.99
CA ASP A 40 -12.85 -7.77 -6.80
C ASP A 40 -12.49 -7.06 -8.10
N GLY A 41 -12.84 -7.68 -9.21
CA GLY A 41 -12.53 -7.10 -10.51
C GLY A 41 -11.05 -7.05 -10.79
N ASP A 42 -10.36 -8.16 -10.55
CA ASP A 42 -8.93 -8.23 -10.77
C ASP A 42 -8.19 -7.19 -9.94
N THR A 43 -8.83 -6.72 -8.88
CA THR A 43 -8.24 -5.71 -8.01
C THR A 43 -8.25 -6.18 -6.56
N VAL A 44 -7.08 -6.14 -5.92
CA VAL A 44 -6.95 -6.56 -4.53
C VAL A 44 -6.94 -5.35 -3.59
N THR A 45 -7.71 -5.43 -2.52
CA THR A 45 -7.79 -4.35 -1.54
C THR A 45 -7.65 -4.88 -0.12
N VAL A 46 -6.72 -4.29 0.63
CA VAL A 46 -6.50 -4.69 2.01
C VAL A 46 -7.32 -3.85 2.98
N GLU A 47 -7.90 -4.51 3.98
CA GLU A 47 -8.72 -3.82 4.97
C GLU A 47 -8.25 -4.16 6.39
N GLY A 48 -7.96 -3.12 7.17
CA GLY A 48 -7.51 -3.32 8.55
C GLY A 48 -8.30 -2.51 9.54
N GLN A 49 -8.14 -2.82 10.82
CA GLN A 49 -8.85 -2.12 11.88
C GLN A 49 -7.93 -1.86 13.07
N LEU A 50 -8.08 -0.68 13.67
CA LEU A 50 -7.26 -0.30 14.82
C LEU A 50 -8.13 0.20 15.97
N GLU A 51 -8.02 -0.46 17.11
CA GLU A 51 -8.80 -0.08 18.29
C GLU A 51 -7.89 0.39 19.42
N GLY A 52 -6.66 -0.13 19.44
CA GLY A 52 -5.71 0.25 20.47
C GLY A 52 -4.44 -0.56 20.41
N GLY A 53 -4.58 -1.88 20.54
CA GLY A 53 -3.43 -2.75 20.51
C GLY A 53 -3.72 -4.08 19.84
N SER A 54 -2.95 -5.11 20.19
CA SER A 54 -3.13 -6.43 19.62
C SER A 54 -2.62 -7.51 20.58
N LEU A 55 -3.40 -8.58 20.73
CA LEU A 55 -3.03 -9.68 21.61
C LEU A 55 -2.19 -10.71 20.87
N GLU A 56 -0.92 -10.39 20.64
CA GLU A 56 -0.02 -11.29 19.94
C GLU A 56 0.66 -12.25 20.91
N HIS A 57 0.65 -11.88 22.19
CA HIS A 57 1.27 -12.71 23.22
C HIS A 57 0.76 -14.15 23.14
N HIS A 58 1.69 -15.09 23.00
CA HIS A 58 1.35 -16.50 22.91
C HIS A 58 1.91 -17.28 24.10
N GLU B 2 5.18 -0.96 -17.34
CA GLU B 2 4.59 -1.48 -16.11
C GLU B 2 4.39 -0.38 -15.08
N ARG B 3 3.15 0.10 -14.98
CA ARG B 3 2.82 1.16 -14.03
C ARG B 3 2.11 0.59 -12.81
N VAL B 4 2.34 1.21 -11.66
CA VAL B 4 1.72 0.77 -10.41
C VAL B 4 1.11 1.94 -9.66
N ARG B 5 -0.16 1.81 -9.31
CA ARG B 5 -0.87 2.86 -8.58
C ARG B 5 -1.59 2.29 -7.36
N ILE B 6 -1.27 2.83 -6.18
CA ILE B 6 -1.88 2.37 -4.94
C ILE B 6 -2.65 3.50 -4.26
N SER B 7 -3.92 3.26 -3.97
CA SER B 7 -4.75 4.26 -3.32
C SER B 7 -5.07 3.86 -1.89
N ILE B 8 -4.75 4.73 -0.94
CA ILE B 8 -5.00 4.46 0.47
C ILE B 8 -6.09 5.37 1.02
N THR B 9 -7.02 4.78 1.77
CA THR B 9 -8.12 5.54 2.36
C THR B 9 -7.91 5.74 3.86
N ALA B 10 -7.54 6.96 4.23
CA ALA B 10 -7.31 7.29 5.64
C ALA B 10 -8.38 8.25 6.16
N ARG B 11 -8.41 8.44 7.48
CA ARG B 11 -9.37 9.33 8.10
C ARG B 11 -8.89 10.78 8.06
N THR B 12 -7.59 10.97 8.29
CA THR B 12 -7.01 12.31 8.28
C THR B 12 -5.75 12.34 7.42
N LYS B 13 -5.38 13.55 6.99
CA LYS B 13 -4.19 13.73 6.16
C LYS B 13 -2.96 13.16 6.84
N LYS B 14 -2.88 13.35 8.16
CA LYS B 14 -1.74 12.86 8.94
C LYS B 14 -1.66 11.33 8.87
N GLU B 15 -2.82 10.69 8.89
CA GLU B 15 -2.89 9.23 8.84
C GLU B 15 -2.41 8.71 7.49
N ALA B 16 -2.98 9.26 6.41
CA ALA B 16 -2.62 8.86 5.06
C ALA B 16 -1.15 9.14 4.79
N GLU B 17 -0.66 10.28 5.26
CA GLU B 17 0.73 10.66 5.06
C GLU B 17 1.67 9.62 5.64
N LYS B 18 1.30 9.08 6.80
CA LYS B 18 2.11 8.07 7.46
C LYS B 18 2.28 6.85 6.57
N PHE B 19 1.20 6.46 5.89
CA PHE B 19 1.23 5.30 5.01
C PHE B 19 2.04 5.59 3.76
N ALA B 20 1.85 6.78 3.19
CA ALA B 20 2.57 7.19 1.99
C ALA B 20 4.08 7.08 2.20
N ALA B 21 4.55 7.56 3.35
CA ALA B 21 5.97 7.52 3.66
C ALA B 21 6.53 6.10 3.51
N ILE B 22 5.77 5.12 3.98
CA ILE B 22 6.19 3.73 3.89
C ILE B 22 6.18 3.23 2.46
N LEU B 23 5.07 3.48 1.76
CA LEU B 23 4.93 3.06 0.38
C LEU B 23 6.08 3.59 -0.48
N ILE B 24 6.49 4.83 -0.20
CA ILE B 24 7.59 5.45 -0.93
C ILE B 24 8.89 4.67 -0.75
N LYS B 25 9.15 4.24 0.49
CA LYS B 25 10.36 3.47 0.79
C LYS B 25 10.33 2.12 0.10
N VAL B 26 9.17 1.47 0.11
CA VAL B 26 9.02 0.17 -0.52
C VAL B 26 9.21 0.26 -2.03
N PHE B 27 8.67 1.31 -2.63
CA PHE B 27 8.78 1.51 -4.07
C PHE B 27 10.22 1.82 -4.46
N ALA B 28 10.88 2.65 -3.66
CA ALA B 28 12.27 3.02 -3.92
C ALA B 28 13.18 1.81 -3.89
N GLU B 29 13.00 0.97 -2.87
CA GLU B 29 13.81 -0.24 -2.72
C GLU B 29 13.49 -1.25 -3.82
N LEU B 30 12.33 -1.08 -4.45
CA LEU B 30 11.91 -1.98 -5.51
C LEU B 30 12.35 -1.46 -6.88
N GLY B 31 12.99 -0.30 -6.88
CA GLY B 31 13.46 0.29 -8.12
C GLY B 31 12.40 1.15 -8.80
N TYR B 32 11.35 1.48 -8.06
CA TYR B 32 10.26 2.29 -8.60
C TYR B 32 10.49 3.77 -8.28
N ASN B 33 11.75 4.18 -8.28
CA ASN B 33 12.10 5.57 -8.00
C ASN B 33 11.25 6.52 -8.85
N ASP B 34 11.21 7.79 -8.43
CA ASP B 34 10.44 8.80 -9.15
C ASP B 34 8.95 8.57 -8.98
N ILE B 35 8.49 8.57 -7.73
CA ILE B 35 7.08 8.36 -7.44
C ILE B 35 6.34 9.69 -7.37
N ASN B 36 5.06 9.67 -7.73
CA ASN B 36 4.24 10.87 -7.70
C ASN B 36 2.90 10.61 -7.00
N VAL B 37 2.58 11.45 -6.03
CA VAL B 37 1.34 11.31 -5.28
C VAL B 37 0.28 12.28 -5.79
N THR B 38 -0.95 11.80 -5.93
CA THR B 38 -2.05 12.63 -6.41
C THR B 38 -3.27 12.48 -5.50
N TRP B 39 -3.63 13.56 -4.83
CA TRP B 39 -4.79 13.55 -3.94
C TRP B 39 -5.99 14.24 -4.59
N ASP B 40 -7.18 13.72 -4.33
CA ASP B 40 -8.40 14.28 -4.89
C ASP B 40 -9.54 14.23 -3.88
N GLY B 41 -9.80 15.35 -3.22
CA GLY B 41 -10.87 15.40 -2.23
C GLY B 41 -10.39 15.01 -0.85
N ASP B 42 -10.40 13.72 -0.57
CA ASP B 42 -9.97 13.21 0.74
C ASP B 42 -9.29 11.86 0.59
N THR B 43 -8.86 11.53 -0.62
CA THR B 43 -8.21 10.26 -0.89
C THR B 43 -6.86 10.47 -1.57
N VAL B 44 -5.83 9.83 -1.03
CA VAL B 44 -4.49 9.94 -1.58
C VAL B 44 -4.09 8.67 -2.34
N THR B 45 -3.56 8.85 -3.54
CA THR B 45 -3.15 7.72 -4.36
C THR B 45 -1.72 7.92 -4.88
N VAL B 46 -0.88 6.91 -4.65
CA VAL B 46 0.51 6.97 -5.08
C VAL B 46 0.67 6.37 -6.48
N GLU B 47 1.50 7.01 -7.30
CA GLU B 47 1.75 6.54 -8.66
C GLU B 47 3.24 6.38 -8.93
N GLY B 48 3.62 5.19 -9.38
CA GLY B 48 5.03 4.94 -9.67
C GLY B 48 5.24 4.37 -11.06
N GLN B 49 6.48 4.38 -11.51
CA GLN B 49 6.82 3.87 -12.84
C GLN B 49 8.08 3.01 -12.79
N LEU B 50 8.01 1.82 -13.38
CA LEU B 50 9.14 0.90 -13.40
C LEU B 50 9.63 0.68 -14.83
N GLU B 51 10.88 1.06 -15.09
CA GLU B 51 11.46 0.91 -16.42
C GLU B 51 12.54 -0.18 -16.40
N GLY B 52 13.16 -0.37 -15.24
CA GLY B 52 14.20 -1.37 -15.11
C GLY B 52 14.30 -1.95 -13.71
N GLY B 53 14.96 -3.08 -13.58
CA GLY B 53 15.10 -3.71 -12.28
C GLY B 53 13.94 -4.63 -11.96
N SER B 54 14.23 -5.92 -11.81
CA SER B 54 13.19 -6.91 -11.49
C SER B 54 13.77 -8.07 -10.71
N LEU B 55 12.89 -8.90 -10.16
CA LEU B 55 13.32 -10.07 -9.38
C LEU B 55 13.03 -11.35 -10.14
N GLU B 56 11.75 -11.63 -10.36
CA GLU B 56 11.34 -12.84 -11.06
C GLU B 56 10.30 -12.52 -12.13
N HIS B 57 10.33 -13.27 -13.23
CA HIS B 57 9.39 -13.07 -14.33
C HIS B 57 9.63 -14.08 -15.44
N HIS B 58 8.54 -14.59 -16.01
CA HIS B 58 8.63 -15.57 -17.09
C HIS B 58 9.50 -16.76 -16.67
N GLU A 2 -11.24 3.76 13.92
CA GLU A 2 -10.25 4.14 12.92
C GLU A 2 -9.92 2.97 12.00
N ARG A 3 -10.61 2.90 10.87
CA ARG A 3 -10.39 1.83 9.91
C ARG A 3 -9.49 2.30 8.77
N VAL A 4 -8.68 1.39 8.24
CA VAL A 4 -7.77 1.71 7.15
C VAL A 4 -7.87 0.69 6.03
N ARG A 5 -8.14 1.17 4.82
CA ARG A 5 -8.26 0.29 3.66
C ARG A 5 -7.42 0.80 2.49
N ILE A 6 -6.58 -0.07 1.96
CA ILE A 6 -5.70 0.29 0.84
C ILE A 6 -5.94 -0.63 -0.35
N SER A 7 -6.22 -0.04 -1.50
CA SER A 7 -6.46 -0.82 -2.72
C SER A 7 -5.35 -0.58 -3.74
N ILE A 8 -4.77 -1.67 -4.22
CA ILE A 8 -3.69 -1.58 -5.21
C ILE A 8 -4.14 -2.10 -6.56
N THR A 9 -3.81 -1.36 -7.61
CA THR A 9 -4.18 -1.74 -8.97
C THR A 9 -2.96 -2.15 -9.79
N ALA A 10 -2.74 -3.45 -9.92
CA ALA A 10 -1.61 -3.97 -10.67
C ALA A 10 -2.07 -4.65 -11.96
N ARG A 11 -1.11 -4.96 -12.83
CA ARG A 11 -1.43 -5.60 -14.10
C ARG A 11 -1.77 -7.07 -13.89
N THR A 12 -0.86 -7.81 -13.27
CA THR A 12 -1.07 -9.22 -13.01
C THR A 12 -1.37 -9.48 -11.53
N LYS A 13 -1.96 -10.63 -11.24
CA LYS A 13 -2.30 -11.00 -9.87
C LYS A 13 -1.04 -11.09 -9.01
N LYS A 14 0.03 -11.62 -9.59
CA LYS A 14 1.30 -11.77 -8.88
C LYS A 14 1.83 -10.41 -8.43
N GLU A 15 1.55 -9.38 -9.22
CA GLU A 15 2.00 -8.03 -8.90
C GLU A 15 1.29 -7.50 -7.65
N ALA A 16 0.01 -7.82 -7.52
CA ALA A 16 -0.79 -7.39 -6.38
C ALA A 16 -0.33 -8.08 -5.10
N GLU A 17 0.04 -9.34 -5.22
CA GLU A 17 0.51 -10.11 -4.08
C GLU A 17 1.87 -9.63 -3.60
N LYS A 18 2.72 -9.24 -4.55
CA LYS A 18 4.05 -8.75 -4.22
C LYS A 18 3.97 -7.51 -3.31
N PHE A 19 2.94 -6.70 -3.52
CA PHE A 19 2.76 -5.49 -2.74
C PHE A 19 1.98 -5.79 -1.45
N ALA A 20 0.98 -6.66 -1.57
CA ALA A 20 0.16 -7.04 -0.42
C ALA A 20 1.02 -7.58 0.71
N ALA A 21 2.00 -8.40 0.37
CA ALA A 21 2.89 -8.99 1.36
C ALA A 21 3.53 -7.90 2.22
N ILE A 22 3.99 -6.83 1.58
CA ILE A 22 4.62 -5.73 2.29
C ILE A 22 3.61 -4.98 3.15
N LEU A 23 2.48 -4.63 2.56
CA LEU A 23 1.43 -3.91 3.28
C LEU A 23 1.05 -4.64 4.56
N ILE A 24 0.99 -5.97 4.48
CA ILE A 24 0.64 -6.78 5.64
C ILE A 24 1.64 -6.58 6.78
N LYS A 25 2.92 -6.54 6.43
CA LYS A 25 3.97 -6.35 7.42
C LYS A 25 3.88 -4.97 8.06
N VAL A 26 3.62 -3.96 7.23
CA VAL A 26 3.50 -2.58 7.71
C VAL A 26 2.30 -2.43 8.64
N PHE A 27 1.19 -3.08 8.30
CA PHE A 27 -0.02 -3.01 9.09
C PHE A 27 0.16 -3.75 10.41
N ALA A 28 0.79 -4.92 10.36
CA ALA A 28 1.04 -5.72 11.54
C ALA A 28 1.94 -4.98 12.53
N GLU A 29 3.01 -4.40 12.02
CA GLU A 29 3.95 -3.66 12.85
C GLU A 29 3.33 -2.37 13.38
N LEU A 30 2.25 -1.94 12.73
CA LEU A 30 1.55 -0.72 13.13
C LEU A 30 0.45 -1.03 14.14
N GLY A 31 0.29 -2.31 14.45
CA GLY A 31 -0.74 -2.72 15.40
C GLY A 31 -2.08 -2.98 14.74
N TYR A 32 -2.08 -3.04 13.41
CA TYR A 32 -3.30 -3.28 12.66
C TYR A 32 -3.46 -4.75 12.34
N ASN A 33 -3.04 -5.61 13.27
CA ASN A 33 -3.14 -7.05 13.10
C ASN A 33 -4.55 -7.45 12.67
N ASP A 34 -4.68 -8.65 12.12
CA ASP A 34 -5.97 -9.15 11.67
C ASP A 34 -6.46 -8.40 10.43
N ILE A 35 -5.66 -8.47 9.37
CA ILE A 35 -6.00 -7.80 8.12
C ILE A 35 -6.79 -8.72 7.21
N ASN A 36 -7.67 -8.13 6.40
CA ASN A 36 -8.50 -8.90 5.47
C ASN A 36 -8.33 -8.38 4.04
N VAL A 37 -7.92 -9.27 3.14
CA VAL A 37 -7.72 -8.92 1.75
C VAL A 37 -8.90 -9.35 0.89
N THR A 38 -9.33 -8.48 -0.02
CA THR A 38 -10.45 -8.77 -0.89
C THR A 38 -10.16 -8.33 -2.32
N TRP A 39 -10.32 -9.25 -3.26
CA TRP A 39 -10.08 -8.95 -4.67
C TRP A 39 -11.39 -8.79 -5.43
N ASP A 40 -11.54 -7.65 -6.10
CA ASP A 40 -12.74 -7.37 -6.88
C ASP A 40 -12.41 -6.64 -8.17
N GLY A 41 -12.54 -7.35 -9.29
CA GLY A 41 -12.24 -6.75 -10.57
C GLY A 41 -10.76 -6.68 -10.85
N ASP A 42 -10.05 -7.78 -10.59
CA ASP A 42 -8.61 -7.83 -10.81
C ASP A 42 -7.88 -6.83 -9.93
N THR A 43 -8.58 -6.35 -8.89
CA THR A 43 -8.00 -5.39 -7.96
C THR A 43 -8.13 -5.87 -6.52
N VAL A 44 -6.99 -5.97 -5.83
CA VAL A 44 -6.97 -6.42 -4.45
C VAL A 44 -6.96 -5.23 -3.49
N THR A 45 -7.78 -5.33 -2.43
CA THR A 45 -7.86 -4.26 -1.45
C THR A 45 -7.68 -4.81 -0.04
N VAL A 46 -6.72 -4.26 0.70
CA VAL A 46 -6.45 -4.69 2.06
C VAL A 46 -7.28 -3.90 3.06
N GLU A 47 -7.83 -4.59 4.07
CA GLU A 47 -8.64 -3.95 5.08
C GLU A 47 -8.11 -4.27 6.48
N GLY A 48 -7.68 -3.23 7.20
CA GLY A 48 -7.15 -3.42 8.54
C GLY A 48 -7.81 -2.50 9.55
N GLN A 49 -7.87 -2.95 10.80
CA GLN A 49 -8.47 -2.16 11.86
C GLN A 49 -7.50 -2.00 13.04
N LEU A 50 -7.58 -0.85 13.70
CA LEU A 50 -6.71 -0.57 14.85
C LEU A 50 -7.49 -0.67 16.16
N GLU A 51 -6.83 -1.15 17.20
CA GLU A 51 -7.46 -1.29 18.51
C GLU A 51 -6.85 -0.32 19.50
N GLY A 52 -5.54 -0.12 19.40
CA GLY A 52 -4.86 0.79 20.32
C GLY A 52 -3.42 0.39 20.56
N GLY A 53 -3.17 -0.91 20.66
CA GLY A 53 -1.82 -1.40 20.89
C GLY A 53 -1.47 -2.57 20.00
N SER A 54 -0.30 -3.16 20.24
CA SER A 54 0.16 -4.29 19.44
C SER A 54 0.57 -5.45 20.34
N LEU A 55 0.10 -6.65 20.00
CA LEU A 55 0.41 -7.85 20.78
C LEU A 55 1.55 -8.63 20.14
N GLU A 56 2.76 -8.09 20.24
CA GLU A 56 3.93 -8.74 19.66
C GLU A 56 4.08 -10.17 20.18
N HIS A 57 4.60 -11.05 19.34
CA HIS A 57 4.79 -12.45 19.72
C HIS A 57 5.43 -13.24 18.58
N HIS A 58 6.54 -13.91 18.88
CA HIS A 58 7.24 -14.70 17.87
C HIS A 58 7.97 -15.87 18.52
N GLU B 2 5.06 -1.35 -17.31
CA GLU B 2 4.53 -1.84 -16.04
C GLU B 2 4.38 -0.71 -15.04
N ARG B 3 3.15 -0.25 -14.84
CA ARG B 3 2.87 0.85 -13.91
C ARG B 3 2.19 0.32 -12.66
N VAL B 4 2.48 0.96 -11.52
CA VAL B 4 1.90 0.56 -10.24
C VAL B 4 1.25 1.75 -9.53
N ARG B 5 -0.01 1.61 -9.19
CA ARG B 5 -0.74 2.67 -8.51
C ARG B 5 -1.46 2.13 -7.27
N ILE B 6 -1.23 2.78 -6.13
CA ILE B 6 -1.85 2.36 -4.88
C ILE B 6 -2.60 3.52 -4.24
N SER B 7 -3.88 3.30 -3.95
CA SER B 7 -4.72 4.33 -3.34
C SER B 7 -5.11 3.93 -1.92
N ILE B 8 -4.84 4.81 -0.96
CA ILE B 8 -5.16 4.56 0.44
C ILE B 8 -6.29 5.46 0.91
N THR B 9 -7.24 4.87 1.64
CA THR B 9 -8.37 5.63 2.16
C THR B 9 -8.29 5.79 3.67
N ALA B 10 -7.77 6.92 4.11
CA ALA B 10 -7.64 7.19 5.54
C ALA B 10 -8.63 8.25 5.99
N ARG B 11 -8.75 8.43 7.30
CA ARG B 11 -9.66 9.41 7.87
C ARG B 11 -9.11 10.82 7.71
N THR B 12 -8.01 11.10 8.39
CA THR B 12 -7.37 12.41 8.33
C THR B 12 -6.16 12.39 7.39
N LYS B 13 -5.73 13.58 6.99
CA LYS B 13 -4.58 13.70 6.09
C LYS B 13 -3.33 13.14 6.74
N LYS B 14 -3.15 13.41 8.03
CA LYS B 14 -1.99 12.92 8.77
C LYS B 14 -1.92 11.40 8.72
N GLU B 15 -3.08 10.76 8.70
CA GLU B 15 -3.14 9.30 8.66
C GLU B 15 -2.61 8.78 7.32
N ALA B 16 -3.15 9.31 6.23
CA ALA B 16 -2.73 8.90 4.90
C ALA B 16 -1.25 9.17 4.68
N GLU B 17 -0.78 10.33 5.14
CA GLU B 17 0.61 10.71 4.99
C GLU B 17 1.53 9.67 5.63
N LYS B 18 1.12 9.14 6.78
CA LYS B 18 1.90 8.14 7.50
C LYS B 18 2.09 6.90 6.64
N PHE B 19 1.08 6.58 5.84
CA PHE B 19 1.14 5.40 4.97
C PHE B 19 2.01 5.68 3.74
N ALA B 20 1.84 6.87 3.17
CA ALA B 20 2.61 7.25 1.98
C ALA B 20 4.11 7.15 2.25
N ALA B 21 4.52 7.62 3.43
CA ALA B 21 5.93 7.57 3.80
C ALA B 21 6.52 6.18 3.61
N ILE B 22 5.78 5.18 4.08
CA ILE B 22 6.23 3.79 3.97
C ILE B 22 6.21 3.32 2.52
N LEU B 23 5.09 3.57 1.84
CA LEU B 23 4.95 3.18 0.44
C LEU B 23 6.11 3.69 -0.40
N ILE B 24 6.52 4.93 -0.12
CA ILE B 24 7.63 5.54 -0.84
C ILE B 24 8.91 4.73 -0.69
N LYS B 25 9.18 4.27 0.54
CA LYS B 25 10.37 3.48 0.81
C LYS B 25 10.30 2.14 0.09
N VAL B 26 9.13 1.51 0.10
CA VAL B 26 8.94 0.23 -0.56
C VAL B 26 9.12 0.35 -2.07
N PHE B 27 8.61 1.44 -2.63
CA PHE B 27 8.71 1.68 -4.08
C PHE B 27 10.15 1.98 -4.47
N ALA B 28 10.83 2.78 -3.67
CA ALA B 28 12.22 3.14 -3.94
C ALA B 28 13.13 1.91 -3.88
N GLU B 29 12.94 1.09 -2.84
CA GLU B 29 13.75 -0.11 -2.68
C GLU B 29 13.40 -1.15 -3.76
N LEU B 30 12.24 -0.98 -4.39
CA LEU B 30 11.80 -1.89 -5.43
C LEU B 30 12.26 -1.42 -6.81
N GLY B 31 12.92 -0.26 -6.84
CA GLY B 31 13.41 0.29 -8.09
C GLY B 31 12.38 1.15 -8.79
N TYR B 32 11.31 1.49 -8.07
CA TYR B 32 10.25 2.32 -8.63
C TYR B 32 10.48 3.79 -8.30
N ASN B 33 11.74 4.20 -8.28
CA ASN B 33 12.09 5.59 -7.98
C ASN B 33 11.26 6.55 -8.83
N ASP B 34 11.20 7.81 -8.39
CA ASP B 34 10.44 8.82 -9.12
C ASP B 34 8.95 8.59 -8.99
N ILE B 35 8.46 8.57 -7.75
CA ILE B 35 7.04 8.36 -7.49
C ILE B 35 6.27 9.67 -7.48
N ASN B 36 5.01 9.63 -7.88
CA ASN B 36 4.16 10.81 -7.92
C ASN B 36 2.84 10.56 -7.19
N VAL B 37 2.55 11.41 -6.21
CA VAL B 37 1.32 11.29 -5.43
C VAL B 37 0.27 12.29 -5.91
N THR B 38 -0.98 11.83 -6.03
CA THR B 38 -2.06 12.68 -6.47
C THR B 38 -3.27 12.54 -5.56
N TRP B 39 -3.60 13.62 -4.84
CA TRP B 39 -4.74 13.62 -3.94
C TRP B 39 -5.91 14.40 -4.53
N ASP B 40 -7.13 13.90 -4.29
CA ASP B 40 -8.33 14.54 -4.80
C ASP B 40 -9.46 14.47 -3.77
N GLY B 41 -9.67 15.56 -3.05
CA GLY B 41 -10.72 15.59 -2.04
C GLY B 41 -10.24 15.13 -0.68
N ASP B 42 -10.26 13.82 -0.47
CA ASP B 42 -9.83 13.24 0.80
C ASP B 42 -9.18 11.88 0.58
N THR B 43 -8.77 11.61 -0.66
CA THR B 43 -8.15 10.34 -0.99
C THR B 43 -6.80 10.56 -1.68
N VAL B 44 -5.78 9.83 -1.22
CA VAL B 44 -4.44 9.95 -1.78
C VAL B 44 -4.05 8.68 -2.53
N THR B 45 -3.52 8.85 -3.73
CA THR B 45 -3.10 7.71 -4.55
C THR B 45 -1.67 7.89 -5.05
N VAL B 46 -0.83 6.90 -4.77
CA VAL B 46 0.57 6.95 -5.19
C VAL B 46 0.74 6.31 -6.57
N GLU B 47 1.56 6.94 -7.40
CA GLU B 47 1.81 6.44 -8.75
C GLU B 47 3.31 6.26 -8.98
N GLY B 48 3.72 5.03 -9.29
CA GLY B 48 5.12 4.75 -9.53
C GLY B 48 5.33 3.91 -10.78
N GLN B 49 6.50 4.04 -11.39
CA GLN B 49 6.83 3.30 -12.61
C GLN B 49 8.12 2.52 -12.43
N LEU B 50 8.28 1.45 -13.22
CA LEU B 50 9.47 0.63 -13.14
C LEU B 50 10.33 0.79 -14.39
N GLU B 51 11.63 0.67 -14.23
CA GLU B 51 12.57 0.80 -15.35
C GLU B 51 12.17 -0.11 -16.50
N GLY B 52 11.59 -1.26 -16.16
CA GLY B 52 11.18 -2.22 -17.18
C GLY B 52 12.10 -3.41 -17.27
N GLY B 53 11.62 -4.58 -16.86
CA GLY B 53 12.42 -5.77 -16.91
C GLY B 53 13.39 -5.88 -15.74
N SER B 54 13.00 -6.62 -14.72
CA SER B 54 13.84 -6.79 -13.54
C SER B 54 13.63 -8.16 -12.91
N LEU B 55 14.70 -8.74 -12.37
CA LEU B 55 14.64 -10.05 -11.74
C LEU B 55 14.47 -9.92 -10.22
N GLU B 56 13.31 -9.44 -9.80
CA GLU B 56 13.04 -9.27 -8.37
C GLU B 56 12.54 -10.57 -7.76
N HIS B 57 12.07 -10.49 -6.52
CA HIS B 57 11.56 -11.67 -5.81
C HIS B 57 11.06 -11.29 -4.43
N HIS B 58 10.03 -11.99 -3.96
CA HIS B 58 9.45 -11.73 -2.65
C HIS B 58 8.99 -10.28 -2.54
N GLU A 2 -11.76 4.16 13.51
CA GLU A 2 -10.68 4.49 12.60
C GLU A 2 -10.29 3.29 11.76
N ARG A 3 -10.84 3.20 10.55
CA ARG A 3 -10.54 2.09 9.65
C ARG A 3 -9.64 2.54 8.51
N VAL A 4 -8.78 1.64 8.05
CA VAL A 4 -7.86 1.94 6.96
C VAL A 4 -7.93 0.88 5.86
N ARG A 5 -8.24 1.32 4.64
CA ARG A 5 -8.34 0.42 3.51
C ARG A 5 -7.52 0.93 2.33
N ILE A 6 -6.62 0.08 1.83
CA ILE A 6 -5.77 0.43 0.70
C ILE A 6 -6.00 -0.50 -0.48
N SER A 7 -6.31 0.08 -1.64
CA SER A 7 -6.55 -0.70 -2.84
C SER A 7 -5.44 -0.50 -3.86
N ILE A 8 -4.86 -1.59 -4.33
CA ILE A 8 -3.78 -1.54 -5.31
C ILE A 8 -4.22 -2.12 -6.65
N THR A 9 -3.88 -1.43 -7.73
CA THR A 9 -4.24 -1.88 -9.06
C THR A 9 -3.00 -2.22 -9.88
N ALA A 10 -2.71 -3.51 -9.99
CA ALA A 10 -1.54 -3.98 -10.74
C ALA A 10 -1.96 -4.60 -12.06
N ARG A 11 -1.03 -4.66 -13.01
CA ARG A 11 -1.31 -5.24 -14.31
C ARG A 11 -1.50 -6.75 -14.21
N THR A 12 -0.91 -7.35 -13.19
CA THR A 12 -1.02 -8.78 -12.97
C THR A 12 -1.21 -9.11 -11.49
N LYS A 13 -1.91 -10.21 -11.21
CA LYS A 13 -2.15 -10.63 -9.84
C LYS A 13 -0.83 -10.82 -9.09
N LYS A 14 0.18 -11.29 -9.79
CA LYS A 14 1.49 -11.52 -9.19
C LYS A 14 2.06 -10.22 -8.64
N GLU A 15 1.85 -9.13 -9.37
CA GLU A 15 2.34 -7.81 -8.95
C GLU A 15 1.63 -7.34 -7.69
N ALA A 16 0.30 -7.36 -7.74
CA ALA A 16 -0.51 -6.93 -6.60
C ALA A 16 -0.21 -7.78 -5.37
N GLU A 17 -0.08 -9.09 -5.57
CA GLU A 17 0.20 -10.01 -4.48
C GLU A 17 1.50 -9.64 -3.77
N LYS A 18 2.51 -9.24 -4.56
CA LYS A 18 3.79 -8.85 -4.01
C LYS A 18 3.67 -7.65 -3.09
N PHE A 19 2.93 -6.65 -3.55
CA PHE A 19 2.72 -5.42 -2.77
C PHE A 19 1.94 -5.72 -1.49
N ALA A 20 0.93 -6.58 -1.61
CA ALA A 20 0.11 -6.96 -0.47
C ALA A 20 0.96 -7.50 0.66
N ALA A 21 1.93 -8.35 0.32
CA ALA A 21 2.81 -8.95 1.31
C ALA A 21 3.48 -7.89 2.17
N ILE A 22 3.94 -6.82 1.52
CA ILE A 22 4.60 -5.73 2.22
C ILE A 22 3.62 -4.96 3.09
N LEU A 23 2.48 -4.58 2.50
CA LEU A 23 1.45 -3.85 3.22
C LEU A 23 1.06 -4.58 4.51
N ILE A 24 0.95 -5.90 4.43
CA ILE A 24 0.58 -6.71 5.58
C ILE A 24 1.59 -6.54 6.72
N LYS A 25 2.87 -6.52 6.36
CA LYS A 25 3.93 -6.37 7.35
C LYS A 25 3.88 -4.98 7.99
N VAL A 26 3.64 -3.97 7.17
CA VAL A 26 3.57 -2.59 7.65
C VAL A 26 2.39 -2.41 8.59
N PHE A 27 1.26 -3.02 8.23
CA PHE A 27 0.05 -2.92 9.05
C PHE A 27 0.24 -3.60 10.40
N ALA A 28 0.88 -4.76 10.38
CA ALA A 28 1.13 -5.52 11.60
C ALA A 28 2.05 -4.75 12.55
N GLU A 29 3.12 -4.19 11.99
CA GLU A 29 4.08 -3.43 12.78
C GLU A 29 3.47 -2.10 13.25
N LEU A 30 2.40 -1.69 12.58
CA LEU A 30 1.73 -0.44 12.92
C LEU A 30 0.66 -0.68 13.98
N GLY A 31 0.34 -1.95 14.22
CA GLY A 31 -0.66 -2.28 15.22
C GLY A 31 -2.02 -2.54 14.60
N TYR A 32 -2.06 -2.67 13.29
CA TYR A 32 -3.31 -2.91 12.56
C TYR A 32 -3.52 -4.40 12.34
N ASN A 33 -3.12 -5.21 13.31
CA ASN A 33 -3.26 -6.66 13.22
C ASN A 33 -4.68 -7.04 12.80
N ASP A 34 -4.85 -8.27 12.32
CA ASP A 34 -6.15 -8.75 11.89
C ASP A 34 -6.59 -8.05 10.60
N ILE A 35 -5.77 -8.15 9.56
CA ILE A 35 -6.06 -7.54 8.28
C ILE A 35 -6.91 -8.47 7.40
N ASN A 36 -7.76 -7.88 6.56
CA ASN A 36 -8.61 -8.65 5.68
C ASN A 36 -8.52 -8.13 4.24
N VAL A 37 -8.12 -9.01 3.33
CA VAL A 37 -7.99 -8.64 1.93
C VAL A 37 -9.18 -9.15 1.11
N THR A 38 -9.68 -8.30 0.22
CA THR A 38 -10.83 -8.65 -0.62
C THR A 38 -10.54 -8.35 -2.08
N TRP A 39 -10.65 -9.38 -2.92
CA TRP A 39 -10.40 -9.23 -4.35
C TRP A 39 -11.70 -9.33 -5.14
N ASP A 40 -11.81 -8.53 -6.19
CA ASP A 40 -13.01 -8.54 -7.03
C ASP A 40 -12.65 -8.35 -8.50
N GLY A 41 -12.65 -9.45 -9.25
CA GLY A 41 -12.32 -9.39 -10.66
C GLY A 41 -10.82 -9.44 -10.90
N ASP A 42 -10.16 -8.30 -10.69
CA ASP A 42 -8.71 -8.22 -10.89
C ASP A 42 -8.10 -7.12 -10.04
N THR A 43 -8.82 -6.75 -8.97
CA THR A 43 -8.35 -5.70 -8.07
C THR A 43 -8.33 -6.19 -6.63
N VAL A 44 -7.22 -5.94 -5.93
CA VAL A 44 -7.07 -6.36 -4.55
C VAL A 44 -7.08 -5.15 -3.62
N THR A 45 -7.86 -5.25 -2.54
CA THR A 45 -7.95 -4.17 -1.57
C THR A 45 -7.76 -4.68 -0.15
N VAL A 46 -6.79 -4.13 0.56
CA VAL A 46 -6.51 -4.53 1.93
C VAL A 46 -7.34 -3.72 2.92
N GLU A 47 -7.84 -4.40 3.95
CA GLU A 47 -8.65 -3.74 4.98
C GLU A 47 -8.08 -3.99 6.37
N GLY A 48 -7.65 -2.91 7.02
CA GLY A 48 -7.09 -3.04 8.35
C GLY A 48 -7.72 -2.08 9.35
N GLN A 49 -7.81 -2.51 10.60
CA GLN A 49 -8.41 -1.68 11.65
C GLN A 49 -7.47 -1.56 12.84
N LEU A 50 -7.42 -0.36 13.43
CA LEU A 50 -6.56 -0.11 14.58
C LEU A 50 -7.38 -0.06 15.86
N GLU A 51 -6.83 -0.64 16.92
CA GLU A 51 -7.51 -0.66 18.22
C GLU A 51 -6.71 0.10 19.27
N GLY A 52 -5.38 0.08 19.12
CA GLY A 52 -4.52 0.77 20.06
C GLY A 52 -4.38 0.02 21.38
N GLY A 53 -3.18 -0.45 21.66
CA GLY A 53 -2.94 -1.19 22.89
C GLY A 53 -1.54 -1.78 22.96
N SER A 54 -1.39 -2.84 23.73
CA SER A 54 -0.09 -3.50 23.88
C SER A 54 -0.27 -5.01 24.05
N LEU A 55 0.09 -5.75 23.01
CA LEU A 55 -0.02 -7.20 23.03
C LEU A 55 1.01 -7.81 23.97
N GLU A 56 0.67 -7.90 25.24
CA GLU A 56 1.57 -8.47 26.24
C GLU A 56 1.63 -9.99 26.12
N HIS A 57 0.51 -10.58 25.70
CA HIS A 57 0.44 -12.04 25.55
C HIS A 57 0.11 -12.41 24.11
N HIS A 58 0.15 -11.42 23.23
CA HIS A 58 -0.14 -11.65 21.81
C HIS A 58 -1.49 -12.33 21.64
N GLU B 2 5.91 -1.16 -17.01
CA GLU B 2 5.03 -1.56 -15.91
C GLU B 2 4.66 -0.34 -15.06
N ARG B 3 3.39 -0.29 -14.66
CA ARG B 3 2.89 0.81 -13.83
C ARG B 3 2.23 0.29 -12.56
N VAL B 4 2.46 0.98 -11.46
CA VAL B 4 1.89 0.59 -10.17
C VAL B 4 1.25 1.79 -9.46
N ARG B 5 -0.02 1.65 -9.12
CA ARG B 5 -0.74 2.72 -8.43
C ARG B 5 -1.46 2.19 -7.20
N ILE B 6 -1.23 2.84 -6.06
CA ILE B 6 -1.86 2.44 -4.81
C ILE B 6 -2.62 3.59 -4.17
N SER B 7 -3.90 3.37 -3.89
CA SER B 7 -4.74 4.39 -3.28
C SER B 7 -5.14 4.00 -1.85
N ILE B 8 -5.03 4.95 -0.93
CA ILE B 8 -5.39 4.70 0.47
C ILE B 8 -6.65 5.45 0.85
N THR B 9 -7.55 4.76 1.55
CA THR B 9 -8.80 5.36 1.99
C THR B 9 -8.74 5.76 3.46
N ALA B 10 -8.01 6.83 3.75
CA ALA B 10 -7.87 7.32 5.12
C ALA B 10 -8.79 8.52 5.37
N ARG B 11 -9.24 8.66 6.60
CA ARG B 11 -10.12 9.75 6.98
C ARG B 11 -9.33 11.04 7.16
N THR B 12 -8.17 10.94 7.79
CA THR B 12 -7.32 12.09 8.03
C THR B 12 -6.01 11.99 7.26
N LYS B 13 -5.47 13.13 6.86
CA LYS B 13 -4.22 13.18 6.11
C LYS B 13 -3.08 12.59 6.93
N LYS B 14 -3.19 12.68 8.25
CA LYS B 14 -2.17 12.16 9.14
C LYS B 14 -1.98 10.66 8.92
N GLU B 15 -3.08 9.93 8.78
CA GLU B 15 -3.02 8.50 8.57
C GLU B 15 -2.41 8.17 7.21
N ALA B 16 -2.95 8.78 6.17
CA ALA B 16 -2.46 8.56 4.82
C ALA B 16 -0.98 8.92 4.70
N GLU B 17 -0.60 10.01 5.36
CA GLU B 17 0.79 10.47 5.33
C GLU B 17 1.73 9.39 5.86
N LYS B 18 1.36 8.79 6.97
CA LYS B 18 2.17 7.73 7.57
C LYS B 18 2.34 6.55 6.62
N PHE B 19 1.26 6.23 5.90
CA PHE B 19 1.29 5.13 4.94
C PHE B 19 2.13 5.48 3.73
N ALA B 20 1.94 6.67 3.20
CA ALA B 20 2.69 7.13 2.03
C ALA B 20 4.19 7.06 2.28
N ALA B 21 4.60 7.50 3.46
CA ALA B 21 6.02 7.48 3.83
C ALA B 21 6.63 6.11 3.60
N ILE B 22 5.94 5.07 4.09
CA ILE B 22 6.41 3.70 3.93
C ILE B 22 6.38 3.26 2.47
N LEU B 23 5.26 3.53 1.81
CA LEU B 23 5.10 3.15 0.41
C LEU B 23 6.26 3.67 -0.43
N ILE B 24 6.70 4.89 -0.13
CA ILE B 24 7.81 5.50 -0.85
C ILE B 24 9.07 4.66 -0.73
N LYS B 25 9.34 4.19 0.47
CA LYS B 25 10.52 3.37 0.73
C LYS B 25 10.43 2.04 -0.02
N VAL B 26 9.24 1.44 0.00
CA VAL B 26 9.01 0.16 -0.68
C VAL B 26 9.18 0.30 -2.19
N PHE B 27 8.67 1.41 -2.72
CA PHE B 27 8.76 1.67 -4.16
C PHE B 27 10.20 1.94 -4.58
N ALA B 28 10.91 2.73 -3.78
CA ALA B 28 12.30 3.06 -4.06
C ALA B 28 13.18 1.82 -4.03
N GLU B 29 12.99 0.99 -2.99
CA GLU B 29 13.77 -0.23 -2.85
C GLU B 29 13.40 -1.24 -3.92
N LEU B 30 12.25 -1.05 -4.54
CA LEU B 30 11.78 -1.94 -5.59
C LEU B 30 12.26 -1.48 -6.96
N GLY B 31 12.77 -0.26 -7.02
CA GLY B 31 13.25 0.29 -8.27
C GLY B 31 12.23 1.18 -8.95
N TYR B 32 11.17 1.53 -8.23
CA TYR B 32 10.13 2.38 -8.76
C TYR B 32 10.37 3.85 -8.42
N ASN B 33 11.64 4.24 -8.43
CA ASN B 33 12.01 5.62 -8.12
C ASN B 33 11.17 6.61 -8.93
N ASP B 34 11.13 7.85 -8.47
CA ASP B 34 10.36 8.89 -9.14
C ASP B 34 8.86 8.66 -8.97
N ILE B 35 8.42 8.60 -7.72
CA ILE B 35 7.01 8.39 -7.41
C ILE B 35 6.25 9.71 -7.38
N ASN B 36 4.97 9.65 -7.75
CA ASN B 36 4.13 10.86 -7.76
C ASN B 36 2.83 10.61 -7.00
N VAL B 37 2.61 11.41 -5.95
CA VAL B 37 1.40 11.28 -5.15
C VAL B 37 0.41 12.39 -5.46
N THR B 38 -0.87 12.02 -5.56
CA THR B 38 -1.91 12.99 -5.86
C THR B 38 -3.12 12.79 -4.94
N TRP B 39 -3.38 13.77 -4.09
CA TRP B 39 -4.50 13.70 -3.16
C TRP B 39 -5.71 14.46 -3.71
N ASP B 40 -6.89 13.86 -3.58
CA ASP B 40 -8.11 14.49 -4.06
C ASP B 40 -9.25 14.28 -3.07
N GLY B 41 -9.52 15.30 -2.26
CA GLY B 41 -10.58 15.22 -1.28
C GLY B 41 -10.10 14.65 0.04
N ASP B 42 -10.07 13.33 0.15
CA ASP B 42 -9.64 12.67 1.37
C ASP B 42 -9.00 11.31 1.07
N THR B 43 -8.62 11.13 -0.19
CA THR B 43 -8.00 9.87 -0.62
C THR B 43 -6.67 10.12 -1.31
N VAL B 44 -5.61 9.53 -0.77
CA VAL B 44 -4.28 9.69 -1.33
C VAL B 44 -3.93 8.52 -2.27
N THR B 45 -3.45 8.86 -3.46
CA THR B 45 -3.09 7.85 -4.45
C THR B 45 -1.65 8.03 -4.92
N VAL B 46 -0.84 6.99 -4.75
CA VAL B 46 0.55 7.03 -5.16
C VAL B 46 0.75 6.38 -6.52
N GLU B 47 1.56 7.02 -7.37
CA GLU B 47 1.84 6.51 -8.71
C GLU B 47 3.32 6.25 -8.89
N GLY B 48 3.68 4.99 -9.13
CA GLY B 48 5.06 4.63 -9.32
C GLY B 48 5.28 3.81 -10.58
N GLN B 49 6.40 4.04 -11.25
CA GLN B 49 6.72 3.31 -12.48
C GLN B 49 8.09 2.66 -12.38
N LEU B 50 8.23 1.50 -13.01
CA LEU B 50 9.49 0.76 -12.99
C LEU B 50 10.19 0.85 -14.35
N GLU B 51 11.51 0.98 -14.32
CA GLU B 51 12.30 1.07 -15.54
C GLU B 51 12.88 -0.28 -15.92
N GLY B 52 12.13 -1.35 -15.64
CA GLY B 52 12.58 -2.69 -15.95
C GLY B 52 12.29 -3.08 -17.38
N GLY B 53 13.21 -3.82 -17.99
CA GLY B 53 13.03 -4.25 -19.37
C GLY B 53 13.56 -3.23 -20.36
N SER B 54 14.75 -2.71 -20.09
CA SER B 54 15.37 -1.71 -20.97
C SER B 54 16.87 -1.64 -20.72
N LEU B 55 17.58 -1.02 -21.66
CA LEU B 55 19.03 -0.87 -21.55
C LEU B 55 19.40 0.51 -21.02
N GLU B 56 18.78 1.54 -21.59
CA GLU B 56 19.04 2.91 -21.17
C GLU B 56 17.77 3.58 -20.65
N HIS B 57 16.62 3.08 -21.12
CA HIS B 57 15.34 3.63 -20.70
C HIS B 57 15.25 3.70 -19.17
N HIS B 58 15.16 4.93 -18.65
CA HIS B 58 15.07 5.14 -17.21
C HIS B 58 13.73 5.76 -16.83
N GLU A 2 -11.50 4.35 12.70
CA GLU A 2 -10.08 4.02 12.68
C GLU A 2 -9.81 2.89 11.70
N ARG A 3 -10.61 2.81 10.65
CA ARG A 3 -10.45 1.78 9.64
C ARG A 3 -9.57 2.26 8.49
N VAL A 4 -8.77 1.36 7.94
CA VAL A 4 -7.88 1.70 6.83
C VAL A 4 -8.00 0.68 5.70
N ARG A 5 -8.24 1.18 4.49
CA ARG A 5 -8.37 0.31 3.33
C ARG A 5 -7.50 0.81 2.18
N ILE A 6 -6.68 -0.09 1.63
CA ILE A 6 -5.79 0.26 0.53
C ILE A 6 -6.01 -0.66 -0.67
N SER A 7 -6.14 -0.08 -1.85
CA SER A 7 -6.36 -0.86 -3.07
C SER A 7 -5.20 -0.67 -4.04
N ILE A 8 -4.70 -1.77 -4.58
CA ILE A 8 -3.59 -1.73 -5.53
C ILE A 8 -4.06 -2.09 -6.94
N THR A 9 -3.61 -1.32 -7.92
CA THR A 9 -3.97 -1.57 -9.31
C THR A 9 -2.83 -2.23 -10.08
N ALA A 10 -2.63 -3.52 -9.84
CA ALA A 10 -1.58 -4.26 -10.51
C ALA A 10 -2.13 -5.08 -11.66
N ARG A 11 -1.31 -5.25 -12.71
CA ARG A 11 -1.72 -6.01 -13.88
C ARG A 11 -1.67 -7.52 -13.59
N THR A 12 -0.61 -7.95 -12.91
CA THR A 12 -0.44 -9.35 -12.58
C THR A 12 -0.56 -9.58 -11.08
N LYS A 13 -1.08 -10.74 -10.70
CA LYS A 13 -1.24 -11.09 -9.29
C LYS A 13 0.11 -11.11 -8.58
N LYS A 14 1.17 -11.33 -9.33
CA LYS A 14 2.52 -11.37 -8.77
C LYS A 14 2.88 -10.04 -8.14
N GLU A 15 2.54 -8.95 -8.83
CA GLU A 15 2.83 -7.61 -8.34
C GLU A 15 2.02 -7.30 -7.08
N ALA A 16 0.70 -7.50 -7.18
CA ALA A 16 -0.19 -7.25 -6.05
C ALA A 16 0.18 -8.11 -4.85
N GLU A 17 0.52 -9.37 -5.11
CA GLU A 17 0.89 -10.30 -4.06
C GLU A 17 2.14 -9.83 -3.34
N LYS A 18 3.11 -9.33 -4.10
CA LYS A 18 4.36 -8.83 -3.53
C LYS A 18 4.12 -7.59 -2.70
N PHE A 19 3.21 -6.74 -3.16
CA PHE A 19 2.89 -5.50 -2.45
C PHE A 19 2.08 -5.79 -1.19
N ALA A 20 1.12 -6.70 -1.31
CA ALA A 20 0.28 -7.07 -0.19
C ALA A 20 1.11 -7.53 1.01
N ALA A 21 2.09 -8.39 0.74
CA ALA A 21 2.96 -8.91 1.78
C ALA A 21 3.55 -7.77 2.61
N ILE A 22 4.06 -6.75 1.94
CA ILE A 22 4.66 -5.60 2.60
C ILE A 22 3.62 -4.83 3.41
N LEU A 23 2.49 -4.53 2.76
CA LEU A 23 1.41 -3.80 3.42
C LEU A 23 1.01 -4.48 4.73
N ILE A 24 0.98 -5.81 4.71
CA ILE A 24 0.61 -6.58 5.89
C ILE A 24 1.58 -6.32 7.04
N LYS A 25 2.87 -6.28 6.72
CA LYS A 25 3.89 -6.03 7.73
C LYS A 25 3.77 -4.62 8.31
N VAL A 26 3.53 -3.65 7.43
CA VAL A 26 3.38 -2.26 7.84
C VAL A 26 2.16 -2.07 8.74
N PHE A 27 1.06 -2.75 8.38
CA PHE A 27 -0.17 -2.65 9.14
C PHE A 27 -0.01 -3.31 10.50
N ALA A 28 0.66 -4.45 10.54
CA ALA A 28 0.88 -5.18 11.77
C ALA A 28 1.68 -4.34 12.76
N GLU A 29 2.75 -3.72 12.27
CA GLU A 29 3.60 -2.88 13.12
C GLU A 29 2.86 -1.62 13.56
N LEU A 30 1.80 -1.29 12.83
CA LEU A 30 1.01 -0.09 13.14
C LEU A 30 -0.14 -0.43 14.08
N GLY A 31 -0.23 -1.70 14.45
CA GLY A 31 -1.30 -2.14 15.35
C GLY A 31 -2.56 -2.53 14.61
N TYR A 32 -2.46 -2.60 13.28
CA TYR A 32 -3.61 -2.96 12.45
C TYR A 32 -3.61 -4.46 12.15
N ASN A 33 -3.13 -5.25 13.10
CA ASN A 33 -3.08 -6.69 12.93
C ASN A 33 -4.42 -7.24 12.46
N ASP A 34 -4.40 -8.45 11.91
CA ASP A 34 -5.62 -9.08 11.42
C ASP A 34 -6.11 -8.40 10.15
N ILE A 35 -5.29 -8.43 9.11
CA ILE A 35 -5.64 -7.82 7.83
C ILE A 35 -6.28 -8.83 6.89
N ASN A 36 -7.18 -8.36 6.04
CA ASN A 36 -7.86 -9.22 5.08
C ASN A 36 -7.94 -8.56 3.72
N VAL A 37 -7.58 -9.31 2.67
CA VAL A 37 -7.61 -8.79 1.31
C VAL A 37 -8.84 -9.30 0.56
N THR A 38 -9.48 -8.41 -0.18
CA THR A 38 -10.67 -8.77 -0.95
C THR A 38 -10.62 -8.18 -2.36
N TRP A 39 -10.52 -9.06 -3.36
CA TRP A 39 -10.46 -8.63 -4.74
C TRP A 39 -11.70 -7.84 -5.13
N ASP A 40 -11.50 -6.71 -5.80
CA ASP A 40 -12.60 -5.85 -6.22
C ASP A 40 -12.33 -5.26 -7.60
N GLY A 41 -12.94 -5.86 -8.62
CA GLY A 41 -12.75 -5.39 -9.98
C GLY A 41 -11.31 -5.55 -10.46
N ASP A 42 -10.78 -6.74 -10.31
CA ASP A 42 -9.41 -7.03 -10.73
C ASP A 42 -8.41 -6.20 -9.94
N THR A 43 -8.88 -5.64 -8.82
CA THR A 43 -8.01 -4.82 -7.97
C THR A 43 -8.03 -5.32 -6.53
N VAL A 44 -6.85 -5.66 -6.01
CA VAL A 44 -6.73 -6.15 -4.65
C VAL A 44 -6.90 -5.02 -3.64
N THR A 45 -7.78 -5.25 -2.66
CA THR A 45 -8.05 -4.24 -1.63
C THR A 45 -7.83 -4.82 -0.24
N VAL A 46 -6.85 -4.28 0.47
CA VAL A 46 -6.54 -4.74 1.82
C VAL A 46 -7.35 -3.96 2.86
N GLU A 47 -7.91 -4.68 3.83
CA GLU A 47 -8.70 -4.06 4.88
C GLU A 47 -8.07 -4.30 6.25
N GLY A 48 -7.70 -3.22 6.92
CA GLY A 48 -7.09 -3.34 8.24
C GLY A 48 -7.76 -2.46 9.26
N GLN A 49 -7.87 -2.97 10.49
CA GLN A 49 -8.50 -2.22 11.57
C GLN A 49 -7.56 -2.05 12.75
N LEU A 50 -7.60 -0.89 13.40
CA LEU A 50 -6.75 -0.61 14.54
C LEU A 50 -7.46 -0.96 15.84
N GLU A 51 -6.67 -1.38 16.84
CA GLU A 51 -7.22 -1.74 18.14
C GLU A 51 -6.75 -0.77 19.22
N GLY A 52 -5.55 -0.22 19.03
CA GLY A 52 -5.01 0.71 20.00
C GLY A 52 -3.72 1.37 19.51
N GLY A 53 -2.65 1.19 20.27
CA GLY A 53 -1.37 1.77 19.89
C GLY A 53 -0.71 1.03 18.75
N SER A 54 0.47 0.47 19.02
CA SER A 54 1.21 -0.26 18.00
C SER A 54 1.43 -1.70 18.43
N LEU A 55 1.89 -1.89 19.67
CA LEU A 55 2.13 -3.23 20.20
C LEU A 55 3.00 -4.04 19.25
N GLU A 56 4.18 -3.52 18.93
CA GLU A 56 5.11 -4.21 18.03
C GLU A 56 5.59 -5.51 18.65
N HIS A 57 5.86 -6.50 17.79
CA HIS A 57 6.33 -7.80 18.25
C HIS A 57 6.57 -8.74 17.07
N HIS A 58 7.53 -9.65 17.22
CA HIS A 58 7.84 -10.61 16.17
C HIS A 58 8.65 -11.78 16.72
N GLU B 2 4.59 -1.60 -17.41
CA GLU B 2 4.24 -2.08 -16.08
C GLU B 2 4.12 -0.92 -15.10
N ARG B 3 2.89 -0.49 -14.85
CA ARG B 3 2.63 0.62 -13.94
C ARG B 3 1.94 0.13 -12.67
N VAL B 4 2.25 0.79 -11.55
CA VAL B 4 1.66 0.43 -10.27
C VAL B 4 1.01 1.63 -9.61
N ARG B 5 -0.26 1.48 -9.22
CA ARG B 5 -0.99 2.54 -8.57
C ARG B 5 -1.67 2.04 -7.30
N ILE B 6 -1.38 2.70 -6.18
CA ILE B 6 -1.96 2.32 -4.89
C ILE B 6 -2.69 3.50 -4.25
N SER B 7 -3.95 3.31 -3.90
CA SER B 7 -4.75 4.35 -3.28
C SER B 7 -5.16 3.95 -1.87
N ILE B 8 -5.07 4.90 -0.94
CA ILE B 8 -5.43 4.65 0.44
C ILE B 8 -6.70 5.39 0.83
N THR B 9 -7.60 4.69 1.52
CA THR B 9 -8.86 5.29 1.95
C THR B 9 -8.83 5.64 3.44
N ALA B 10 -8.11 6.70 3.77
CA ALA B 10 -8.01 7.15 5.16
C ALA B 10 -8.95 8.32 5.44
N ARG B 11 -9.39 8.43 6.68
CA ARG B 11 -10.29 9.51 7.08
C ARG B 11 -9.55 10.83 7.17
N THR B 12 -8.34 10.79 7.74
CA THR B 12 -7.53 12.00 7.89
C THR B 12 -6.28 11.92 7.02
N LYS B 13 -5.71 13.08 6.70
CA LYS B 13 -4.51 13.15 5.88
C LYS B 13 -3.30 12.64 6.65
N LYS B 14 -3.35 12.74 7.98
CA LYS B 14 -2.26 12.29 8.83
C LYS B 14 -2.06 10.79 8.69
N GLU B 15 -3.17 10.05 8.66
CA GLU B 15 -3.10 8.60 8.53
C GLU B 15 -2.56 8.19 7.16
N ALA B 16 -3.17 8.74 6.11
CA ALA B 16 -2.75 8.43 4.75
C ALA B 16 -1.30 8.85 4.51
N GLU B 17 -0.95 10.04 5.01
CA GLU B 17 0.41 10.56 4.85
C GLU B 17 1.43 9.60 5.44
N LYS B 18 1.11 9.03 6.59
CA LYS B 18 2.00 8.10 7.27
C LYS B 18 2.22 6.85 6.41
N PHE B 19 1.19 6.43 5.69
CA PHE B 19 1.27 5.26 4.82
C PHE B 19 2.09 5.57 3.58
N ALA B 20 1.89 6.75 3.01
CA ALA B 20 2.61 7.16 1.81
C ALA B 20 4.12 7.08 2.02
N ALA B 21 4.58 7.57 3.18
CA ALA B 21 5.99 7.56 3.50
C ALA B 21 6.58 6.16 3.32
N ILE B 22 5.90 5.16 3.87
CA ILE B 22 6.36 3.78 3.76
C ILE B 22 6.32 3.29 2.32
N LEU B 23 5.18 3.52 1.67
CA LEU B 23 5.01 3.10 0.28
C LEU B 23 6.16 3.61 -0.59
N ILE B 24 6.58 4.84 -0.34
CA ILE B 24 7.67 5.44 -1.10
C ILE B 24 8.95 4.61 -0.96
N LYS B 25 9.26 4.20 0.26
CA LYS B 25 10.45 3.41 0.54
C LYS B 25 10.36 2.05 -0.16
N VAL B 26 9.18 1.44 -0.11
CA VAL B 26 8.97 0.14 -0.74
C VAL B 26 9.11 0.23 -2.25
N PHE B 27 8.59 1.31 -2.83
CA PHE B 27 8.64 1.52 -4.27
C PHE B 27 10.07 1.83 -4.71
N ALA B 28 10.75 2.67 -3.94
CA ALA B 28 12.13 3.05 -4.25
C ALA B 28 13.05 1.83 -4.22
N GLU B 29 12.92 1.01 -3.18
CA GLU B 29 13.73 -0.18 -3.03
C GLU B 29 13.39 -1.21 -4.09
N LEU B 30 12.21 -1.07 -4.69
CA LEU B 30 11.76 -1.99 -5.72
C LEU B 30 12.17 -1.51 -7.11
N GLY B 31 12.82 -0.34 -7.16
CA GLY B 31 13.25 0.20 -8.42
C GLY B 31 12.19 1.05 -9.08
N TYR B 32 11.15 1.39 -8.33
CA TYR B 32 10.06 2.20 -8.85
C TYR B 32 10.28 3.69 -8.54
N ASN B 33 11.54 4.10 -8.57
CA ASN B 33 11.89 5.49 -8.28
C ASN B 33 11.03 6.44 -9.11
N ASP B 34 10.97 7.69 -8.68
CA ASP B 34 10.19 8.71 -9.38
C ASP B 34 8.69 8.46 -9.20
N ILE B 35 8.25 8.46 -7.94
CA ILE B 35 6.85 8.22 -7.64
C ILE B 35 6.08 9.54 -7.58
N ASN B 36 4.79 9.49 -7.95
CA ASN B 36 3.94 10.67 -7.94
C ASN B 36 2.69 10.44 -7.10
N VAL B 37 2.50 11.29 -6.10
CA VAL B 37 1.34 11.19 -5.22
C VAL B 37 0.37 12.33 -5.45
N THR B 38 -0.93 12.01 -5.48
CA THR B 38 -1.97 13.00 -5.70
C THR B 38 -3.14 12.79 -4.76
N TRP B 39 -3.34 13.75 -3.85
CA TRP B 39 -4.42 13.67 -2.88
C TRP B 39 -5.63 14.47 -3.35
N ASP B 40 -6.82 13.92 -3.14
CA ASP B 40 -8.05 14.59 -3.54
C ASP B 40 -9.15 14.38 -2.51
N GLY B 41 -9.37 15.38 -1.66
CA GLY B 41 -10.40 15.28 -0.63
C GLY B 41 -9.88 14.61 0.64
N ASP B 42 -9.88 13.28 0.64
CA ASP B 42 -9.41 12.53 1.80
C ASP B 42 -8.82 11.18 1.38
N THR B 43 -8.46 11.08 0.11
CA THR B 43 -7.89 9.85 -0.43
C THR B 43 -6.56 10.12 -1.12
N VAL B 44 -5.50 9.45 -0.65
CA VAL B 44 -4.17 9.61 -1.22
C VAL B 44 -3.84 8.47 -2.17
N THR B 45 -3.37 8.82 -3.37
CA THR B 45 -3.02 7.82 -4.37
C THR B 45 -1.57 7.98 -4.81
N VAL B 46 -0.87 6.85 -4.95
CA VAL B 46 0.52 6.87 -5.37
C VAL B 46 0.70 6.19 -6.73
N GLU B 47 1.51 6.81 -7.58
CA GLU B 47 1.75 6.26 -8.92
C GLU B 47 3.24 6.03 -9.14
N GLY B 48 3.61 4.77 -9.33
CA GLY B 48 5.01 4.42 -9.55
C GLY B 48 5.20 3.56 -10.78
N GLN B 49 6.31 3.78 -11.48
CA GLN B 49 6.61 3.02 -12.69
C GLN B 49 7.93 2.28 -12.54
N LEU B 50 8.07 1.18 -13.29
CA LEU B 50 9.29 0.37 -13.23
C LEU B 50 10.08 0.51 -14.53
N GLU B 51 11.41 0.46 -14.42
CA GLU B 51 12.27 0.56 -15.58
C GLU B 51 13.10 -0.71 -15.77
N GLY B 52 13.55 -1.28 -14.65
CA GLY B 52 14.35 -2.48 -14.71
C GLY B 52 13.56 -3.69 -15.21
N GLY B 53 12.73 -4.24 -14.34
CA GLY B 53 11.92 -5.38 -14.73
C GLY B 53 11.72 -6.36 -13.58
N SER B 54 12.70 -7.21 -13.34
CA SER B 54 12.62 -8.20 -12.27
C SER B 54 14.02 -8.59 -11.78
N LEU B 55 14.16 -8.73 -10.47
CA LEU B 55 15.43 -9.09 -9.86
C LEU B 55 15.61 -10.61 -9.83
N GLU B 56 14.83 -11.27 -8.99
CA GLU B 56 14.90 -12.73 -8.86
C GLU B 56 13.50 -13.31 -8.66
N HIS B 57 13.46 -14.62 -8.45
CA HIS B 57 12.19 -15.31 -8.25
C HIS B 57 12.42 -16.80 -7.97
N HIS B 58 13.52 -17.10 -7.29
CA HIS B 58 13.84 -18.49 -6.95
C HIS B 58 14.00 -19.33 -8.21
N GLU A 2 -11.32 4.29 12.90
CA GLU A 2 -9.91 4.08 12.63
C GLU A 2 -9.71 2.93 11.64
N ARG A 3 -10.57 2.87 10.62
CA ARG A 3 -10.49 1.83 9.62
C ARG A 3 -9.64 2.27 8.43
N VAL A 4 -8.63 1.47 8.09
CA VAL A 4 -7.75 1.79 6.97
C VAL A 4 -7.91 0.78 5.84
N ARG A 5 -8.19 1.28 4.65
CA ARG A 5 -8.37 0.42 3.48
C ARG A 5 -7.54 0.92 2.31
N ILE A 6 -6.61 0.09 1.85
CA ILE A 6 -5.74 0.44 0.73
C ILE A 6 -5.99 -0.47 -0.47
N SER A 7 -6.28 0.13 -1.62
CA SER A 7 -6.54 -0.63 -2.84
C SER A 7 -5.41 -0.42 -3.85
N ILE A 8 -4.84 -1.54 -4.32
CA ILE A 8 -3.75 -1.49 -5.29
C ILE A 8 -4.19 -2.05 -6.63
N THR A 9 -3.85 -1.36 -7.71
CA THR A 9 -4.21 -1.80 -9.05
C THR A 9 -2.96 -2.15 -9.87
N ALA A 10 -2.67 -3.44 -9.95
CA ALA A 10 -1.51 -3.91 -10.69
C ALA A 10 -1.92 -4.59 -12.00
N ARG A 11 -0.95 -4.85 -12.87
CA ARG A 11 -1.23 -5.50 -14.14
C ARG A 11 -1.63 -6.95 -13.95
N THR A 12 -0.81 -7.70 -13.20
CA THR A 12 -1.08 -9.10 -12.94
C THR A 12 -1.29 -9.35 -11.44
N LYS A 13 -1.93 -10.47 -11.13
CA LYS A 13 -2.20 -10.82 -9.73
C LYS A 13 -0.90 -10.95 -8.94
N LYS A 14 0.11 -11.54 -9.58
CA LYS A 14 1.41 -11.72 -8.95
C LYS A 14 2.00 -10.38 -8.52
N GLU A 15 1.74 -9.35 -9.32
CA GLU A 15 2.26 -8.01 -9.03
C GLU A 15 1.62 -7.45 -7.77
N ALA A 16 0.29 -7.47 -7.73
CA ALA A 16 -0.46 -6.95 -6.59
C ALA A 16 -0.13 -7.75 -5.32
N GLU A 17 -0.07 -9.08 -5.46
CA GLU A 17 0.23 -9.95 -4.33
C GLU A 17 1.59 -9.59 -3.72
N LYS A 18 2.55 -9.27 -4.57
CA LYS A 18 3.89 -8.91 -4.11
C LYS A 18 3.85 -7.68 -3.21
N PHE A 19 2.91 -6.78 -3.50
CA PHE A 19 2.76 -5.56 -2.71
C PHE A 19 1.99 -5.83 -1.43
N ALA A 20 0.99 -6.70 -1.52
CA ALA A 20 0.17 -7.05 -0.36
C ALA A 20 1.03 -7.56 0.79
N ALA A 21 1.98 -8.43 0.46
CA ALA A 21 2.89 -8.99 1.46
C ALA A 21 3.52 -7.90 2.31
N ILE A 22 3.99 -6.85 1.64
CA ILE A 22 4.63 -5.73 2.34
C ILE A 22 3.61 -4.95 3.18
N LEU A 23 2.49 -4.61 2.56
CA LEU A 23 1.44 -3.86 3.25
C LEU A 23 1.03 -4.58 4.54
N ILE A 24 0.96 -5.90 4.48
CA ILE A 24 0.58 -6.70 5.64
C ILE A 24 1.57 -6.50 6.79
N LYS A 25 2.85 -6.48 6.46
CA LYS A 25 3.89 -6.30 7.46
C LYS A 25 3.82 -4.90 8.08
N VAL A 26 3.58 -3.90 7.24
CA VAL A 26 3.49 -2.52 7.70
C VAL A 26 2.28 -2.34 8.62
N PHE A 27 1.17 -2.97 8.26
CA PHE A 27 -0.06 -2.87 9.05
C PHE A 27 0.11 -3.58 10.39
N ALA A 28 0.74 -4.74 10.37
CA ALA A 28 0.97 -5.52 11.59
C ALA A 28 1.86 -4.75 12.56
N GLU A 29 2.94 -4.18 12.05
CA GLU A 29 3.87 -3.42 12.88
C GLU A 29 3.24 -2.12 13.37
N LEU A 30 2.17 -1.70 12.68
CA LEU A 30 1.47 -0.47 13.04
C LEU A 30 0.35 -0.75 14.04
N GLY A 31 0.19 -2.03 14.40
CA GLY A 31 -0.85 -2.40 15.34
C GLY A 31 -2.17 -2.69 14.66
N TYR A 32 -2.15 -2.78 13.34
CA TYR A 32 -3.36 -3.05 12.57
C TYR A 32 -3.51 -4.54 12.28
N ASN A 33 -3.06 -5.36 13.24
CA ASN A 33 -3.15 -6.81 13.08
C ASN A 33 -4.55 -7.24 12.67
N ASP A 34 -4.67 -8.45 12.14
CA ASP A 34 -5.95 -8.98 11.70
C ASP A 34 -6.44 -8.25 10.45
N ILE A 35 -5.63 -8.30 9.39
CA ILE A 35 -5.98 -7.64 8.14
C ILE A 35 -6.80 -8.57 7.25
N ASN A 36 -7.69 -7.99 6.45
CA ASN A 36 -8.52 -8.77 5.54
C ASN A 36 -8.44 -8.22 4.12
N VAL A 37 -8.09 -9.08 3.18
CA VAL A 37 -7.98 -8.69 1.78
C VAL A 37 -9.20 -9.13 0.98
N THR A 38 -9.71 -8.25 0.14
CA THR A 38 -10.87 -8.56 -0.68
C THR A 38 -10.61 -8.23 -2.15
N TRP A 39 -10.63 -9.26 -2.99
CA TRP A 39 -10.40 -9.08 -4.41
C TRP A 39 -11.71 -9.18 -5.20
N ASP A 40 -11.83 -8.36 -6.23
CA ASP A 40 -13.03 -8.36 -7.07
C ASP A 40 -12.68 -8.17 -8.53
N GLY A 41 -12.67 -9.27 -9.29
CA GLY A 41 -12.34 -9.20 -10.70
C GLY A 41 -10.85 -9.25 -10.95
N ASP A 42 -10.19 -8.11 -10.77
CA ASP A 42 -8.74 -8.03 -10.99
C ASP A 42 -8.13 -6.95 -10.10
N THR A 43 -8.83 -6.58 -9.05
CA THR A 43 -8.36 -5.55 -8.13
C THR A 43 -8.35 -6.06 -6.69
N VAL A 44 -7.23 -5.84 -6.00
CA VAL A 44 -7.09 -6.27 -4.62
C VAL A 44 -7.08 -5.08 -3.66
N THR A 45 -7.87 -5.18 -2.59
CA THR A 45 -7.96 -4.10 -1.61
C THR A 45 -7.78 -4.65 -0.19
N VAL A 46 -6.78 -4.13 0.51
CA VAL A 46 -6.51 -4.55 1.87
C VAL A 46 -7.31 -3.75 2.88
N GLU A 47 -7.86 -4.43 3.89
CA GLU A 47 -8.65 -3.77 4.91
C GLU A 47 -8.12 -4.09 6.31
N GLY A 48 -7.74 -3.06 7.04
CA GLY A 48 -7.22 -3.25 8.38
C GLY A 48 -7.85 -2.32 9.39
N GLN A 49 -7.91 -2.75 10.65
CA GLN A 49 -8.50 -1.95 11.71
C GLN A 49 -7.51 -1.73 12.85
N LEU A 50 -7.70 -0.65 13.59
CA LEU A 50 -6.82 -0.33 14.71
C LEU A 50 -7.56 -0.44 16.04
N GLU A 51 -6.82 -0.76 17.09
CA GLU A 51 -7.41 -0.90 18.42
C GLU A 51 -6.71 0.02 19.42
N GLY A 52 -5.41 0.17 19.27
CA GLY A 52 -4.64 1.02 20.17
C GLY A 52 -4.10 0.26 21.36
N GLY A 53 -3.34 0.96 22.20
CA GLY A 53 -2.76 0.32 23.38
C GLY A 53 -1.37 -0.23 23.11
N SER A 54 -1.25 -1.55 23.22
CA SER A 54 0.04 -2.21 23.01
C SER A 54 -0.16 -3.67 22.60
N LEU A 55 0.55 -4.09 21.56
CA LEU A 55 0.45 -5.46 21.07
C LEU A 55 1.57 -6.33 21.64
N GLU A 56 1.37 -6.85 22.85
CA GLU A 56 2.36 -7.68 23.50
C GLU A 56 2.62 -8.94 22.69
N HIS A 57 3.35 -9.89 23.28
CA HIS A 57 3.66 -11.14 22.61
C HIS A 57 4.49 -12.05 23.51
N HIS A 58 3.86 -13.07 24.07
CA HIS A 58 4.54 -14.01 24.96
C HIS A 58 5.14 -13.28 26.16
N GLU B 2 4.48 -1.09 -17.40
CA GLU B 2 4.12 -1.62 -16.08
C GLU B 2 4.08 -0.51 -15.04
N ARG B 3 2.90 0.02 -14.79
CA ARG B 3 2.72 1.10 -13.81
C ARG B 3 2.03 0.58 -12.55
N VAL B 4 2.39 1.15 -11.41
CA VAL B 4 1.79 0.76 -10.13
C VAL B 4 1.11 1.93 -9.45
N ARG B 5 -0.15 1.75 -9.07
CA ARG B 5 -0.91 2.79 -8.42
C ARG B 5 -1.59 2.26 -7.16
N ILE B 6 -1.33 2.91 -6.04
CA ILE B 6 -1.91 2.50 -4.76
C ILE B 6 -2.64 3.66 -4.09
N SER B 7 -3.91 3.44 -3.76
CA SER B 7 -4.73 4.46 -3.11
C SER B 7 -5.09 4.06 -1.69
N ILE B 8 -5.00 5.00 -0.76
CA ILE B 8 -5.32 4.74 0.63
C ILE B 8 -6.60 5.47 1.05
N THR B 9 -7.47 4.76 1.75
CA THR B 9 -8.73 5.34 2.21
C THR B 9 -8.66 5.70 3.69
N ALA B 10 -7.94 6.77 4.00
CA ALA B 10 -7.81 7.23 5.37
C ALA B 10 -8.73 8.41 5.66
N ARG B 11 -8.89 8.73 6.95
CA ARG B 11 -9.76 9.83 7.35
C ARG B 11 -9.04 11.17 7.20
N THR B 12 -8.07 11.41 8.07
CA THR B 12 -7.30 12.65 8.03
C THR B 12 -6.11 12.55 7.08
N LYS B 13 -5.26 13.56 7.09
CA LYS B 13 -4.09 13.57 6.22
C LYS B 13 -2.92 12.86 6.89
N LYS B 14 -2.79 13.03 8.21
CA LYS B 14 -1.71 12.41 8.96
C LYS B 14 -1.75 10.89 8.81
N GLU B 15 -2.95 10.35 8.68
CA GLU B 15 -3.14 8.91 8.52
C GLU B 15 -2.58 8.43 7.18
N ALA B 16 -2.96 9.12 6.11
CA ALA B 16 -2.51 8.78 4.77
C ALA B 16 -1.02 9.06 4.60
N GLU B 17 -0.57 10.18 5.17
CA GLU B 17 0.83 10.56 5.09
C GLU B 17 1.72 9.53 5.78
N LYS B 18 1.23 8.98 6.88
CA LYS B 18 1.98 7.98 7.63
C LYS B 18 2.22 6.73 6.79
N PHE B 19 1.27 6.42 5.92
CA PHE B 19 1.37 5.26 5.05
C PHE B 19 2.21 5.56 3.81
N ALA B 20 2.02 6.77 3.27
CA ALA B 20 2.76 7.19 2.09
C ALA B 20 4.27 7.08 2.31
N ALA B 21 4.72 7.53 3.47
CA ALA B 21 6.13 7.49 3.81
C ALA B 21 6.71 6.10 3.59
N ILE B 22 6.00 5.08 4.08
CA ILE B 22 6.44 3.70 3.93
C ILE B 22 6.39 3.25 2.47
N LEU B 23 5.27 3.52 1.81
CA LEU B 23 5.10 3.15 0.42
C LEU B 23 6.25 3.66 -0.43
N ILE B 24 6.72 4.87 -0.11
CA ILE B 24 7.82 5.46 -0.85
C ILE B 24 9.08 4.62 -0.73
N LYS B 25 9.37 4.15 0.48
CA LYS B 25 10.54 3.32 0.74
C LYS B 25 10.44 1.99 -0.01
N VAL B 26 9.25 1.40 0.01
CA VAL B 26 9.02 0.12 -0.66
C VAL B 26 9.17 0.27 -2.17
N PHE B 27 8.67 1.37 -2.70
CA PHE B 27 8.76 1.63 -4.14
C PHE B 27 10.20 1.93 -4.56
N ALA B 28 10.88 2.73 -3.74
CA ALA B 28 12.26 3.09 -4.04
C ALA B 28 13.16 1.86 -4.04
N GLU B 29 13.01 1.02 -3.03
CA GLU B 29 13.80 -0.20 -2.91
C GLU B 29 13.44 -1.20 -4.01
N LEU B 30 12.28 -1.01 -4.61
CA LEU B 30 11.81 -1.89 -5.67
C LEU B 30 12.24 -1.37 -7.04
N GLY B 31 12.92 -0.23 -7.04
CA GLY B 31 13.38 0.36 -8.30
C GLY B 31 12.33 1.26 -8.93
N TYR B 32 11.30 1.59 -8.17
CA TYR B 32 10.22 2.44 -8.67
C TYR B 32 10.48 3.90 -8.30
N ASN B 33 11.74 4.30 -8.31
CA ASN B 33 12.12 5.66 -7.97
C ASN B 33 11.28 6.67 -8.75
N ASP B 34 11.24 7.90 -8.27
CA ASP B 34 10.47 8.96 -8.93
C ASP B 34 8.97 8.70 -8.80
N ILE B 35 8.46 8.72 -7.57
CA ILE B 35 7.05 8.48 -7.32
C ILE B 35 6.27 9.79 -7.30
N ASN B 36 5.01 9.73 -7.71
CA ASN B 36 4.15 10.91 -7.75
C ASN B 36 2.86 10.66 -6.97
N VAL B 37 2.63 11.47 -5.94
CA VAL B 37 1.43 11.34 -5.13
C VAL B 37 0.39 12.38 -5.51
N THR B 38 -0.87 11.95 -5.59
CA THR B 38 -1.96 12.85 -5.95
C THR B 38 -3.17 12.65 -5.03
N TRP B 39 -3.48 13.67 -4.24
CA TRP B 39 -4.60 13.61 -3.31
C TRP B 39 -5.84 14.26 -3.92
N ASP B 40 -6.94 13.52 -3.95
CA ASP B 40 -8.18 14.02 -4.50
C ASP B 40 -9.32 13.86 -3.50
N GLY B 41 -9.66 14.94 -2.80
CA GLY B 41 -10.73 14.89 -1.82
C GLY B 41 -10.24 14.47 -0.45
N ASP B 42 -10.18 13.16 -0.23
CA ASP B 42 -9.73 12.62 1.05
C ASP B 42 -9.04 11.27 0.85
N THR B 43 -8.63 10.99 -0.38
CA THR B 43 -7.95 9.74 -0.70
C THR B 43 -6.62 9.99 -1.39
N VAL B 44 -5.54 9.48 -0.79
CA VAL B 44 -4.22 9.65 -1.36
C VAL B 44 -3.86 8.49 -2.29
N THR B 45 -3.46 8.83 -3.51
CA THR B 45 -3.10 7.81 -4.50
C THR B 45 -1.66 8.01 -4.98
N VAL B 46 -0.83 7.01 -4.72
CA VAL B 46 0.57 7.06 -5.12
C VAL B 46 0.78 6.42 -6.48
N GLU B 47 1.57 7.06 -7.33
CA GLU B 47 1.85 6.56 -8.67
C GLU B 47 3.34 6.36 -8.88
N GLY B 48 3.73 5.13 -9.22
CA GLY B 48 5.13 4.85 -9.44
C GLY B 48 5.36 4.05 -10.72
N GLN B 49 6.52 4.27 -11.34
CA GLN B 49 6.86 3.58 -12.58
C GLN B 49 8.11 2.73 -12.40
N LEU B 50 8.21 1.66 -13.20
CA LEU B 50 9.37 0.77 -13.13
C LEU B 50 10.23 0.89 -14.38
N GLU B 51 11.54 0.73 -14.20
CA GLU B 51 12.47 0.82 -15.32
C GLU B 51 12.92 -0.56 -15.77
N GLY B 52 12.00 -1.53 -15.72
CA GLY B 52 12.32 -2.88 -16.14
C GLY B 52 11.67 -3.26 -17.45
N GLY B 53 11.76 -4.53 -17.81
CA GLY B 53 11.19 -4.99 -19.06
C GLY B 53 9.71 -5.32 -18.93
N SER B 54 9.37 -6.59 -19.13
CA SER B 54 7.98 -7.03 -19.04
C SER B 54 7.90 -8.54 -18.83
N LEU B 55 8.75 -9.27 -19.55
CA LEU B 55 8.79 -10.73 -19.45
C LEU B 55 7.40 -11.31 -19.72
N GLU B 56 6.60 -10.59 -20.50
CA GLU B 56 5.25 -11.04 -20.84
C GLU B 56 4.62 -10.13 -21.89
N HIS B 57 3.33 -10.32 -22.13
CA HIS B 57 2.60 -9.52 -23.11
C HIS B 57 1.11 -9.86 -23.10
N HIS B 58 0.55 -9.99 -21.89
CA HIS B 58 -0.86 -10.31 -21.75
C HIS B 58 -1.68 -9.06 -21.41
N GLU A 2 -10.91 3.69 14.09
CA GLU A 2 -9.93 4.03 13.07
C GLU A 2 -9.72 2.86 12.11
N ARG A 3 -10.28 2.99 10.91
CA ARG A 3 -10.15 1.94 9.90
C ARG A 3 -9.24 2.39 8.77
N VAL A 4 -8.51 1.44 8.18
CA VAL A 4 -7.60 1.74 7.09
C VAL A 4 -7.79 0.77 5.93
N ARG A 5 -8.04 1.31 4.74
CA ARG A 5 -8.24 0.50 3.55
C ARG A 5 -7.38 0.99 2.40
N ILE A 6 -6.52 0.09 1.89
CA ILE A 6 -5.64 0.44 0.79
C ILE A 6 -5.89 -0.46 -0.42
N SER A 7 -6.16 0.15 -1.57
CA SER A 7 -6.42 -0.60 -2.79
C SER A 7 -5.30 -0.40 -3.80
N ILE A 8 -4.72 -1.50 -4.26
CA ILE A 8 -3.63 -1.45 -5.23
C ILE A 8 -4.09 -1.97 -6.59
N THR A 9 -3.71 -1.26 -7.65
CA THR A 9 -4.07 -1.64 -9.01
C THR A 9 -2.85 -2.10 -9.80
N ALA A 10 -2.58 -3.40 -9.79
CA ALA A 10 -1.44 -3.95 -10.51
C ALA A 10 -1.89 -4.62 -11.80
N ARG A 11 -0.91 -4.96 -12.65
CA ARG A 11 -1.20 -5.61 -13.92
C ARG A 11 -1.56 -7.08 -13.72
N THR A 12 -0.59 -7.86 -13.26
CA THR A 12 -0.81 -9.28 -13.02
C THR A 12 -1.08 -9.56 -11.55
N LYS A 13 -1.66 -10.72 -11.26
CA LYS A 13 -1.97 -11.11 -9.89
C LYS A 13 -0.69 -11.23 -9.07
N LYS A 14 0.36 -11.79 -9.67
CA LYS A 14 1.63 -11.96 -8.99
C LYS A 14 2.17 -10.61 -8.51
N GLU A 15 1.91 -9.57 -9.28
CA GLU A 15 2.37 -8.23 -8.94
C GLU A 15 1.68 -7.71 -7.68
N ALA A 16 0.35 -7.78 -7.69
CA ALA A 16 -0.44 -7.32 -6.56
C ALA A 16 -0.09 -8.09 -5.29
N GLU A 17 0.10 -9.41 -5.44
CA GLU A 17 0.44 -10.27 -4.32
C GLU A 17 1.72 -9.80 -3.64
N LYS A 18 2.70 -9.37 -4.45
CA LYS A 18 3.97 -8.90 -3.93
C LYS A 18 3.78 -7.67 -3.05
N PHE A 19 2.87 -6.79 -3.47
CA PHE A 19 2.58 -5.57 -2.73
C PHE A 19 1.87 -5.88 -1.41
N ALA A 20 0.88 -6.76 -1.48
CA ALA A 20 0.12 -7.15 -0.29
C ALA A 20 1.05 -7.68 0.80
N ALA A 21 2.01 -8.51 0.40
CA ALA A 21 2.95 -9.08 1.35
C ALA A 21 3.60 -8.00 2.22
N ILE A 22 4.03 -6.92 1.57
CA ILE A 22 4.66 -5.81 2.28
C ILE A 22 3.64 -5.07 3.16
N LEU A 23 2.51 -4.73 2.56
CA LEU A 23 1.46 -4.01 3.29
C LEU A 23 1.09 -4.75 4.57
N ILE A 24 1.03 -6.07 4.51
CA ILE A 24 0.70 -6.88 5.67
C ILE A 24 1.70 -6.65 6.80
N LYS A 25 2.98 -6.59 6.45
CA LYS A 25 4.03 -6.37 7.43
C LYS A 25 3.93 -4.98 8.05
N VAL A 26 3.64 -3.99 7.21
CA VAL A 26 3.51 -2.61 7.68
C VAL A 26 2.32 -2.46 8.62
N PHE A 27 1.22 -3.14 8.29
CA PHE A 27 0.01 -3.08 9.10
C PHE A 27 0.22 -3.81 10.43
N ALA A 28 0.87 -4.97 10.36
CA ALA A 28 1.13 -5.76 11.56
C ALA A 28 2.04 -5.00 12.53
N GLU A 29 3.09 -4.41 11.99
CA GLU A 29 4.04 -3.66 12.82
C GLU A 29 3.41 -2.38 13.36
N LEU A 30 2.31 -1.96 12.72
CA LEU A 30 1.61 -0.76 13.14
C LEU A 30 0.52 -1.07 14.15
N GLY A 31 0.36 -2.37 14.45
CA GLY A 31 -0.65 -2.78 15.40
C GLY A 31 -2.01 -3.02 14.75
N TYR A 32 -2.01 -3.10 13.43
CA TYR A 32 -3.25 -3.33 12.68
C TYR A 32 -3.44 -4.81 12.38
N ASN A 33 -3.01 -5.65 13.32
CA ASN A 33 -3.14 -7.10 13.16
C ASN A 33 -4.56 -7.47 12.75
N ASP A 34 -4.72 -8.68 12.21
CA ASP A 34 -6.02 -9.17 11.79
C ASP A 34 -6.50 -8.41 10.54
N ILE A 35 -5.69 -8.44 9.50
CA ILE A 35 -6.02 -7.77 8.25
C ILE A 35 -6.87 -8.66 7.35
N ASN A 36 -7.74 -8.04 6.56
CA ASN A 36 -8.60 -8.79 5.65
C ASN A 36 -8.51 -8.21 4.23
N VAL A 37 -8.18 -9.07 3.27
CA VAL A 37 -8.07 -8.66 1.88
C VAL A 37 -9.30 -9.06 1.08
N THR A 38 -9.79 -8.15 0.24
CA THR A 38 -10.95 -8.42 -0.59
C THR A 38 -10.70 -8.06 -2.04
N TRP A 39 -10.74 -9.06 -2.91
CA TRP A 39 -10.51 -8.84 -4.34
C TRP A 39 -11.83 -8.83 -5.10
N ASP A 40 -11.92 -7.96 -6.10
CA ASP A 40 -13.12 -7.84 -6.91
C ASP A 40 -12.77 -7.60 -8.38
N GLY A 41 -12.85 -8.65 -9.18
CA GLY A 41 -12.53 -8.53 -10.59
C GLY A 41 -11.06 -8.67 -10.87
N ASP A 42 -10.32 -7.57 -10.75
CA ASP A 42 -8.88 -7.58 -11.00
C ASP A 42 -8.18 -6.57 -10.10
N THR A 43 -8.85 -6.16 -9.03
CA THR A 43 -8.29 -5.19 -8.10
C THR A 43 -8.32 -5.72 -6.67
N VAL A 44 -7.17 -5.71 -6.01
CA VAL A 44 -7.07 -6.19 -4.63
C VAL A 44 -7.02 -5.03 -3.65
N THR A 45 -7.81 -5.11 -2.59
CA THR A 45 -7.86 -4.07 -1.58
C THR A 45 -7.69 -4.65 -0.18
N VAL A 46 -6.76 -4.09 0.58
CA VAL A 46 -6.50 -4.56 1.94
C VAL A 46 -7.29 -3.75 2.95
N GLU A 47 -7.84 -4.44 3.95
CA GLU A 47 -8.63 -3.78 4.99
C GLU A 47 -8.10 -4.13 6.37
N GLY A 48 -7.67 -3.11 7.12
CA GLY A 48 -7.15 -3.32 8.45
C GLY A 48 -7.79 -2.42 9.48
N GLN A 49 -7.82 -2.88 10.73
CA GLN A 49 -8.42 -2.10 11.81
C GLN A 49 -7.45 -1.97 12.97
N LEU A 50 -7.57 -0.87 13.72
CA LEU A 50 -6.70 -0.62 14.86
C LEU A 50 -7.50 -0.64 16.16
N GLU A 51 -6.85 -1.06 17.25
CA GLU A 51 -7.49 -1.12 18.55
C GLU A 51 -6.84 -0.15 19.53
N GLY A 52 -5.55 0.12 19.32
CA GLY A 52 -4.83 1.04 20.19
C GLY A 52 -4.59 0.45 21.56
N GLY A 53 -3.60 -0.44 21.65
CA GLY A 53 -3.28 -1.06 22.92
C GLY A 53 -1.83 -1.53 23.00
N SER A 54 -1.64 -2.80 23.33
CA SER A 54 -0.29 -3.36 23.43
C SER A 54 -0.29 -4.82 23.02
N LEU A 55 0.64 -5.17 22.12
CA LEU A 55 0.76 -6.54 21.64
C LEU A 55 1.81 -7.31 22.41
N GLU A 56 1.55 -7.53 23.70
CA GLU A 56 2.48 -8.25 24.56
C GLU A 56 2.52 -9.73 24.18
N HIS A 57 1.50 -10.19 23.47
CA HIS A 57 1.42 -11.58 23.05
C HIS A 57 2.72 -12.00 22.36
N HIS A 58 3.10 -13.26 22.56
CA HIS A 58 4.32 -13.79 21.95
C HIS A 58 3.98 -14.78 20.84
N GLU B 2 4.81 -1.08 -17.36
CA GLU B 2 4.49 -1.62 -16.04
C GLU B 2 4.33 -0.50 -15.02
N ARG B 3 3.12 0.02 -14.91
CA ARG B 3 2.82 1.09 -13.98
C ARG B 3 2.11 0.56 -12.74
N VAL B 4 2.38 1.19 -11.59
CA VAL B 4 1.76 0.77 -10.33
C VAL B 4 1.19 1.96 -9.58
N ARG B 5 -0.10 1.89 -9.25
CA ARG B 5 -0.76 2.97 -8.53
C ARG B 5 -1.53 2.43 -7.32
N ILE B 6 -1.24 2.98 -6.15
CA ILE B 6 -1.91 2.55 -4.92
C ILE B 6 -2.64 3.71 -4.26
N SER B 7 -3.93 3.52 -4.00
CA SER B 7 -4.74 4.56 -3.38
C SER B 7 -5.14 4.14 -1.96
N ILE B 8 -4.83 5.01 -1.00
CA ILE B 8 -5.15 4.75 0.40
C ILE B 8 -6.23 5.69 0.90
N THR B 9 -7.20 5.13 1.63
CA THR B 9 -8.29 5.93 2.17
C THR B 9 -8.26 5.95 3.69
N ALA B 10 -8.02 7.14 4.25
CA ALA B 10 -7.95 7.29 5.71
C ALA B 10 -8.94 8.35 6.18
N ARG B 11 -9.14 8.42 7.50
CA ARG B 11 -10.06 9.38 8.08
C ARG B 11 -9.46 10.78 8.07
N THR B 12 -8.17 10.87 8.37
CA THR B 12 -7.48 12.15 8.40
C THR B 12 -6.29 12.16 7.42
N LYS B 13 -5.88 13.35 7.02
CA LYS B 13 -4.76 13.50 6.09
C LYS B 13 -3.46 12.98 6.72
N LYS B 14 -3.30 13.20 8.01
CA LYS B 14 -2.12 12.74 8.73
C LYS B 14 -1.95 11.23 8.60
N GLU B 15 -3.07 10.51 8.57
CA GLU B 15 -3.04 9.06 8.44
C GLU B 15 -2.52 8.64 7.08
N ALA B 16 -2.81 9.44 6.06
CA ALA B 16 -2.37 9.15 4.70
C ALA B 16 -0.85 9.29 4.58
N GLU B 17 -0.32 10.35 5.17
CA GLU B 17 1.11 10.61 5.12
C GLU B 17 1.88 9.52 5.87
N LYS B 18 1.31 9.05 6.97
CA LYS B 18 1.94 8.01 7.78
C LYS B 18 2.14 6.74 6.96
N PHE B 19 1.24 6.49 6.01
CA PHE B 19 1.32 5.31 5.16
C PHE B 19 2.12 5.61 3.90
N ALA B 20 1.90 6.80 3.34
CA ALA B 20 2.60 7.20 2.12
C ALA B 20 4.11 7.11 2.30
N ALA B 21 4.59 7.54 3.46
CA ALA B 21 6.02 7.50 3.76
C ALA B 21 6.59 6.10 3.57
N ILE B 22 5.86 5.11 4.07
CA ILE B 22 6.29 3.72 3.95
C ILE B 22 6.24 3.25 2.50
N LEU B 23 5.12 3.49 1.84
CA LEU B 23 4.94 3.10 0.46
C LEU B 23 6.09 3.61 -0.41
N ILE B 24 6.52 4.84 -0.15
CA ILE B 24 7.62 5.45 -0.89
C ILE B 24 8.89 4.62 -0.76
N LYS B 25 9.18 4.19 0.46
CA LYS B 25 10.37 3.40 0.72
C LYS B 25 10.30 2.05 0.00
N VAL B 26 9.12 1.43 0.04
CA VAL B 26 8.92 0.14 -0.61
C VAL B 26 9.08 0.25 -2.12
N PHE B 27 8.55 1.33 -2.69
CA PHE B 27 8.63 1.57 -4.12
C PHE B 27 10.06 1.85 -4.55
N ALA B 28 10.76 2.67 -3.76
CA ALA B 28 12.14 3.03 -4.05
C ALA B 28 13.04 1.80 -4.03
N GLU B 29 12.87 0.97 -3.00
CA GLU B 29 13.68 -0.25 -2.86
C GLU B 29 13.31 -1.27 -3.94
N LEU B 30 12.13 -1.09 -4.53
CA LEU B 30 11.67 -1.99 -5.58
C LEU B 30 12.10 -1.51 -6.96
N GLY B 31 12.79 -0.37 -6.99
CA GLY B 31 13.25 0.18 -8.25
C GLY B 31 12.22 1.09 -8.90
N TYR B 32 11.18 1.43 -8.15
CA TYR B 32 10.12 2.29 -8.66
C TYR B 32 10.38 3.74 -8.29
N ASN B 33 11.66 4.13 -8.27
CA ASN B 33 12.04 5.50 -7.94
C ASN B 33 11.24 6.51 -8.75
N ASP B 34 11.20 7.75 -8.28
CA ASP B 34 10.48 8.81 -8.96
C ASP B 34 8.97 8.60 -8.84
N ILE B 35 8.49 8.56 -7.60
CA ILE B 35 7.06 8.38 -7.34
C ILE B 35 6.33 9.71 -7.29
N ASN B 36 5.07 9.70 -7.70
CA ASN B 36 4.25 10.90 -7.68
C ASN B 36 2.95 10.68 -6.94
N VAL B 37 2.69 11.53 -5.94
CA VAL B 37 1.48 11.43 -5.14
C VAL B 37 0.44 12.47 -5.57
N THR B 38 -0.82 12.04 -5.68
CA THR B 38 -1.89 12.93 -6.07
C THR B 38 -3.09 12.81 -5.13
N TRP B 39 -3.52 13.94 -4.59
CA TRP B 39 -4.66 13.96 -3.67
C TRP B 39 -5.90 14.50 -4.35
N ASP B 40 -6.95 13.69 -4.40
CA ASP B 40 -8.21 14.08 -5.03
C ASP B 40 -9.39 13.55 -4.24
N GLY B 41 -10.31 14.45 -3.86
CA GLY B 41 -11.48 14.05 -3.11
C GLY B 41 -11.13 13.50 -1.75
N ASP B 42 -10.25 14.20 -1.03
CA ASP B 42 -9.84 13.77 0.30
C ASP B 42 -9.20 12.40 0.25
N THR B 43 -8.73 12.00 -0.93
CA THR B 43 -8.10 10.70 -1.10
C THR B 43 -6.72 10.84 -1.74
N VAL B 44 -5.73 10.16 -1.15
CA VAL B 44 -4.37 10.22 -1.65
C VAL B 44 -4.01 8.94 -2.40
N THR B 45 -3.42 9.10 -3.59
CA THR B 45 -3.04 7.95 -4.41
C THR B 45 -1.60 8.09 -4.90
N VAL B 46 -0.79 7.07 -4.65
CA VAL B 46 0.60 7.08 -5.08
C VAL B 46 0.76 6.47 -6.46
N GLU B 47 1.60 7.09 -7.29
CA GLU B 47 1.84 6.60 -8.64
C GLU B 47 3.34 6.39 -8.88
N GLY B 48 3.71 5.16 -9.20
CA GLY B 48 5.11 4.84 -9.45
C GLY B 48 5.30 4.04 -10.73
N GLN B 49 6.46 4.20 -11.35
CA GLN B 49 6.76 3.49 -12.58
C GLN B 49 8.08 2.71 -12.45
N LEU B 50 8.20 1.64 -13.23
CA LEU B 50 9.41 0.82 -13.20
C LEU B 50 10.20 0.98 -14.49
N GLU B 51 11.53 1.00 -14.37
CA GLU B 51 12.40 1.15 -15.53
C GLU B 51 13.20 -0.14 -15.77
N GLY B 52 13.51 -0.85 -14.69
CA GLY B 52 14.27 -2.07 -14.80
C GLY B 52 15.04 -2.40 -13.53
N GLY B 53 14.32 -2.83 -12.50
CA GLY B 53 14.94 -3.16 -11.24
C GLY B 53 14.10 -4.09 -10.39
N SER B 54 14.71 -4.69 -9.38
CA SER B 54 14.00 -5.61 -8.50
C SER B 54 14.68 -5.68 -7.13
N LEU B 55 15.92 -6.15 -7.11
CA LEU B 55 16.67 -6.26 -5.86
C LEU B 55 15.85 -6.99 -4.80
N GLU B 56 15.05 -7.96 -5.22
CA GLU B 56 14.22 -8.72 -4.31
C GLU B 56 15.06 -9.68 -3.47
N HIS B 57 14.64 -9.92 -2.24
CA HIS B 57 15.37 -10.81 -1.33
C HIS B 57 14.65 -10.92 0.00
N HIS B 58 14.66 -12.11 0.59
CA HIS B 58 14.02 -12.35 1.87
C HIS B 58 14.88 -11.85 3.02
N GLU A 2 -11.35 4.18 12.90
CA GLU A 2 -9.94 3.94 12.63
C GLU A 2 -9.75 2.81 11.63
N ARG A 3 -10.61 2.78 10.62
CA ARG A 3 -10.54 1.74 9.59
C ARG A 3 -9.69 2.21 8.41
N VAL A 4 -8.64 1.45 8.11
CA VAL A 4 -7.76 1.78 6.99
C VAL A 4 -7.88 0.76 5.87
N ARG A 5 -8.18 1.24 4.67
CA ARG A 5 -8.34 0.38 3.51
C ARG A 5 -7.52 0.90 2.33
N ILE A 6 -6.60 0.08 1.84
CA ILE A 6 -5.76 0.47 0.71
C ILE A 6 -6.00 -0.44 -0.49
N SER A 7 -6.31 0.17 -1.63
CA SER A 7 -6.56 -0.59 -2.85
C SER A 7 -5.43 -0.40 -3.86
N ILE A 8 -4.86 -1.52 -4.30
CA ILE A 8 -3.76 -1.47 -5.27
C ILE A 8 -4.19 -2.05 -6.61
N THR A 9 -3.83 -1.35 -7.69
CA THR A 9 -4.18 -1.80 -9.04
C THR A 9 -2.93 -2.19 -9.82
N ALA A 10 -2.64 -3.49 -9.84
CA ALA A 10 -1.48 -4.00 -10.56
C ALA A 10 -1.89 -4.61 -11.90
N ARG A 11 -0.89 -4.90 -12.73
CA ARG A 11 -1.15 -5.49 -14.05
C ARG A 11 -1.54 -6.96 -13.92
N THR A 12 -0.94 -7.64 -12.94
CA THR A 12 -1.22 -9.05 -12.71
C THR A 12 -1.35 -9.35 -11.23
N LYS A 13 -2.01 -10.46 -10.90
CA LYS A 13 -2.20 -10.86 -9.52
C LYS A 13 -0.86 -11.00 -8.80
N LYS A 14 0.12 -11.56 -9.50
CA LYS A 14 1.46 -11.75 -8.94
C LYS A 14 2.06 -10.41 -8.50
N GLU A 15 1.81 -9.37 -9.29
CA GLU A 15 2.32 -8.05 -9.00
C GLU A 15 1.68 -7.48 -7.73
N ALA A 16 0.35 -7.49 -7.70
CA ALA A 16 -0.38 -6.98 -6.56
C ALA A 16 -0.05 -7.78 -5.29
N GLU A 17 0.03 -9.09 -5.43
CA GLU A 17 0.33 -9.96 -4.30
C GLU A 17 1.68 -9.58 -3.67
N LYS A 18 2.65 -9.25 -4.52
CA LYS A 18 3.98 -8.87 -4.06
C LYS A 18 3.90 -7.63 -3.17
N PHE A 19 2.95 -6.76 -3.46
CA PHE A 19 2.77 -5.53 -2.68
C PHE A 19 2.01 -5.80 -1.39
N ALA A 20 1.01 -6.68 -1.49
CA ALA A 20 0.20 -7.04 -0.32
C ALA A 20 1.07 -7.54 0.82
N ALA A 21 2.04 -8.40 0.49
CA ALA A 21 2.94 -8.96 1.49
C ALA A 21 3.57 -7.85 2.34
N ILE A 22 4.04 -6.80 1.67
CA ILE A 22 4.67 -5.69 2.37
C ILE A 22 3.65 -4.91 3.20
N LEU A 23 2.52 -4.57 2.59
CA LEU A 23 1.46 -3.84 3.27
C LEU A 23 1.05 -4.54 4.56
N ILE A 24 0.99 -5.87 4.51
CA ILE A 24 0.61 -6.66 5.66
C ILE A 24 1.59 -6.46 6.82
N LYS A 25 2.88 -6.42 6.48
CA LYS A 25 3.92 -6.23 7.49
C LYS A 25 3.83 -4.83 8.10
N VAL A 26 3.60 -3.83 7.25
CA VAL A 26 3.49 -2.44 7.70
C VAL A 26 2.28 -2.27 8.61
N PHE A 27 1.17 -2.91 8.26
CA PHE A 27 -0.05 -2.82 9.05
C PHE A 27 0.11 -3.53 10.38
N ALA A 28 0.74 -4.71 10.36
CA ALA A 28 0.95 -5.48 11.57
C ALA A 28 1.84 -4.73 12.56
N GLU A 29 2.92 -4.15 12.05
CA GLU A 29 3.84 -3.40 12.90
C GLU A 29 3.21 -2.10 13.38
N LEU A 30 2.15 -1.68 12.70
CA LEU A 30 1.44 -0.46 13.06
C LEU A 30 0.32 -0.75 14.06
N GLY A 31 0.17 -2.02 14.41
CA GLY A 31 -0.88 -2.41 15.34
C GLY A 31 -2.19 -2.69 14.65
N TYR A 32 -2.16 -2.77 13.33
CA TYR A 32 -3.37 -3.04 12.56
C TYR A 32 -3.49 -4.54 12.25
N ASN A 33 -3.05 -5.36 13.19
CA ASN A 33 -3.12 -6.80 13.03
C ASN A 33 -4.52 -7.25 12.61
N ASP A 34 -4.61 -8.45 12.06
CA ASP A 34 -5.89 -9.00 11.63
C ASP A 34 -6.39 -8.27 10.38
N ILE A 35 -5.58 -8.29 9.32
CA ILE A 35 -5.93 -7.63 8.07
C ILE A 35 -6.73 -8.57 7.17
N ASN A 36 -7.66 -8.01 6.40
CA ASN A 36 -8.48 -8.78 5.49
C ASN A 36 -8.38 -8.25 4.08
N VAL A 37 -8.04 -9.13 3.13
CA VAL A 37 -7.91 -8.75 1.74
C VAL A 37 -9.12 -9.20 0.92
N THR A 38 -9.63 -8.30 0.08
CA THR A 38 -10.79 -8.61 -0.74
C THR A 38 -10.54 -8.25 -2.21
N TRP A 39 -10.76 -9.21 -3.10
CA TRP A 39 -10.55 -8.99 -4.52
C TRP A 39 -11.87 -9.00 -5.27
N ASP A 40 -12.00 -8.10 -6.24
CA ASP A 40 -13.22 -8.01 -7.03
C ASP A 40 -12.90 -7.83 -8.52
N GLY A 41 -12.99 -8.92 -9.27
CA GLY A 41 -12.69 -8.87 -10.69
C GLY A 41 -11.21 -9.01 -10.98
N ASP A 42 -10.47 -7.93 -10.80
CA ASP A 42 -9.03 -7.93 -11.04
C ASP A 42 -8.32 -6.88 -10.19
N THR A 43 -8.98 -6.47 -9.10
CA THR A 43 -8.41 -5.48 -8.20
C THR A 43 -8.39 -6.00 -6.77
N VAL A 44 -7.24 -5.83 -6.11
CA VAL A 44 -7.08 -6.27 -4.73
C VAL A 44 -7.06 -5.09 -3.78
N THR A 45 -7.83 -5.19 -2.70
CA THR A 45 -7.90 -4.13 -1.70
C THR A 45 -7.72 -4.68 -0.30
N VAL A 46 -6.77 -4.11 0.44
CA VAL A 46 -6.49 -4.54 1.80
C VAL A 46 -7.31 -3.75 2.81
N GLU A 47 -7.84 -4.43 3.82
CA GLU A 47 -8.65 -3.79 4.85
C GLU A 47 -8.11 -4.10 6.24
N GLY A 48 -7.74 -3.06 6.97
CA GLY A 48 -7.22 -3.24 8.32
C GLY A 48 -7.90 -2.36 9.33
N GLN A 49 -7.94 -2.81 10.58
CA GLN A 49 -8.57 -2.05 11.65
C GLN A 49 -7.62 -1.88 12.83
N LEU A 50 -7.66 -0.70 13.44
CA LEU A 50 -6.79 -0.40 14.58
C LEU A 50 -7.54 -0.61 15.89
N GLU A 51 -6.81 -1.02 16.93
CA GLU A 51 -7.39 -1.25 18.24
C GLU A 51 -6.82 -0.29 19.27
N GLY A 52 -5.55 0.07 19.10
CA GLY A 52 -4.91 0.97 20.04
C GLY A 52 -3.40 0.85 20.01
N GLY A 53 -2.87 -0.08 20.80
CA GLY A 53 -1.44 -0.28 20.86
C GLY A 53 -1.03 -1.36 21.84
N SER A 54 -0.17 -2.27 21.40
CA SER A 54 0.29 -3.37 22.24
C SER A 54 1.57 -3.98 21.69
N LEU A 55 1.63 -4.12 20.37
CA LEU A 55 2.81 -4.70 19.72
C LEU A 55 3.14 -6.07 20.30
N GLU A 56 2.12 -6.74 20.83
CA GLU A 56 2.30 -8.07 21.41
C GLU A 56 2.37 -9.13 20.32
N HIS A 57 2.87 -10.30 20.68
CA HIS A 57 2.99 -11.42 19.74
C HIS A 57 3.58 -12.65 20.42
N HIS A 58 3.02 -13.81 20.10
CA HIS A 58 3.50 -15.07 20.68
C HIS A 58 2.86 -16.27 19.97
N GLU B 2 4.35 -1.49 -16.72
CA GLU B 2 4.91 -1.70 -15.39
C GLU B 2 4.54 -0.55 -14.46
N ARG B 3 3.32 -0.05 -14.59
CA ARG B 3 2.84 1.05 -13.76
C ARG B 3 2.12 0.52 -12.52
N VAL B 4 2.39 1.15 -11.38
CA VAL B 4 1.76 0.73 -10.13
C VAL B 4 1.06 1.92 -9.46
N ARG B 5 -0.20 1.71 -9.07
CA ARG B 5 -0.97 2.76 -8.42
C ARG B 5 -1.63 2.23 -7.14
N ILE B 6 -1.35 2.89 -6.02
CA ILE B 6 -1.92 2.48 -4.74
C ILE B 6 -2.63 3.64 -4.06
N SER B 7 -3.90 3.42 -3.71
CA SER B 7 -4.69 4.46 -3.07
C SER B 7 -5.06 4.05 -1.64
N ILE B 8 -4.95 4.98 -0.71
CA ILE B 8 -5.28 4.72 0.69
C ILE B 8 -6.54 5.46 1.11
N THR B 9 -7.42 4.75 1.82
CA THR B 9 -8.67 5.33 2.28
C THR B 9 -8.59 5.70 3.76
N ALA B 10 -7.87 6.77 4.06
CA ALA B 10 -7.71 7.23 5.43
C ALA B 10 -8.63 8.41 5.72
N ARG B 11 -8.81 8.71 7.00
CA ARG B 11 -9.67 9.82 7.42
C ARG B 11 -8.97 11.16 7.22
N THR B 12 -7.93 11.39 8.01
CA THR B 12 -7.17 12.63 7.93
C THR B 12 -5.91 12.45 7.08
N LYS B 13 -5.31 13.57 6.66
CA LYS B 13 -4.11 13.54 5.84
C LYS B 13 -2.95 12.92 6.62
N LYS B 14 -2.95 13.10 7.94
CA LYS B 14 -1.90 12.57 8.79
C LYS B 14 -1.81 11.05 8.66
N GLU B 15 -2.96 10.40 8.63
CA GLU B 15 -3.01 8.95 8.51
C GLU B 15 -2.47 8.50 7.16
N ALA B 16 -3.01 9.09 6.08
CA ALA B 16 -2.58 8.75 4.73
C ALA B 16 -1.09 9.04 4.54
N GLU B 17 -0.62 10.14 5.13
CA GLU B 17 0.78 10.53 5.03
C GLU B 17 1.68 9.51 5.70
N LYS B 18 1.24 9.00 6.84
CA LYS B 18 2.00 8.01 7.60
C LYS B 18 2.24 6.76 6.76
N PHE B 19 1.28 6.44 5.89
CA PHE B 19 1.39 5.27 5.03
C PHE B 19 2.22 5.57 3.79
N ALA B 20 2.03 6.77 3.25
CA ALA B 20 2.76 7.19 2.05
C ALA B 20 4.27 7.10 2.28
N ALA B 21 4.72 7.55 3.45
CA ALA B 21 6.14 7.51 3.77
C ALA B 21 6.72 6.12 3.55
N ILE B 22 6.02 5.10 4.05
CA ILE B 22 6.47 3.72 3.90
C ILE B 22 6.41 3.27 2.44
N LEU B 23 5.28 3.53 1.80
CA LEU B 23 5.09 3.16 0.39
C LEU B 23 6.25 3.68 -0.46
N ILE B 24 6.70 4.88 -0.16
CA ILE B 24 7.81 5.49 -0.91
C ILE B 24 9.07 4.63 -0.80
N LYS B 25 9.37 4.19 0.42
CA LYS B 25 10.55 3.36 0.66
C LYS B 25 10.44 2.03 -0.08
N VAL B 26 9.25 1.43 -0.05
CA VAL B 26 9.01 0.16 -0.71
C VAL B 26 9.16 0.30 -2.22
N PHE B 27 8.65 1.41 -2.76
CA PHE B 27 8.72 1.65 -4.19
C PHE B 27 10.15 1.96 -4.62
N ALA B 28 10.84 2.76 -3.83
CA ALA B 28 12.23 3.12 -4.13
C ALA B 28 13.13 1.89 -4.12
N GLU B 29 12.98 1.05 -3.12
CA GLU B 29 13.78 -0.17 -3.00
C GLU B 29 13.41 -1.17 -4.09
N LEU B 30 12.24 -0.98 -4.69
CA LEU B 30 11.76 -1.87 -5.75
C LEU B 30 12.19 -1.34 -7.12
N GLY B 31 12.84 -0.20 -7.13
CA GLY B 31 13.29 0.39 -8.39
C GLY B 31 12.24 1.27 -9.02
N TYR B 32 11.21 1.61 -8.26
CA TYR B 32 10.13 2.44 -8.76
C TYR B 32 10.37 3.91 -8.42
N ASN B 33 11.64 4.32 -8.43
CA ASN B 33 12.01 5.69 -8.11
C ASN B 33 11.16 6.68 -8.92
N ASP B 34 11.13 7.92 -8.46
CA ASP B 34 10.36 8.96 -9.13
C ASP B 34 8.86 8.73 -8.96
N ILE B 35 8.42 8.64 -7.71
CA ILE B 35 7.02 8.42 -7.41
C ILE B 35 6.25 9.74 -7.38
N ASN B 36 4.97 9.68 -7.75
CA ASN B 36 4.12 10.87 -7.75
C ASN B 36 2.84 10.63 -6.96
N VAL B 37 2.62 11.44 -5.94
CA VAL B 37 1.43 11.33 -5.11
C VAL B 37 0.38 12.37 -5.49
N THR B 38 -0.88 11.94 -5.56
CA THR B 38 -1.97 12.84 -5.91
C THR B 38 -3.16 12.64 -4.99
N TRP B 39 -3.47 13.65 -4.19
CA TRP B 39 -4.60 13.59 -3.27
C TRP B 39 -5.83 14.24 -3.86
N ASP B 40 -6.93 13.49 -3.88
CA ASP B 40 -8.20 14.00 -4.43
C ASP B 40 -9.33 13.83 -3.42
N GLY B 41 -9.66 14.91 -2.73
CA GLY B 41 -10.72 14.87 -1.73
C GLY B 41 -10.23 14.43 -0.37
N ASP B 42 -10.15 13.12 -0.15
CA ASP B 42 -9.70 12.59 1.12
C ASP B 42 -9.00 11.25 0.93
N THR B 43 -8.59 10.97 -0.31
CA THR B 43 -7.93 9.71 -0.63
C THR B 43 -6.59 9.96 -1.33
N VAL B 44 -5.52 9.47 -0.73
CA VAL B 44 -4.18 9.64 -1.30
C VAL B 44 -3.84 8.49 -2.24
N THR B 45 -3.43 8.83 -3.46
CA THR B 45 -3.06 7.82 -4.45
C THR B 45 -1.63 8.01 -4.93
N VAL B 46 -0.82 6.98 -4.74
CA VAL B 46 0.58 7.03 -5.15
C VAL B 46 0.79 6.38 -6.51
N GLU B 47 1.57 7.03 -7.37
CA GLU B 47 1.84 6.51 -8.70
C GLU B 47 3.33 6.26 -8.89
N GLY B 48 3.68 4.99 -9.11
CA GLY B 48 5.08 4.63 -9.30
C GLY B 48 5.30 3.80 -10.55
N GLN B 49 6.40 4.05 -11.25
CA GLN B 49 6.72 3.32 -12.46
C GLN B 49 8.07 2.61 -12.34
N LEU B 50 8.17 1.43 -12.93
CA LEU B 50 9.40 0.66 -12.88
C LEU B 50 10.26 0.92 -14.12
N GLU B 51 11.57 0.93 -13.93
CA GLU B 51 12.50 1.17 -15.03
C GLU B 51 13.07 -0.14 -15.55
N GLY B 52 12.25 -1.19 -15.53
CA GLY B 52 12.69 -2.48 -16.00
C GLY B 52 12.66 -2.59 -17.52
N GLY B 53 11.51 -2.25 -18.10
CA GLY B 53 11.38 -2.32 -19.55
C GLY B 53 12.32 -1.37 -20.26
N SER B 54 12.49 -0.18 -19.70
CA SER B 54 13.37 0.83 -20.29
C SER B 54 12.86 1.25 -21.67
N LEU B 55 12.21 2.40 -21.72
CA LEU B 55 11.67 2.92 -22.98
C LEU B 55 12.78 3.54 -23.82
N GLU B 56 13.46 2.72 -24.60
CA GLU B 56 14.54 3.19 -25.47
C GLU B 56 15.44 4.18 -24.71
N HIS B 57 16.23 4.92 -25.46
CA HIS B 57 17.14 5.90 -24.88
C HIS B 57 17.93 6.63 -25.96
N HIS B 58 18.42 5.87 -26.94
CA HIS B 58 19.21 6.45 -28.03
C HIS B 58 19.19 5.52 -29.25
N GLU A 2 -11.54 4.03 13.13
CA GLU A 2 -10.15 4.07 12.70
C GLU A 2 -9.83 2.91 11.76
N ARG A 3 -10.65 2.75 10.73
CA ARG A 3 -10.46 1.67 9.76
C ARG A 3 -9.63 2.15 8.58
N VAL A 4 -8.57 1.41 8.27
CA VAL A 4 -7.69 1.76 7.15
C VAL A 4 -7.87 0.79 5.99
N ARG A 5 -8.11 1.35 4.80
CA ARG A 5 -8.30 0.53 3.61
C ARG A 5 -7.43 1.03 2.47
N ILE A 6 -6.53 0.17 2.00
CA ILE A 6 -5.63 0.52 0.91
C ILE A 6 -5.87 -0.36 -0.31
N SER A 7 -6.12 0.28 -1.45
CA SER A 7 -6.37 -0.44 -2.69
C SER A 7 -5.20 -0.30 -3.66
N ILE A 8 -4.59 -1.41 -4.02
CA ILE A 8 -3.45 -1.41 -4.94
C ILE A 8 -3.83 -2.02 -6.27
N THR A 9 -3.42 -1.38 -7.36
CA THR A 9 -3.71 -1.85 -8.70
C THR A 9 -2.44 -2.26 -9.43
N ALA A 10 -2.43 -3.50 -9.94
CA ALA A 10 -1.28 -4.01 -10.66
C ALA A 10 -1.68 -4.60 -12.00
N ARG A 11 -0.69 -4.89 -12.84
CA ARG A 11 -0.95 -5.47 -14.16
C ARG A 11 -1.35 -6.93 -14.04
N THR A 12 -0.83 -7.61 -13.03
CA THR A 12 -1.13 -9.02 -12.81
C THR A 12 -1.27 -9.32 -11.32
N LYS A 13 -2.04 -10.36 -11.00
CA LYS A 13 -2.25 -10.76 -9.62
C LYS A 13 -0.93 -10.97 -8.90
N LYS A 14 0.05 -11.51 -9.62
CA LYS A 14 1.37 -11.77 -9.06
C LYS A 14 2.04 -10.46 -8.65
N GLU A 15 1.85 -9.42 -9.45
CA GLU A 15 2.45 -8.12 -9.17
C GLU A 15 1.84 -7.51 -7.89
N ALA A 16 0.52 -7.45 -7.86
CA ALA A 16 -0.18 -6.90 -6.71
C ALA A 16 0.06 -7.74 -5.45
N GLU A 17 0.15 -9.05 -5.63
CA GLU A 17 0.38 -9.96 -4.53
C GLU A 17 1.66 -9.61 -3.80
N LYS A 18 2.69 -9.26 -4.55
CA LYS A 18 3.98 -8.90 -3.98
C LYS A 18 3.87 -7.66 -3.10
N PHE A 19 2.94 -6.77 -3.45
CA PHE A 19 2.73 -5.55 -2.69
C PHE A 19 1.94 -5.84 -1.41
N ALA A 20 0.92 -6.68 -1.54
CA ALA A 20 0.08 -7.04 -0.40
C ALA A 20 0.92 -7.60 0.75
N ALA A 21 1.88 -8.45 0.39
CA ALA A 21 2.76 -9.06 1.40
C ALA A 21 3.43 -7.99 2.25
N ILE A 22 3.90 -6.94 1.60
CA ILE A 22 4.57 -5.85 2.31
C ILE A 22 3.59 -5.07 3.18
N LEU A 23 2.46 -4.69 2.60
CA LEU A 23 1.43 -3.95 3.33
C LEU A 23 1.05 -4.67 4.61
N ILE A 24 0.96 -5.99 4.54
CA ILE A 24 0.61 -6.79 5.70
C ILE A 24 1.62 -6.62 6.83
N LYS A 25 2.90 -6.64 6.47
CA LYS A 25 3.98 -6.47 7.44
C LYS A 25 3.93 -5.09 8.08
N VAL A 26 3.68 -4.07 7.26
CA VAL A 26 3.61 -2.70 7.75
C VAL A 26 2.44 -2.51 8.70
N PHE A 27 1.31 -3.13 8.36
CA PHE A 27 0.11 -3.03 9.19
C PHE A 27 0.31 -3.75 10.52
N ALA A 28 0.93 -4.92 10.47
CA ALA A 28 1.18 -5.71 11.67
C ALA A 28 2.08 -4.95 12.64
N GLU A 29 3.14 -4.35 12.11
CA GLU A 29 4.08 -3.59 12.93
C GLU A 29 3.43 -2.33 13.48
N LEU A 30 2.33 -1.91 12.85
CA LEU A 30 1.61 -0.72 13.28
C LEU A 30 0.49 -1.07 14.25
N GLY A 31 0.36 -2.36 14.55
CA GLY A 31 -0.68 -2.80 15.47
C GLY A 31 -2.00 -3.07 14.77
N TYR A 32 -1.97 -3.11 13.44
CA TYR A 32 -3.17 -3.35 12.65
C TYR A 32 -3.31 -4.83 12.32
N ASN A 33 -2.85 -5.68 13.22
CA ASN A 33 -2.91 -7.13 13.02
C ASN A 33 -4.32 -7.55 12.61
N ASP A 34 -4.43 -8.75 12.04
CA ASP A 34 -5.71 -9.27 11.61
C ASP A 34 -6.25 -8.50 10.41
N ILE A 35 -5.48 -8.49 9.32
CA ILE A 35 -5.88 -7.79 8.11
C ILE A 35 -6.69 -8.69 7.19
N ASN A 36 -7.60 -8.09 6.43
CA ASN A 36 -8.44 -8.84 5.51
C ASN A 36 -8.35 -8.26 4.10
N VAL A 37 -8.03 -9.13 3.13
CA VAL A 37 -7.91 -8.71 1.75
C VAL A 37 -9.14 -9.12 0.94
N THR A 38 -9.62 -8.20 0.11
CA THR A 38 -10.80 -8.47 -0.72
C THR A 38 -10.55 -8.03 -2.16
N TRP A 39 -10.57 -9.01 -3.06
CA TRP A 39 -10.35 -8.74 -4.49
C TRP A 39 -11.66 -8.77 -5.26
N ASP A 40 -11.98 -7.67 -5.94
CA ASP A 40 -13.20 -7.58 -6.72
C ASP A 40 -12.97 -6.81 -8.01
N GLY A 41 -12.87 -7.55 -9.11
CA GLY A 41 -12.64 -6.93 -10.41
C GLY A 41 -11.18 -6.73 -10.71
N ASP A 42 -10.40 -7.80 -10.55
CA ASP A 42 -8.96 -7.76 -10.81
C ASP A 42 -8.31 -6.61 -10.05
N THR A 43 -8.89 -6.27 -8.90
CA THR A 43 -8.37 -5.18 -8.08
C THR A 43 -8.03 -5.68 -6.67
N VAL A 44 -6.84 -5.32 -6.20
CA VAL A 44 -6.39 -5.73 -4.88
C VAL A 44 -6.69 -4.65 -3.83
N THR A 45 -7.27 -5.07 -2.72
CA THR A 45 -7.62 -4.14 -1.65
C THR A 45 -7.40 -4.77 -0.28
N VAL A 46 -6.81 -4.01 0.63
CA VAL A 46 -6.53 -4.49 1.98
C VAL A 46 -7.32 -3.70 3.02
N GLU A 47 -7.89 -4.40 3.98
CA GLU A 47 -8.67 -3.77 5.04
C GLU A 47 -8.16 -4.18 6.42
N GLY A 48 -7.89 -3.19 7.26
CA GLY A 48 -7.40 -3.46 8.59
C GLY A 48 -8.11 -2.64 9.66
N GLN A 49 -8.03 -3.10 10.90
CA GLN A 49 -8.67 -2.40 12.01
C GLN A 49 -7.69 -2.14 13.14
N LEU A 50 -7.81 -0.98 13.78
CA LEU A 50 -6.92 -0.63 14.88
C LEU A 50 -7.72 -0.37 16.16
N GLU A 51 -7.23 -0.93 17.27
CA GLU A 51 -7.91 -0.75 18.56
C GLU A 51 -7.18 0.27 19.42
N GLY A 52 -5.86 0.16 19.48
CA GLY A 52 -5.07 1.07 20.27
C GLY A 52 -4.41 0.41 21.46
N GLY A 53 -3.17 -0.02 21.29
CA GLY A 53 -2.45 -0.67 22.37
C GLY A 53 -2.23 -2.15 22.10
N SER A 54 -1.31 -2.46 21.19
CA SER A 54 -1.02 -3.84 20.85
C SER A 54 0.49 -4.08 20.81
N LEU A 55 0.88 -5.33 20.57
CA LEU A 55 2.29 -5.69 20.51
C LEU A 55 2.62 -6.39 19.20
N GLU A 56 2.12 -7.61 19.03
CA GLU A 56 2.38 -8.38 17.82
C GLU A 56 1.31 -9.46 17.64
N HIS A 57 1.55 -10.36 16.68
CA HIS A 57 0.62 -11.44 16.41
C HIS A 57 1.13 -12.33 15.28
N HIS A 58 0.62 -13.55 15.21
CA HIS A 58 1.02 -14.49 14.17
C HIS A 58 -0.18 -15.15 13.52
N GLU B 2 3.55 -1.19 -17.02
CA GLU B 2 4.02 -1.64 -15.72
C GLU B 2 3.94 -0.53 -14.68
N ARG B 3 2.84 0.22 -14.72
CA ARG B 3 2.63 1.33 -13.78
C ARG B 3 1.88 0.86 -12.55
N VAL B 4 2.41 1.20 -11.37
CA VAL B 4 1.78 0.82 -10.11
C VAL B 4 1.15 2.03 -9.42
N ARG B 5 -0.13 1.90 -9.09
CA ARG B 5 -0.85 2.99 -8.43
C ARG B 5 -1.60 2.47 -7.20
N ILE B 6 -1.27 3.04 -6.04
CA ILE B 6 -1.91 2.64 -4.79
C ILE B 6 -2.62 3.81 -4.14
N SER B 7 -3.91 3.63 -3.86
CA SER B 7 -4.72 4.67 -3.24
C SER B 7 -5.13 4.27 -1.83
N ILE B 8 -4.81 5.13 -0.86
CA ILE B 8 -5.14 4.86 0.53
C ILE B 8 -6.22 5.83 1.03
N THR B 9 -7.20 5.29 1.74
CA THR B 9 -8.29 6.10 2.27
C THR B 9 -8.26 6.12 3.80
N ALA B 10 -7.75 7.20 4.36
CA ALA B 10 -7.66 7.36 5.80
C ALA B 10 -8.66 8.39 6.31
N ARG B 11 -8.83 8.44 7.63
CA ARG B 11 -9.77 9.37 8.24
C ARG B 11 -9.17 10.78 8.29
N THR B 12 -7.88 10.85 8.61
CA THR B 12 -7.19 12.13 8.70
C THR B 12 -5.99 12.17 7.77
N LYS B 13 -5.55 13.38 7.43
CA LYS B 13 -4.41 13.56 6.53
C LYS B 13 -3.13 13.02 7.18
N LYS B 14 -2.99 13.24 8.48
CA LYS B 14 -1.82 12.77 9.21
C LYS B 14 -1.66 11.26 9.08
N GLU B 15 -2.78 10.55 9.06
CA GLU B 15 -2.77 9.10 8.93
C GLU B 15 -2.25 8.68 7.56
N ALA B 16 -2.84 9.23 6.51
CA ALA B 16 -2.44 8.92 5.14
C ALA B 16 -0.97 9.25 4.91
N GLU B 17 -0.53 10.38 5.46
CA GLU B 17 0.85 10.80 5.31
C GLU B 17 1.82 9.74 5.84
N LYS B 18 1.44 9.13 6.97
CA LYS B 18 2.26 8.10 7.58
C LYS B 18 2.37 6.88 6.67
N PHE B 19 1.31 6.59 5.93
CA PHE B 19 1.29 5.46 5.03
C PHE B 19 2.15 5.72 3.80
N ALA B 20 2.04 6.92 3.24
CA ALA B 20 2.81 7.30 2.07
C ALA B 20 4.30 7.13 2.32
N ALA B 21 4.75 7.58 3.49
CA ALA B 21 6.16 7.48 3.85
C ALA B 21 6.68 6.05 3.65
N ILE B 22 5.91 5.08 4.13
CA ILE B 22 6.29 3.68 4.00
C ILE B 22 6.24 3.22 2.56
N LEU B 23 5.13 3.51 1.88
CA LEU B 23 4.95 3.13 0.49
C LEU B 23 6.12 3.63 -0.36
N ILE B 24 6.59 4.84 -0.07
CA ILE B 24 7.70 5.43 -0.80
C ILE B 24 8.96 4.57 -0.67
N LYS B 25 9.21 4.10 0.54
CA LYS B 25 10.38 3.26 0.81
C LYS B 25 10.27 1.93 0.08
N VAL B 26 9.08 1.34 0.11
CA VAL B 26 8.84 0.07 -0.56
C VAL B 26 9.01 0.18 -2.07
N PHE B 27 8.51 1.29 -2.62
CA PHE B 27 8.60 1.52 -4.06
C PHE B 27 10.04 1.79 -4.48
N ALA B 28 10.75 2.57 -3.67
CA ALA B 28 12.14 2.90 -3.96
C ALA B 28 13.01 1.65 -3.96
N GLU B 29 12.82 0.80 -2.96
CA GLU B 29 13.59 -0.44 -2.85
C GLU B 29 13.21 -1.42 -3.95
N LEU B 30 12.05 -1.19 -4.55
CA LEU B 30 11.56 -2.06 -5.62
C LEU B 30 11.99 -1.54 -6.98
N GLY B 31 12.72 -0.42 -6.98
CA GLY B 31 13.19 0.16 -8.23
C GLY B 31 12.19 1.11 -8.83
N TYR B 32 11.14 1.43 -8.08
CA TYR B 32 10.11 2.35 -8.55
C TYR B 32 10.39 3.78 -8.11
N ASN B 33 11.68 4.12 -8.04
CA ASN B 33 12.09 5.46 -7.64
C ASN B 33 11.34 6.53 -8.44
N ASP B 34 11.33 7.75 -7.92
CA ASP B 34 10.66 8.86 -8.59
C ASP B 34 9.14 8.67 -8.55
N ILE B 35 8.59 8.58 -7.34
CA ILE B 35 7.16 8.40 -7.17
C ILE B 35 6.43 9.74 -7.10
N ASN B 36 5.18 9.76 -7.57
CA ASN B 36 4.39 10.98 -7.56
C ASN B 36 3.02 10.74 -6.93
N VAL B 37 2.66 11.57 -5.97
CA VAL B 37 1.39 11.45 -5.28
C VAL B 37 0.36 12.41 -5.86
N THR B 38 -0.86 11.92 -6.05
CA THR B 38 -1.94 12.74 -6.60
C THR B 38 -3.25 12.52 -5.84
N TRP B 39 -3.72 13.56 -5.17
CA TRP B 39 -4.96 13.48 -4.40
C TRP B 39 -6.16 13.27 -5.33
N ASP B 40 -7.03 12.35 -4.94
CA ASP B 40 -8.22 12.07 -5.74
C ASP B 40 -9.42 11.78 -4.84
N GLY B 41 -10.47 12.58 -5.00
CA GLY B 41 -11.67 12.40 -4.20
C GLY B 41 -11.36 12.38 -2.71
N ASP B 42 -10.57 13.34 -2.26
CA ASP B 42 -10.19 13.43 -0.85
C ASP B 42 -9.40 12.20 -0.42
N THR B 43 -8.85 11.48 -1.39
CA THR B 43 -8.06 10.29 -1.11
C THR B 43 -6.70 10.36 -1.76
N VAL B 44 -5.65 10.28 -0.95
CA VAL B 44 -4.29 10.33 -1.45
C VAL B 44 -3.92 9.06 -2.21
N THR B 45 -3.37 9.23 -3.41
CA THR B 45 -2.98 8.10 -4.24
C THR B 45 -1.54 8.24 -4.72
N VAL B 46 -0.77 7.16 -4.61
CA VAL B 46 0.62 7.17 -5.04
C VAL B 46 0.77 6.53 -6.41
N GLU B 47 1.59 7.16 -7.26
CA GLU B 47 1.83 6.65 -8.61
C GLU B 47 3.31 6.54 -8.89
N GLY B 48 3.73 5.36 -9.37
CA GLY B 48 5.13 5.14 -9.68
C GLY B 48 5.33 4.50 -11.03
N GLN B 49 6.58 4.43 -11.47
CA GLN B 49 6.91 3.84 -12.77
C GLN B 49 8.09 2.89 -12.66
N LEU B 50 8.08 1.83 -13.46
CA LEU B 50 9.15 0.85 -13.45
C LEU B 50 9.74 0.68 -14.84
N GLU B 51 11.08 0.73 -14.93
CA GLU B 51 11.77 0.59 -16.20
C GLU B 51 12.23 -0.85 -16.40
N GLY B 52 12.84 -1.42 -15.37
CA GLY B 52 13.32 -2.80 -15.46
C GLY B 52 14.42 -3.10 -14.46
N GLY B 53 14.04 -3.21 -13.19
CA GLY B 53 15.01 -3.50 -12.15
C GLY B 53 15.44 -4.95 -12.13
N SER B 54 16.16 -5.34 -11.10
CA SER B 54 16.63 -6.71 -10.97
C SER B 54 15.90 -7.45 -9.85
N LEU B 55 16.00 -6.93 -8.64
CA LEU B 55 15.35 -7.53 -7.48
C LEU B 55 15.66 -9.02 -7.39
N GLU B 56 16.93 -9.34 -7.22
CA GLU B 56 17.36 -10.73 -7.12
C GLU B 56 16.64 -11.44 -5.98
N HIS B 57 16.40 -12.74 -6.16
CA HIS B 57 15.72 -13.53 -5.14
C HIS B 57 15.58 -14.98 -5.59
N HIS B 58 16.13 -15.90 -4.78
CA HIS B 58 16.06 -17.33 -5.10
C HIS B 58 16.71 -17.61 -6.45
N GLU A 2 -10.93 3.17 14.15
CA GLU A 2 -9.86 3.50 13.21
C GLU A 2 -9.73 2.41 12.14
N ARG A 3 -10.43 2.62 11.03
CA ARG A 3 -10.39 1.66 9.93
C ARG A 3 -9.54 2.19 8.77
N VAL A 4 -8.76 1.31 8.16
CA VAL A 4 -7.91 1.68 7.03
C VAL A 4 -8.05 0.70 5.87
N ARG A 5 -8.28 1.25 4.68
CA ARG A 5 -8.45 0.42 3.49
C ARG A 5 -7.56 0.93 2.35
N ILE A 6 -6.65 0.08 1.90
CA ILE A 6 -5.74 0.45 0.83
C ILE A 6 -5.96 -0.44 -0.40
N SER A 7 -6.21 0.19 -1.54
CA SER A 7 -6.43 -0.54 -2.78
C SER A 7 -5.25 -0.39 -3.74
N ILE A 8 -4.61 -1.52 -4.07
CA ILE A 8 -3.46 -1.51 -4.96
C ILE A 8 -3.81 -2.14 -6.30
N THR A 9 -3.38 -1.50 -7.38
CA THR A 9 -3.66 -2.00 -8.72
C THR A 9 -2.37 -2.44 -9.41
N ALA A 10 -2.38 -3.66 -9.95
CA ALA A 10 -1.21 -4.21 -10.63
C ALA A 10 -1.59 -4.82 -11.97
N ARG A 11 -0.60 -5.08 -12.81
CA ARG A 11 -0.84 -5.67 -14.12
C ARG A 11 -1.22 -7.14 -13.99
N THR A 12 -0.59 -7.83 -13.04
CA THR A 12 -0.87 -9.24 -12.81
C THR A 12 -1.03 -9.53 -11.32
N LYS A 13 -1.73 -10.63 -11.02
CA LYS A 13 -1.97 -11.02 -9.63
C LYS A 13 -0.65 -11.20 -8.89
N LYS A 14 0.36 -11.71 -9.58
CA LYS A 14 1.67 -11.93 -8.99
C LYS A 14 2.30 -10.60 -8.56
N GLU A 15 2.11 -9.57 -9.36
CA GLU A 15 2.65 -8.25 -9.06
C GLU A 15 1.99 -7.66 -7.82
N ALA A 16 0.66 -7.64 -7.82
CA ALA A 16 -0.10 -7.09 -6.70
C ALA A 16 0.16 -7.90 -5.43
N GLU A 17 0.28 -9.21 -5.58
CA GLU A 17 0.53 -10.08 -4.45
C GLU A 17 1.80 -9.69 -3.72
N LYS A 18 2.82 -9.31 -4.47
CA LYS A 18 4.10 -8.91 -3.89
C LYS A 18 3.94 -7.65 -3.03
N PHE A 19 3.00 -6.80 -3.42
CA PHE A 19 2.73 -5.57 -2.67
C PHE A 19 1.94 -5.85 -1.41
N ALA A 20 0.93 -6.71 -1.52
CA ALA A 20 0.10 -7.07 -0.38
C ALA A 20 0.95 -7.61 0.77
N ALA A 21 1.92 -8.45 0.43
CA ALA A 21 2.80 -9.03 1.44
C ALA A 21 3.47 -7.94 2.28
N ILE A 22 3.91 -6.88 1.62
CA ILE A 22 4.57 -5.78 2.31
C ILE A 22 3.58 -5.01 3.18
N LEU A 23 2.44 -4.66 2.60
CA LEU A 23 1.41 -3.92 3.32
C LEU A 23 1.03 -4.63 4.61
N ILE A 24 0.97 -5.96 4.56
CA ILE A 24 0.63 -6.76 5.73
C ILE A 24 1.65 -6.57 6.84
N LYS A 25 2.93 -6.56 6.47
CA LYS A 25 4.00 -6.40 7.43
C LYS A 25 3.95 -5.01 8.07
N VAL A 26 3.70 -4.00 7.24
CA VAL A 26 3.61 -2.62 7.72
C VAL A 26 2.45 -2.44 8.68
N PHE A 27 1.32 -3.06 8.35
CA PHE A 27 0.13 -2.97 9.18
C PHE A 27 0.32 -3.71 10.50
N ALA A 28 0.98 -4.86 10.44
CA ALA A 28 1.24 -5.67 11.63
C ALA A 28 2.10 -4.91 12.63
N GLU A 29 3.16 -4.27 12.13
CA GLU A 29 4.07 -3.50 12.98
C GLU A 29 3.38 -2.25 13.53
N LEU A 30 2.28 -1.86 12.88
CA LEU A 30 1.54 -0.68 13.30
C LEU A 30 0.42 -1.06 14.26
N GLY A 31 0.27 -2.36 14.52
CA GLY A 31 -0.75 -2.83 15.42
C GLY A 31 -2.08 -3.08 14.72
N TYR A 32 -2.04 -3.12 13.39
CA TYR A 32 -3.24 -3.34 12.60
C TYR A 32 -3.41 -4.82 12.28
N ASN A 33 -3.01 -5.68 13.22
CA ASN A 33 -3.12 -7.12 13.03
C ASN A 33 -4.52 -7.51 12.58
N ASP A 34 -4.64 -8.70 12.01
CA ASP A 34 -5.94 -9.20 11.53
C ASP A 34 -6.39 -8.41 10.31
N ILE A 35 -5.64 -8.53 9.23
CA ILE A 35 -5.98 -7.83 7.99
C ILE A 35 -6.80 -8.71 7.06
N ASN A 36 -7.73 -8.09 6.34
CA ASN A 36 -8.59 -8.83 5.42
C ASN A 36 -8.46 -8.27 3.99
N VAL A 37 -8.11 -9.15 3.06
CA VAL A 37 -7.95 -8.75 1.66
C VAL A 37 -9.16 -9.16 0.83
N THR A 38 -9.63 -8.24 -0.01
CA THR A 38 -10.79 -8.50 -0.85
C THR A 38 -10.50 -8.15 -2.31
N TRP A 39 -10.53 -9.17 -3.18
CA TRP A 39 -10.27 -8.97 -4.59
C TRP A 39 -11.55 -9.05 -5.41
N ASP A 40 -11.85 -7.98 -6.15
CA ASP A 40 -13.06 -7.95 -6.97
C ASP A 40 -12.69 -7.82 -8.44
N GLY A 41 -12.85 -8.91 -9.18
CA GLY A 41 -12.54 -8.90 -10.60
C GLY A 41 -11.05 -9.03 -10.87
N ASP A 42 -10.31 -7.95 -10.61
CA ASP A 42 -8.87 -7.93 -10.83
C ASP A 42 -8.22 -6.80 -10.05
N THR A 43 -8.86 -6.38 -8.96
CA THR A 43 -8.34 -5.30 -8.14
C THR A 43 -8.00 -5.79 -6.74
N VAL A 44 -6.80 -5.43 -6.27
CA VAL A 44 -6.37 -5.83 -4.93
C VAL A 44 -6.69 -4.76 -3.90
N THR A 45 -7.26 -5.19 -2.78
CA THR A 45 -7.62 -4.27 -1.71
C THR A 45 -7.38 -4.89 -0.34
N VAL A 46 -6.83 -4.09 0.57
CA VAL A 46 -6.54 -4.57 1.93
C VAL A 46 -7.33 -3.77 2.96
N GLU A 47 -7.85 -4.48 3.96
CA GLU A 47 -8.63 -3.84 5.03
C GLU A 47 -8.06 -4.20 6.40
N GLY A 48 -7.68 -3.16 7.16
CA GLY A 48 -7.13 -3.40 8.48
C GLY A 48 -7.76 -2.50 9.54
N GLN A 49 -7.85 -3.01 10.76
CA GLN A 49 -8.45 -2.25 11.85
C GLN A 49 -7.43 -2.03 12.98
N LEU A 50 -7.59 -0.93 13.69
CA LEU A 50 -6.69 -0.60 14.80
C LEU A 50 -7.47 -0.06 15.99
N GLU A 51 -7.27 -0.69 17.15
CA GLU A 51 -7.95 -0.27 18.37
C GLU A 51 -6.95 0.11 19.45
N GLY A 52 -5.83 -0.61 19.49
CA GLY A 52 -4.80 -0.33 20.49
C GLY A 52 -3.42 -0.76 20.03
N GLY A 53 -3.04 -1.99 20.36
CA GLY A 53 -1.74 -2.49 19.97
C GLY A 53 -0.61 -1.76 20.65
N SER A 54 0.58 -2.34 20.62
CA SER A 54 1.76 -1.72 21.24
C SER A 54 3.04 -2.24 20.60
N LEU A 55 4.12 -1.47 20.76
CA LEU A 55 5.41 -1.84 20.20
C LEU A 55 6.37 -2.32 21.29
N GLU A 56 6.65 -1.43 22.24
CA GLU A 56 7.55 -1.76 23.34
C GLU A 56 7.08 -1.10 24.64
N HIS A 57 7.94 -1.15 25.66
CA HIS A 57 7.62 -0.55 26.95
C HIS A 57 8.78 -0.74 27.93
N HIS A 58 9.57 0.31 28.12
CA HIS A 58 10.70 0.25 29.03
C HIS A 58 10.85 1.56 29.80
N GLU B 2 6.16 -1.21 -16.53
CA GLU B 2 5.00 -1.51 -15.72
C GLU B 2 4.56 -0.28 -14.92
N ARG B 3 3.28 -0.24 -14.55
CA ARG B 3 2.74 0.88 -13.79
C ARG B 3 2.03 0.39 -12.54
N VAL B 4 2.25 1.08 -11.42
CA VAL B 4 1.62 0.71 -10.16
C VAL B 4 1.01 1.93 -9.48
N ARG B 5 -0.28 1.83 -9.15
CA ARG B 5 -0.98 2.92 -8.49
C ARG B 5 -1.74 2.42 -7.26
N ILE B 6 -1.38 2.97 -6.09
CA ILE B 6 -2.02 2.57 -4.85
C ILE B 6 -2.77 3.74 -4.22
N SER B 7 -4.05 3.54 -3.95
CA SER B 7 -4.88 4.59 -3.35
C SER B 7 -5.29 4.20 -1.94
N ILE B 8 -5.01 5.10 -0.99
CA ILE B 8 -5.34 4.85 0.41
C ILE B 8 -6.42 5.81 0.89
N THR B 9 -7.41 5.28 1.60
CA THR B 9 -8.51 6.09 2.12
C THR B 9 -8.51 6.10 3.64
N ALA B 10 -7.85 7.11 4.22
CA ALA B 10 -7.79 7.24 5.67
C ALA B 10 -8.77 8.30 6.17
N ARG B 11 -8.95 8.35 7.49
CA ARG B 11 -9.86 9.31 8.10
C ARG B 11 -9.29 10.72 8.02
N THR B 12 -8.16 10.94 8.70
CA THR B 12 -7.51 12.24 8.72
C THR B 12 -6.43 12.33 7.65
N LYS B 13 -5.66 13.41 7.69
CA LYS B 13 -4.59 13.61 6.71
C LYS B 13 -3.29 12.98 7.20
N LYS B 14 -3.04 13.08 8.50
CA LYS B 14 -1.83 12.51 9.10
C LYS B 14 -1.74 11.02 8.81
N GLU B 15 -2.90 10.36 8.74
CA GLU B 15 -2.95 8.92 8.49
C GLU B 15 -2.47 8.61 7.06
N ALA B 16 -2.81 9.50 6.13
CA ALA B 16 -2.42 9.31 4.74
C ALA B 16 -0.91 9.47 4.57
N GLU B 17 -0.32 10.40 5.32
CA GLU B 17 1.11 10.66 5.25
C GLU B 17 1.90 9.49 5.85
N LYS B 18 1.36 8.91 6.92
CA LYS B 18 2.01 7.79 7.59
C LYS B 18 2.14 6.59 6.64
N PHE B 19 1.15 6.43 5.76
CA PHE B 19 1.16 5.33 4.80
C PHE B 19 2.03 5.67 3.60
N ALA B 20 1.88 6.88 3.07
CA ALA B 20 2.64 7.32 1.92
C ALA B 20 4.14 7.19 2.19
N ALA B 21 4.58 7.65 3.35
CA ALA B 21 5.99 7.58 3.72
C ALA B 21 6.54 6.18 3.54
N ILE B 22 5.80 5.19 4.04
CA ILE B 22 6.21 3.79 3.92
C ILE B 22 6.16 3.32 2.47
N LEU B 23 5.03 3.57 1.82
CA LEU B 23 4.85 3.17 0.43
C LEU B 23 6.01 3.67 -0.44
N ILE B 24 6.43 4.90 -0.20
CA ILE B 24 7.53 5.50 -0.95
C ILE B 24 8.80 4.66 -0.82
N LYS B 25 9.08 4.22 0.40
CA LYS B 25 10.26 3.41 0.67
C LYS B 25 10.17 2.06 -0.03
N VAL B 26 8.98 1.46 0.03
CA VAL B 26 8.76 0.16 -0.60
C VAL B 26 8.94 0.25 -2.11
N PHE B 27 8.43 1.32 -2.70
CA PHE B 27 8.52 1.53 -4.14
C PHE B 27 9.97 1.77 -4.56
N ALA B 28 10.68 2.57 -3.78
CA ALA B 28 12.07 2.88 -4.07
C ALA B 28 12.93 1.62 -4.03
N GLU B 29 12.73 0.79 -3.02
CA GLU B 29 13.49 -0.44 -2.89
C GLU B 29 13.11 -1.44 -3.97
N LEU B 30 11.94 -1.23 -4.58
CA LEU B 30 11.46 -2.11 -5.63
C LEU B 30 11.91 -1.62 -7.00
N GLY B 31 12.60 -0.47 -7.02
CA GLY B 31 13.08 0.08 -8.28
C GLY B 31 12.05 0.98 -8.93
N TYR B 32 11.01 1.35 -8.18
CA TYR B 32 9.96 2.21 -8.70
C TYR B 32 10.24 3.68 -8.35
N ASN B 33 11.51 4.05 -8.36
CA ASN B 33 11.90 5.41 -8.05
C ASN B 33 11.09 6.42 -8.87
N ASP B 34 11.09 7.66 -8.42
CA ASP B 34 10.36 8.72 -9.13
C ASP B 34 8.85 8.53 -8.98
N ILE B 35 8.39 8.48 -7.73
CA ILE B 35 6.97 8.30 -7.45
C ILE B 35 6.23 9.63 -7.45
N ASN B 36 4.98 9.61 -7.89
CA ASN B 36 4.16 10.82 -7.95
C ASN B 36 2.84 10.62 -7.21
N VAL B 37 2.57 11.47 -6.22
CA VAL B 37 1.35 11.38 -5.45
C VAL B 37 0.33 12.41 -5.92
N THR B 38 -0.93 12.00 -6.03
CA THR B 38 -1.99 12.87 -6.47
C THR B 38 -3.20 12.80 -5.54
N TRP B 39 -3.53 13.92 -4.92
CA TRP B 39 -4.67 13.97 -4.00
C TRP B 39 -5.86 14.67 -4.64
N ASP B 40 -7.05 14.17 -4.35
CA ASP B 40 -8.27 14.75 -4.91
C ASP B 40 -9.39 14.73 -3.87
N GLY B 41 -9.67 15.89 -3.29
CA GLY B 41 -10.72 15.99 -2.29
C GLY B 41 -10.24 15.59 -0.90
N ASP B 42 -10.24 14.29 -0.63
CA ASP B 42 -9.80 13.78 0.67
C ASP B 42 -9.18 12.40 0.53
N THR B 43 -8.76 12.06 -0.69
CA THR B 43 -8.16 10.76 -0.95
C THR B 43 -6.79 10.93 -1.63
N VAL B 44 -5.80 10.21 -1.12
CA VAL B 44 -4.45 10.27 -1.67
C VAL B 44 -4.10 8.99 -2.41
N THR B 45 -3.55 9.13 -3.61
CA THR B 45 -3.16 7.98 -4.42
C THR B 45 -1.74 8.12 -4.93
N VAL B 46 -0.92 7.10 -4.67
CA VAL B 46 0.48 7.11 -5.11
C VAL B 46 0.63 6.45 -6.48
N GLU B 47 1.46 7.05 -7.32
CA GLU B 47 1.69 6.52 -8.66
C GLU B 47 3.18 6.26 -8.89
N GLY B 48 3.53 5.01 -9.18
CA GLY B 48 4.91 4.66 -9.41
C GLY B 48 5.10 3.88 -10.70
N GLN B 49 6.26 4.05 -11.33
CA GLN B 49 6.56 3.35 -12.57
C GLN B 49 7.91 2.64 -12.49
N LEU B 50 7.98 1.44 -13.06
CA LEU B 50 9.20 0.67 -13.06
C LEU B 50 9.87 0.69 -14.43
N GLU B 51 11.20 0.81 -14.43
CA GLU B 51 11.96 0.84 -15.68
C GLU B 51 12.95 -0.32 -15.74
N GLY B 52 13.48 -0.71 -14.58
CA GLY B 52 14.44 -1.79 -14.52
C GLY B 52 14.66 -2.29 -13.11
N GLY B 53 15.45 -1.54 -12.35
CA GLY B 53 15.74 -1.93 -10.98
C GLY B 53 16.58 -0.90 -10.25
N SER B 54 16.69 -1.06 -8.93
CA SER B 54 17.47 -0.13 -8.12
C SER B 54 17.86 -0.78 -6.78
N LEU B 55 16.85 -1.15 -6.01
CA LEU B 55 17.09 -1.78 -4.70
C LEU B 55 18.08 -0.95 -3.88
N GLU B 56 17.77 0.32 -3.68
CA GLU B 56 18.62 1.21 -2.91
C GLU B 56 18.31 1.10 -1.43
N HIS B 57 19.34 1.28 -0.60
CA HIS B 57 19.19 1.20 0.85
C HIS B 57 20.51 1.47 1.56
N HIS B 58 20.43 1.87 2.82
CA HIS B 58 21.62 2.14 3.62
C HIS B 58 21.96 0.97 4.52
N GLU A 2 -11.56 3.30 13.99
CA GLU A 2 -10.59 3.76 13.01
C GLU A 2 -10.23 2.64 12.03
N ARG A 3 -10.97 2.55 10.94
CA ARG A 3 -10.72 1.53 9.93
C ARG A 3 -9.87 2.07 8.79
N VAL A 4 -8.89 1.30 8.36
CA VAL A 4 -8.00 1.70 7.28
C VAL A 4 -8.06 0.72 6.12
N ARG A 5 -8.28 1.24 4.91
CA ARG A 5 -8.37 0.41 3.73
C ARG A 5 -7.47 0.94 2.62
N ILE A 6 -6.62 0.07 2.08
CA ILE A 6 -5.70 0.47 1.01
C ILE A 6 -5.87 -0.42 -0.22
N SER A 7 -6.12 0.22 -1.36
CA SER A 7 -6.30 -0.52 -2.61
C SER A 7 -5.06 -0.42 -3.50
N ILE A 8 -4.46 -1.57 -3.79
CA ILE A 8 -3.26 -1.61 -4.62
C ILE A 8 -3.53 -2.35 -5.93
N THR A 9 -3.15 -1.73 -7.04
CA THR A 9 -3.35 -2.34 -8.35
C THR A 9 -2.02 -2.75 -8.97
N ALA A 10 -2.04 -3.83 -9.76
CA ALA A 10 -0.84 -4.32 -10.41
C ALA A 10 -1.17 -4.92 -11.77
N ARG A 11 -0.13 -5.14 -12.58
CA ARG A 11 -0.31 -5.71 -13.92
C ARG A 11 -0.87 -7.12 -13.83
N THR A 12 -0.27 -7.95 -13.00
CA THR A 12 -0.71 -9.33 -12.83
C THR A 12 -0.92 -9.66 -11.36
N LYS A 13 -1.44 -10.85 -11.09
CA LYS A 13 -1.69 -11.30 -9.72
C LYS A 13 -0.40 -11.36 -8.93
N LYS A 14 0.68 -11.79 -9.59
CA LYS A 14 1.98 -11.90 -8.94
C LYS A 14 2.46 -10.53 -8.45
N GLU A 15 2.21 -9.50 -9.25
CA GLU A 15 2.61 -8.15 -8.89
C GLU A 15 1.82 -7.64 -7.69
N ALA A 16 0.50 -7.75 -7.76
CA ALA A 16 -0.36 -7.31 -6.68
C ALA A 16 -0.05 -8.05 -5.38
N GLU A 17 0.23 -9.35 -5.50
CA GLU A 17 0.54 -10.17 -4.34
C GLU A 17 1.78 -9.64 -3.62
N LYS A 18 2.76 -9.20 -4.39
CA LYS A 18 4.00 -8.67 -3.82
C LYS A 18 3.71 -7.43 -2.97
N PHE A 19 2.89 -6.53 -3.49
CA PHE A 19 2.54 -5.31 -2.78
C PHE A 19 1.72 -5.63 -1.53
N ALA A 20 0.71 -6.48 -1.69
CA ALA A 20 -0.14 -6.88 -0.58
C ALA A 20 0.68 -7.43 0.58
N ALA A 21 1.64 -8.28 0.25
CA ALA A 21 2.50 -8.89 1.27
C ALA A 21 3.17 -7.82 2.12
N ILE A 22 3.71 -6.80 1.46
CA ILE A 22 4.38 -5.71 2.16
C ILE A 22 3.42 -4.95 3.06
N LEU A 23 2.28 -4.57 2.51
CA LEU A 23 1.27 -3.84 3.26
C LEU A 23 0.90 -4.59 4.54
N ILE A 24 0.75 -5.91 4.43
CA ILE A 24 0.40 -6.73 5.57
C ILE A 24 1.44 -6.61 6.68
N LYS A 25 2.72 -6.61 6.30
CA LYS A 25 3.80 -6.49 7.26
C LYS A 25 3.77 -5.13 7.95
N VAL A 26 3.53 -4.09 7.16
CA VAL A 26 3.48 -2.73 7.69
C VAL A 26 2.33 -2.56 8.66
N PHE A 27 1.18 -3.15 8.31
CA PHE A 27 -0.01 -3.06 9.16
C PHE A 27 0.22 -3.78 10.49
N ALA A 28 0.84 -4.95 10.43
CA ALA A 28 1.12 -5.74 11.62
C ALA A 28 2.04 -4.98 12.57
N GLU A 29 3.11 -4.40 12.02
CA GLU A 29 4.07 -3.65 12.83
C GLU A 29 3.44 -2.36 13.35
N LEU A 30 2.35 -1.93 12.73
CA LEU A 30 1.66 -0.72 13.14
C LEU A 30 0.57 -1.02 14.17
N GLY A 31 0.41 -2.31 14.49
CA GLY A 31 -0.59 -2.71 15.45
C GLY A 31 -1.94 -2.95 14.82
N TYR A 32 -1.97 -3.01 13.49
CA TYR A 32 -3.22 -3.24 12.77
C TYR A 32 -3.41 -4.72 12.47
N ASN A 33 -2.99 -5.57 13.39
CA ASN A 33 -3.11 -7.02 13.23
C ASN A 33 -4.53 -7.39 12.83
N ASP A 34 -4.70 -8.60 12.30
CA ASP A 34 -6.01 -9.08 11.88
C ASP A 34 -6.47 -8.35 10.62
N ILE A 35 -5.66 -8.43 9.57
CA ILE A 35 -5.99 -7.78 8.31
C ILE A 35 -6.75 -8.73 7.39
N ASN A 36 -7.62 -8.17 6.56
CA ASN A 36 -8.40 -8.96 5.63
C ASN A 36 -8.34 -8.39 4.22
N VAL A 37 -7.97 -9.23 3.26
CA VAL A 37 -7.86 -8.81 1.87
C VAL A 37 -9.11 -9.18 1.07
N THR A 38 -9.58 -8.26 0.25
CA THR A 38 -10.76 -8.49 -0.56
C THR A 38 -10.53 -8.10 -2.02
N TRP A 39 -10.54 -9.09 -2.90
CA TRP A 39 -10.32 -8.86 -4.33
C TRP A 39 -11.64 -8.86 -5.09
N ASP A 40 -11.77 -7.96 -6.06
CA ASP A 40 -12.97 -7.87 -6.86
C ASP A 40 -12.63 -7.56 -8.32
N GLY A 41 -12.65 -8.59 -9.16
CA GLY A 41 -12.34 -8.41 -10.56
C GLY A 41 -10.86 -8.55 -10.85
N ASP A 42 -10.13 -7.44 -10.76
CA ASP A 42 -8.70 -7.45 -11.02
C ASP A 42 -7.98 -6.47 -10.09
N THR A 43 -8.64 -6.08 -9.01
CA THR A 43 -8.07 -5.15 -8.06
C THR A 43 -8.14 -5.70 -6.64
N VAL A 44 -7.01 -5.63 -5.93
CA VAL A 44 -6.94 -6.13 -4.56
C VAL A 44 -6.88 -4.99 -3.56
N THR A 45 -7.70 -5.08 -2.52
CA THR A 45 -7.75 -4.05 -1.48
C THR A 45 -7.59 -4.66 -0.10
N VAL A 46 -6.72 -4.07 0.71
CA VAL A 46 -6.48 -4.55 2.06
C VAL A 46 -7.34 -3.79 3.07
N GLU A 47 -7.87 -4.52 4.05
CA GLU A 47 -8.71 -3.92 5.08
C GLU A 47 -8.21 -4.29 6.47
N GLY A 48 -7.94 -3.26 7.28
CA GLY A 48 -7.45 -3.49 8.63
C GLY A 48 -8.25 -2.75 9.67
N GLN A 49 -8.09 -3.12 10.94
CA GLN A 49 -8.80 -2.48 12.03
C GLN A 49 -7.86 -2.18 13.20
N LEU A 50 -7.94 -0.95 13.71
CA LEU A 50 -7.10 -0.54 14.83
C LEU A 50 -7.94 -0.21 16.05
N GLU A 51 -7.74 -0.97 17.13
CA GLU A 51 -8.48 -0.75 18.36
C GLU A 51 -7.58 -0.16 19.45
N GLY A 52 -6.29 -0.50 19.39
CA GLY A 52 -5.35 0.00 20.36
C GLY A 52 -3.98 -0.63 20.23
N GLY A 53 -3.94 -1.96 20.33
CA GLY A 53 -2.68 -2.67 20.23
C GLY A 53 -2.72 -4.04 20.89
N SER A 54 -2.06 -4.14 22.04
CA SER A 54 -2.03 -5.41 22.77
C SER A 54 -1.33 -6.49 21.95
N LEU A 55 -0.89 -7.55 22.63
CA LEU A 55 -0.21 -8.65 21.97
C LEU A 55 -0.85 -9.99 22.32
N GLU A 56 -2.11 -10.15 21.92
CA GLU A 56 -2.84 -11.38 22.20
C GLU A 56 -2.42 -12.49 21.24
N HIS A 57 -2.89 -12.40 19.99
CA HIS A 57 -2.56 -13.40 18.98
C HIS A 57 -2.84 -14.81 19.49
N HIS A 58 -2.41 -15.80 18.73
CA HIS A 58 -2.63 -17.20 19.10
C HIS A 58 -1.38 -18.03 18.84
N GLU B 2 4.07 -1.29 -17.57
CA GLU B 2 3.71 -1.85 -16.27
C GLU B 2 3.73 -0.77 -15.20
N ARG B 3 2.64 -0.01 -15.09
CA ARG B 3 2.54 1.05 -14.11
C ARG B 3 1.89 0.55 -12.82
N VAL B 4 2.31 1.10 -11.70
CA VAL B 4 1.77 0.71 -10.39
C VAL B 4 1.16 1.91 -9.67
N ARG B 5 -0.11 1.79 -9.30
CA ARG B 5 -0.81 2.87 -8.60
C ARG B 5 -1.52 2.33 -7.36
N ILE B 6 -1.26 2.95 -6.22
CA ILE B 6 -1.88 2.54 -4.97
C ILE B 6 -2.60 3.71 -4.29
N SER B 7 -3.88 3.51 -4.00
CA SER B 7 -4.68 4.54 -3.35
C SER B 7 -5.11 4.11 -1.96
N ILE B 8 -4.87 4.99 -0.98
CA ILE B 8 -5.24 4.71 0.40
C ILE B 8 -6.39 5.58 0.87
N THR B 9 -7.36 4.97 1.55
CA THR B 9 -8.52 5.70 2.04
C THR B 9 -8.49 5.81 3.56
N ALA B 10 -7.95 6.91 4.06
CA ALA B 10 -7.86 7.14 5.50
C ALA B 10 -8.88 8.18 5.95
N ARG B 11 -9.05 8.31 7.26
CA ARG B 11 -9.98 9.27 7.82
C ARG B 11 -9.36 10.66 7.93
N THR B 12 -8.12 10.71 8.39
CA THR B 12 -7.40 11.96 8.54
C THR B 12 -6.25 12.07 7.56
N LYS B 13 -5.82 13.29 7.26
CA LYS B 13 -4.72 13.52 6.34
C LYS B 13 -3.42 12.97 6.90
N LYS B 14 -3.23 13.09 8.20
CA LYS B 14 -2.03 12.60 8.86
C LYS B 14 -1.84 11.12 8.61
N GLU B 15 -2.93 10.36 8.67
CA GLU B 15 -2.88 8.92 8.44
C GLU B 15 -2.41 8.61 7.02
N ALA B 16 -2.78 9.47 6.08
CA ALA B 16 -2.40 9.28 4.68
C ALA B 16 -0.90 9.48 4.50
N GLU B 17 -0.34 10.43 5.23
CA GLU B 17 1.09 10.72 5.15
C GLU B 17 1.92 9.59 5.75
N LYS B 18 1.40 9.00 6.83
CA LYS B 18 2.09 7.90 7.50
C LYS B 18 2.20 6.69 6.58
N PHE B 19 1.16 6.46 5.78
CA PHE B 19 1.15 5.34 4.86
C PHE B 19 2.00 5.63 3.64
N ALA B 20 1.86 6.83 3.09
CA ALA B 20 2.61 7.24 1.91
C ALA B 20 4.11 7.09 2.14
N ALA B 21 4.56 7.54 3.31
CA ALA B 21 5.98 7.46 3.66
C ALA B 21 6.51 6.04 3.46
N ILE B 22 5.77 5.06 3.95
CA ILE B 22 6.16 3.66 3.81
C ILE B 22 6.14 3.22 2.36
N LEU B 23 5.04 3.50 1.68
CA LEU B 23 4.89 3.12 0.28
C LEU B 23 6.05 3.65 -0.55
N ILE B 24 6.49 4.86 -0.25
CA ILE B 24 7.59 5.48 -0.96
C ILE B 24 8.87 4.66 -0.81
N LYS B 25 9.13 4.20 0.41
CA LYS B 25 10.31 3.39 0.68
C LYS B 25 10.26 2.06 -0.04
N VAL B 26 9.07 1.43 -0.05
CA VAL B 26 8.89 0.16 -0.73
C VAL B 26 9.08 0.29 -2.23
N PHE B 27 8.57 1.38 -2.79
CA PHE B 27 8.68 1.63 -4.22
C PHE B 27 10.13 1.91 -4.62
N ALA B 28 10.81 2.70 -3.80
CA ALA B 28 12.20 3.05 -4.06
C ALA B 28 13.09 1.81 -4.01
N GLU B 29 12.89 0.98 -3.00
CA GLU B 29 13.68 -0.25 -2.85
C GLU B 29 13.33 -1.26 -3.94
N LEU B 30 12.18 -1.06 -4.56
CA LEU B 30 11.72 -1.96 -5.62
C LEU B 30 12.22 -1.48 -6.98
N GLY B 31 12.78 -0.28 -7.02
CA GLY B 31 13.27 0.27 -8.26
C GLY B 31 12.27 1.17 -8.95
N TYR B 32 11.21 1.53 -8.24
CA TYR B 32 10.17 2.38 -8.78
C TYR B 32 10.42 3.84 -8.44
N ASN B 33 11.69 4.22 -8.41
CA ASN B 33 12.07 5.59 -8.09
C ASN B 33 11.26 6.59 -8.92
N ASP B 34 11.23 7.84 -8.46
CA ASP B 34 10.49 8.89 -9.16
C ASP B 34 8.99 8.67 -9.03
N ILE B 35 8.51 8.62 -7.79
CA ILE B 35 7.08 8.42 -7.53
C ILE B 35 6.35 9.75 -7.50
N ASN B 36 5.08 9.72 -7.90
CA ASN B 36 4.25 10.92 -7.91
C ASN B 36 2.93 10.69 -7.18
N VAL B 37 2.67 11.52 -6.18
CA VAL B 37 1.44 11.41 -5.40
C VAL B 37 0.41 12.43 -5.85
N THR B 38 -0.85 11.98 -5.96
CA THR B 38 -1.93 12.85 -6.39
C THR B 38 -3.13 12.72 -5.47
N TRP B 39 -3.44 13.79 -4.75
CA TRP B 39 -4.57 13.81 -3.82
C TRP B 39 -5.71 14.68 -4.36
N ASP B 40 -6.94 14.23 -4.14
CA ASP B 40 -8.11 14.97 -4.60
C ASP B 40 -9.24 14.90 -3.57
N GLY B 41 -9.38 15.95 -2.77
CA GLY B 41 -10.42 15.98 -1.77
C GLY B 41 -9.95 15.44 -0.42
N ASP B 42 -10.01 14.12 -0.27
CA ASP B 42 -9.59 13.47 0.97
C ASP B 42 -9.00 12.10 0.69
N THR B 43 -8.60 11.87 -0.56
CA THR B 43 -8.02 10.59 -0.96
C THR B 43 -6.67 10.80 -1.64
N VAL B 44 -5.67 10.03 -1.20
CA VAL B 44 -4.34 10.12 -1.77
C VAL B 44 -3.97 8.85 -2.53
N THR B 45 -3.41 9.01 -3.71
CA THR B 45 -3.01 7.88 -4.55
C THR B 45 -1.59 8.05 -5.06
N VAL B 46 -0.75 7.05 -4.80
CA VAL B 46 0.64 7.09 -5.25
C VAL B 46 0.79 6.46 -6.63
N GLU B 47 1.57 7.11 -7.48
CA GLU B 47 1.81 6.62 -8.84
C GLU B 47 3.30 6.36 -9.08
N GLY B 48 3.63 5.12 -9.40
CA GLY B 48 5.01 4.77 -9.66
C GLY B 48 5.19 4.03 -10.97
N GLN B 49 6.36 4.18 -11.58
CA GLN B 49 6.66 3.53 -12.85
C GLN B 49 7.95 2.71 -12.75
N LEU B 50 7.98 1.58 -13.45
CA LEU B 50 9.14 0.72 -13.45
C LEU B 50 9.88 0.78 -14.78
N GLU B 51 11.21 0.80 -14.71
CA GLU B 51 12.03 0.86 -15.92
C GLU B 51 12.57 -0.51 -16.29
N GLY B 52 11.71 -1.52 -16.15
CA GLY B 52 12.12 -2.88 -16.47
C GLY B 52 12.02 -3.18 -17.96
N GLY B 53 11.09 -2.51 -18.62
CA GLY B 53 10.91 -2.72 -20.05
C GLY B 53 10.36 -1.49 -20.76
N SER B 54 10.78 -0.32 -20.32
CA SER B 54 10.31 0.93 -20.89
C SER B 54 11.48 1.75 -21.44
N LEU B 55 12.40 2.11 -20.56
CA LEU B 55 13.57 2.89 -20.95
C LEU B 55 13.16 4.12 -21.75
N GLU B 56 12.06 4.74 -21.35
CA GLU B 56 11.56 5.93 -22.03
C GLU B 56 12.40 7.16 -21.68
N HIS B 57 12.54 8.08 -22.64
CA HIS B 57 13.31 9.29 -22.43
C HIS B 57 13.29 10.18 -23.67
N HIS B 58 13.73 9.62 -24.80
CA HIS B 58 13.76 10.36 -26.05
C HIS B 58 12.36 10.54 -26.61
N GLU A 2 -11.77 4.29 12.71
CA GLU A 2 -10.33 4.21 12.52
C GLU A 2 -9.96 3.02 11.65
N ARG A 3 -10.72 2.81 10.58
CA ARG A 3 -10.48 1.70 9.67
C ARG A 3 -9.59 2.15 8.51
N VAL A 4 -8.53 1.37 8.26
CA VAL A 4 -7.61 1.68 7.17
C VAL A 4 -7.77 0.70 6.02
N ARG A 5 -8.02 1.23 4.83
CA ARG A 5 -8.20 0.40 3.64
C ARG A 5 -7.34 0.92 2.49
N ILE A 6 -6.48 0.05 1.97
CA ILE A 6 -5.60 0.42 0.86
C ILE A 6 -5.84 -0.47 -0.35
N SER A 7 -6.12 0.15 -1.49
CA SER A 7 -6.38 -0.58 -2.72
C SER A 7 -5.24 -0.38 -3.72
N ILE A 8 -4.67 -1.50 -4.18
CA ILE A 8 -3.57 -1.44 -5.13
C ILE A 8 -4.01 -1.97 -6.50
N THR A 9 -3.63 -1.25 -7.56
CA THR A 9 -3.98 -1.65 -8.91
C THR A 9 -2.74 -2.08 -9.69
N ALA A 10 -2.57 -3.38 -9.84
CA ALA A 10 -1.43 -3.93 -10.56
C ALA A 10 -1.88 -4.56 -11.88
N ARG A 11 -0.91 -4.89 -12.74
CA ARG A 11 -1.19 -5.50 -14.03
C ARG A 11 -1.64 -6.94 -13.86
N THR A 12 -0.98 -7.67 -12.97
CA THR A 12 -1.32 -9.06 -12.71
C THR A 12 -1.42 -9.35 -11.22
N LYS A 13 -2.10 -10.44 -10.87
CA LYS A 13 -2.27 -10.81 -9.47
C LYS A 13 -0.92 -11.01 -8.80
N LYS A 14 0.04 -11.58 -9.54
CA LYS A 14 1.37 -11.82 -9.01
C LYS A 14 2.02 -10.52 -8.53
N GLU A 15 1.83 -9.46 -9.30
CA GLU A 15 2.39 -8.16 -8.95
C GLU A 15 1.73 -7.60 -7.69
N ALA A 16 0.41 -7.56 -7.70
CA ALA A 16 -0.34 -7.05 -6.55
C ALA A 16 -0.05 -7.87 -5.29
N GLU A 17 0.03 -9.18 -5.45
CA GLU A 17 0.31 -10.07 -4.33
C GLU A 17 1.63 -9.70 -3.66
N LYS A 18 2.63 -9.36 -4.47
CA LYS A 18 3.94 -8.98 -3.96
C LYS A 18 3.84 -7.76 -3.05
N PHE A 19 2.97 -6.82 -3.42
CA PHE A 19 2.78 -5.61 -2.65
C PHE A 19 2.00 -5.89 -1.36
N ALA A 20 1.00 -6.76 -1.47
CA ALA A 20 0.18 -7.12 -0.32
C ALA A 20 1.03 -7.65 0.82
N ALA A 21 2.02 -8.49 0.49
CA ALA A 21 2.90 -9.06 1.49
C ALA A 21 3.55 -7.98 2.34
N ILE A 22 4.02 -6.91 1.68
CA ILE A 22 4.66 -5.81 2.37
C ILE A 22 3.66 -5.04 3.23
N LEU A 23 2.53 -4.69 2.63
CA LEU A 23 1.48 -3.96 3.33
C LEU A 23 1.09 -4.67 4.63
N ILE A 24 1.04 -5.99 4.57
CA ILE A 24 0.68 -6.79 5.73
C ILE A 24 1.69 -6.58 6.88
N LYS A 25 2.96 -6.55 6.53
CA LYS A 25 4.02 -6.35 7.52
C LYS A 25 3.94 -4.96 8.14
N VAL A 26 3.68 -3.96 7.29
CA VAL A 26 3.57 -2.58 7.76
C VAL A 26 2.37 -2.41 8.69
N PHE A 27 1.26 -3.05 8.33
CA PHE A 27 0.05 -2.97 9.14
C PHE A 27 0.22 -3.69 10.47
N ALA A 28 0.87 -4.85 10.44
CA ALA A 28 1.10 -5.64 11.63
C ALA A 28 1.97 -4.87 12.63
N GLU A 29 3.04 -4.27 12.13
CA GLU A 29 3.95 -3.51 12.98
C GLU A 29 3.29 -2.22 13.48
N LEU A 30 2.21 -1.82 12.82
CA LEU A 30 1.47 -0.62 13.19
C LEU A 30 0.35 -0.95 14.16
N GLY A 31 0.23 -2.23 14.51
CA GLY A 31 -0.80 -2.65 15.44
C GLY A 31 -2.11 -2.98 14.73
N TYR A 32 -2.06 -3.01 13.40
CA TYR A 32 -3.25 -3.31 12.61
C TYR A 32 -3.31 -4.80 12.26
N ASN A 33 -2.82 -5.64 13.17
CA ASN A 33 -2.82 -7.08 12.96
C ASN A 33 -4.20 -7.58 12.55
N ASP A 34 -4.25 -8.77 11.96
CA ASP A 34 -5.51 -9.35 11.53
C ASP A 34 -6.09 -8.57 10.35
N ILE A 35 -5.35 -8.53 9.25
CA ILE A 35 -5.80 -7.83 8.06
C ILE A 35 -6.61 -8.74 7.14
N ASN A 36 -7.56 -8.15 6.42
CA ASN A 36 -8.40 -8.91 5.50
C ASN A 36 -8.30 -8.35 4.09
N VAL A 37 -7.96 -9.22 3.13
CA VAL A 37 -7.85 -8.81 1.74
C VAL A 37 -9.08 -9.22 0.94
N THR A 38 -9.56 -8.29 0.11
CA THR A 38 -10.74 -8.55 -0.70
C THR A 38 -10.49 -8.18 -2.16
N TRP A 39 -10.62 -9.15 -3.05
CA TRP A 39 -10.41 -8.92 -4.47
C TRP A 39 -11.73 -8.91 -5.23
N ASP A 40 -11.83 -8.04 -6.22
CA ASP A 40 -13.05 -7.93 -7.02
C ASP A 40 -12.72 -7.72 -8.50
N GLY A 41 -12.78 -8.81 -9.27
CA GLY A 41 -12.48 -8.72 -10.69
C GLY A 41 -11.00 -8.83 -10.98
N ASP A 42 -10.28 -7.73 -10.78
CA ASP A 42 -8.84 -7.71 -11.02
C ASP A 42 -8.15 -6.67 -10.13
N THR A 43 -8.83 -6.29 -9.06
CA THR A 43 -8.30 -5.30 -8.12
C THR A 43 -8.29 -5.84 -6.69
N VAL A 44 -7.13 -5.73 -6.03
CA VAL A 44 -7.00 -6.19 -4.66
C VAL A 44 -6.95 -5.03 -3.69
N THR A 45 -7.73 -5.14 -2.60
CA THR A 45 -7.78 -4.09 -1.60
C THR A 45 -7.63 -4.67 -0.19
N VAL A 46 -6.68 -4.13 0.57
CA VAL A 46 -6.44 -4.59 1.93
C VAL A 46 -7.25 -3.79 2.94
N GLU A 47 -7.84 -4.50 3.91
CA GLU A 47 -8.65 -3.86 4.94
C GLU A 47 -8.16 -4.25 6.34
N GLY A 48 -7.92 -3.24 7.17
CA GLY A 48 -7.46 -3.49 8.52
C GLY A 48 -8.29 -2.78 9.57
N GLN A 49 -8.06 -3.10 10.83
CA GLN A 49 -8.79 -2.48 11.94
C GLN A 49 -7.84 -2.09 13.07
N LEU A 50 -8.17 -1.01 13.76
CA LEU A 50 -7.36 -0.54 14.88
C LEU A 50 -8.23 -0.24 16.10
N GLU A 51 -7.75 -0.65 17.27
CA GLU A 51 -8.49 -0.42 18.51
C GLU A 51 -7.65 0.41 19.48
N GLY A 52 -6.34 0.17 19.50
CA GLY A 52 -5.47 0.90 20.39
C GLY A 52 -5.62 2.40 20.25
N GLY A 53 -6.02 3.06 21.35
CA GLY A 53 -6.20 4.50 21.32
C GLY A 53 -7.67 4.89 21.28
N SER A 54 -8.38 4.63 22.36
CA SER A 54 -9.80 4.96 22.44
C SER A 54 -10.11 5.71 23.74
N LEU A 55 -10.33 7.02 23.61
CA LEU A 55 -10.63 7.85 24.77
C LEU A 55 -12.13 7.89 25.03
N GLU A 56 -12.65 6.81 25.60
CA GLU A 56 -14.08 6.72 25.91
C GLU A 56 -14.91 6.73 24.63
N HIS A 57 -16.10 6.16 24.70
CA HIS A 57 -17.00 6.10 23.55
C HIS A 57 -18.46 6.06 24.00
N HIS A 58 -18.78 5.08 24.84
CA HIS A 58 -20.14 4.93 25.35
C HIS A 58 -20.28 5.58 26.71
N GLU B 2 3.79 -1.20 -17.09
CA GLU B 2 4.10 -1.68 -15.76
C GLU B 2 4.00 -0.56 -14.73
N ARG B 3 2.88 0.17 -14.76
CA ARG B 3 2.66 1.27 -13.84
C ARG B 3 1.92 0.80 -12.59
N VAL B 4 2.46 1.13 -11.42
CA VAL B 4 1.85 0.75 -10.16
C VAL B 4 1.23 1.95 -9.46
N ARG B 5 -0.05 1.84 -9.12
CA ARG B 5 -0.77 2.91 -8.46
C ARG B 5 -1.52 2.39 -7.23
N ILE B 6 -1.20 2.95 -6.07
CA ILE B 6 -1.84 2.54 -4.83
C ILE B 6 -2.57 3.71 -4.17
N SER B 7 -3.86 3.51 -3.90
CA SER B 7 -4.67 4.55 -3.28
C SER B 7 -5.08 4.15 -1.87
N ILE B 8 -4.78 5.01 -0.90
CA ILE B 8 -5.12 4.74 0.50
C ILE B 8 -6.20 5.69 0.99
N THR B 9 -7.18 5.13 1.70
CA THR B 9 -8.28 5.93 2.23
C THR B 9 -8.24 5.99 3.75
N ALA B 10 -7.65 7.05 4.28
CA ALA B 10 -7.54 7.24 5.72
C ALA B 10 -8.56 8.25 6.22
N ARG B 11 -8.71 8.33 7.54
CA ARG B 11 -9.66 9.25 8.16
C ARG B 11 -9.16 10.69 8.04
N THR B 12 -7.86 10.86 8.21
CA THR B 12 -7.26 12.20 8.12
C THR B 12 -6.00 12.18 7.26
N LYS B 13 -5.62 13.35 6.76
CA LYS B 13 -4.43 13.46 5.93
C LYS B 13 -3.20 12.99 6.67
N LYS B 14 -3.11 13.31 7.96
CA LYS B 14 -1.98 12.91 8.78
C LYS B 14 -1.83 11.38 8.78
N GLU B 15 -2.96 10.68 8.82
CA GLU B 15 -2.94 9.22 8.82
C GLU B 15 -2.42 8.68 7.50
N ALA B 16 -3.00 9.14 6.40
CA ALA B 16 -2.58 8.70 5.07
C ALA B 16 -1.11 9.03 4.82
N GLU B 17 -0.70 10.21 5.26
CA GLU B 17 0.69 10.64 5.07
C GLU B 17 1.65 9.66 5.71
N LYS B 18 1.29 9.16 6.89
CA LYS B 18 2.13 8.20 7.61
C LYS B 18 2.34 6.94 6.78
N PHE B 19 1.34 6.58 5.99
CA PHE B 19 1.42 5.39 5.15
C PHE B 19 2.23 5.67 3.89
N ALA B 20 2.04 6.85 3.33
CA ALA B 20 2.76 7.25 2.11
C ALA B 20 4.26 7.13 2.30
N ALA B 21 4.74 7.56 3.47
CA ALA B 21 6.17 7.50 3.76
C ALA B 21 6.71 6.09 3.58
N ILE B 22 5.98 5.11 4.08
CA ILE B 22 6.38 3.71 3.96
C ILE B 22 6.33 3.24 2.51
N LEU B 23 5.21 3.50 1.85
CA LEU B 23 5.03 3.11 0.46
C LEU B 23 6.19 3.61 -0.40
N ILE B 24 6.64 4.83 -0.12
CA ILE B 24 7.75 5.42 -0.87
C ILE B 24 9.01 4.58 -0.73
N LYS B 25 9.28 4.12 0.48
CA LYS B 25 10.46 3.30 0.74
C LYS B 25 10.36 1.96 0.03
N VAL B 26 9.18 1.36 0.05
CA VAL B 26 8.95 0.08 -0.60
C VAL B 26 9.13 0.18 -2.11
N PHE B 27 8.62 1.28 -2.68
CA PHE B 27 8.72 1.51 -4.11
C PHE B 27 10.16 1.79 -4.51
N ALA B 28 10.85 2.61 -3.72
CA ALA B 28 12.24 2.96 -3.99
C ALA B 28 13.13 1.72 -3.97
N GLU B 29 12.95 0.89 -2.95
CA GLU B 29 13.74 -0.33 -2.81
C GLU B 29 13.40 -1.34 -3.90
N LEU B 30 12.24 -1.15 -4.52
CA LEU B 30 11.80 -2.04 -5.59
C LEU B 30 12.25 -1.53 -6.95
N GLY B 31 12.91 -0.39 -6.95
CA GLY B 31 13.39 0.19 -8.20
C GLY B 31 12.35 1.07 -8.87
N TYR B 32 11.30 1.42 -8.12
CA TYR B 32 10.23 2.26 -8.66
C TYR B 32 10.47 3.73 -8.32
N ASN B 33 11.75 4.12 -8.32
CA ASN B 33 12.12 5.50 -8.01
C ASN B 33 11.28 6.48 -8.83
N ASP B 34 11.25 7.73 -8.39
CA ASP B 34 10.49 8.77 -9.09
C ASP B 34 9.00 8.55 -8.91
N ILE B 35 8.54 8.58 -7.67
CA ILE B 35 7.14 8.38 -7.36
C ILE B 35 6.40 9.72 -7.29
N ASN B 36 5.12 9.71 -7.65
CA ASN B 36 4.31 10.93 -7.62
C ASN B 36 3.01 10.69 -6.85
N VAL B 37 2.74 11.56 -5.88
CA VAL B 37 1.53 11.45 -5.07
C VAL B 37 0.49 12.46 -5.50
N THR B 38 -0.76 12.01 -5.59
CA THR B 38 -1.87 12.87 -5.99
C THR B 38 -3.06 12.72 -5.06
N TRP B 39 -3.54 13.85 -4.54
CA TRP B 39 -4.67 13.85 -3.63
C TRP B 39 -5.93 14.35 -4.32
N ASP B 40 -6.96 13.50 -4.36
CA ASP B 40 -8.23 13.86 -5.00
C ASP B 40 -9.41 13.31 -4.20
N GLY B 41 -10.29 14.21 -3.76
CA GLY B 41 -11.45 13.80 -3.00
C GLY B 41 -11.09 13.31 -1.61
N ASP B 42 -10.20 14.04 -0.93
CA ASP B 42 -9.77 13.67 0.41
C ASP B 42 -9.09 12.31 0.40
N THR B 43 -8.65 11.88 -0.78
CA THR B 43 -7.99 10.59 -0.92
C THR B 43 -6.63 10.74 -1.60
N VAL B 44 -5.61 10.13 -1.02
CA VAL B 44 -4.26 10.19 -1.57
C VAL B 44 -3.91 8.92 -2.33
N THR B 45 -3.37 9.08 -3.53
CA THR B 45 -2.99 7.94 -4.35
C THR B 45 -1.55 8.08 -4.87
N VAL B 46 -0.73 7.07 -4.60
CA VAL B 46 0.66 7.08 -5.04
C VAL B 46 0.81 6.46 -6.43
N GLU B 47 1.62 7.09 -7.26
CA GLU B 47 1.85 6.58 -8.62
C GLU B 47 3.34 6.43 -8.89
N GLY B 48 3.72 5.24 -9.35
CA GLY B 48 5.12 4.98 -9.65
C GLY B 48 5.32 4.36 -11.02
N GLN B 49 6.55 4.41 -11.52
CA GLN B 49 6.86 3.85 -12.83
C GLN B 49 8.10 2.97 -12.76
N LEU B 50 8.06 1.85 -13.48
CA LEU B 50 9.18 0.92 -13.49
C LEU B 50 9.72 0.74 -14.91
N GLU B 51 10.98 1.11 -15.11
CA GLU B 51 11.61 0.99 -16.42
C GLU B 51 12.34 -0.34 -16.55
N GLY B 52 11.65 -1.43 -16.17
CA GLY B 52 12.25 -2.75 -16.25
C GLY B 52 12.72 -3.08 -17.66
N GLY B 53 11.94 -2.68 -18.65
CA GLY B 53 12.29 -2.95 -20.03
C GLY B 53 13.51 -2.17 -20.48
N SER B 54 13.29 -0.97 -20.99
CA SER B 54 14.38 -0.12 -21.47
C SER B 54 14.01 1.35 -21.36
N LEU B 55 13.04 1.77 -22.16
CA LEU B 55 12.59 3.16 -22.16
C LEU B 55 13.77 4.12 -22.28
N GLU B 56 14.45 4.07 -23.42
CA GLU B 56 15.60 4.93 -23.66
C GLU B 56 15.15 6.29 -24.20
N HIS B 57 15.90 7.34 -23.85
CA HIS B 57 15.58 8.68 -24.30
C HIS B 57 16.61 9.69 -23.77
N HIS B 58 17.46 10.18 -24.66
CA HIS B 58 18.48 11.15 -24.27
C HIS B 58 19.31 10.62 -23.10
N GLU A 2 -11.38 3.90 13.64
CA GLU A 2 -10.18 4.12 12.84
C GLU A 2 -9.98 3.01 11.82
N ARG A 3 -10.71 3.07 10.71
CA ARG A 3 -10.61 2.07 9.67
C ARG A 3 -9.68 2.52 8.55
N VAL A 4 -8.86 1.61 8.06
CA VAL A 4 -7.92 1.92 6.99
C VAL A 4 -7.97 0.86 5.88
N ARG A 5 -8.25 1.31 4.66
CA ARG A 5 -8.34 0.41 3.53
C ARG A 5 -7.50 0.93 2.35
N ILE A 6 -6.64 0.07 1.83
CA ILE A 6 -5.78 0.45 0.70
C ILE A 6 -6.00 -0.48 -0.49
N SER A 7 -6.30 0.10 -1.64
CA SER A 7 -6.52 -0.68 -2.85
C SER A 7 -5.39 -0.48 -3.85
N ILE A 8 -4.79 -1.59 -4.28
CA ILE A 8 -3.68 -1.53 -5.22
C ILE A 8 -4.10 -2.11 -6.58
N THR A 9 -3.73 -1.41 -7.65
CA THR A 9 -4.06 -1.86 -9.00
C THR A 9 -2.80 -2.18 -9.80
N ALA A 10 -2.45 -3.46 -9.83
CA ALA A 10 -1.28 -3.90 -10.57
C ALA A 10 -1.66 -4.53 -11.90
N ARG A 11 -0.68 -4.68 -12.78
CA ARG A 11 -0.91 -5.27 -14.10
C ARG A 11 -1.23 -6.76 -13.98
N THR A 12 -0.40 -7.48 -13.24
CA THR A 12 -0.59 -8.92 -13.04
C THR A 12 -0.87 -9.24 -11.58
N LYS A 13 -1.58 -10.34 -11.36
CA LYS A 13 -1.92 -10.77 -10.00
C LYS A 13 -0.66 -10.94 -9.16
N LYS A 14 0.39 -11.48 -9.77
CA LYS A 14 1.65 -11.69 -9.08
C LYS A 14 2.21 -10.38 -8.53
N GLU A 15 2.03 -9.31 -9.29
CA GLU A 15 2.51 -8.00 -8.88
C GLU A 15 1.75 -7.49 -7.65
N ALA A 16 0.43 -7.53 -7.72
CA ALA A 16 -0.41 -7.09 -6.62
C ALA A 16 -0.14 -7.91 -5.36
N GLU A 17 0.04 -9.21 -5.53
CA GLU A 17 0.31 -10.10 -4.41
C GLU A 17 1.58 -9.69 -3.68
N LYS A 18 2.59 -9.31 -4.45
CA LYS A 18 3.87 -8.89 -3.88
C LYS A 18 3.70 -7.66 -2.99
N PHE A 19 2.93 -6.69 -3.47
CA PHE A 19 2.69 -5.46 -2.72
C PHE A 19 1.90 -5.76 -1.45
N ALA A 20 0.89 -6.61 -1.57
CA ALA A 20 0.05 -6.98 -0.43
C ALA A 20 0.89 -7.53 0.71
N ALA A 21 1.87 -8.37 0.36
CA ALA A 21 2.75 -8.97 1.37
C ALA A 21 3.40 -7.89 2.23
N ILE A 22 3.92 -6.86 1.58
CA ILE A 22 4.57 -5.76 2.28
C ILE A 22 3.58 -4.99 3.15
N LEU A 23 2.46 -4.62 2.56
CA LEU A 23 1.43 -3.87 3.28
C LEU A 23 1.06 -4.58 4.58
N ILE A 24 0.93 -5.90 4.51
CA ILE A 24 0.57 -6.70 5.68
C ILE A 24 1.59 -6.49 6.81
N LYS A 25 2.87 -6.52 6.45
CA LYS A 25 3.94 -6.34 7.42
C LYS A 25 3.88 -4.95 8.04
N VAL A 26 3.57 -3.95 7.22
CA VAL A 26 3.49 -2.58 7.68
C VAL A 26 2.29 -2.39 8.60
N PHE A 27 1.17 -3.00 8.25
CA PHE A 27 -0.04 -2.91 9.05
C PHE A 27 0.14 -3.57 10.41
N ALA A 28 0.77 -4.75 10.40
CA ALA A 28 1.02 -5.49 11.63
C ALA A 28 1.93 -4.72 12.58
N GLU A 29 3.01 -4.16 12.03
CA GLU A 29 3.97 -3.40 12.82
C GLU A 29 3.34 -2.08 13.28
N LEU A 30 2.28 -1.67 12.61
CA LEU A 30 1.60 -0.42 12.95
C LEU A 30 0.51 -0.66 14.00
N GLY A 31 0.22 -1.93 14.26
CA GLY A 31 -0.79 -2.27 15.24
C GLY A 31 -2.14 -2.55 14.61
N TYR A 32 -2.16 -2.66 13.30
CA TYR A 32 -3.40 -2.94 12.56
C TYR A 32 -3.57 -4.43 12.33
N ASN A 33 -3.15 -5.24 13.30
CA ASN A 33 -3.25 -6.69 13.19
C ASN A 33 -4.66 -7.10 12.76
N ASP A 34 -4.79 -8.32 12.26
CA ASP A 34 -6.08 -8.84 11.82
C ASP A 34 -6.55 -8.12 10.56
N ILE A 35 -5.77 -8.22 9.49
CA ILE A 35 -6.10 -7.58 8.23
C ILE A 35 -6.93 -8.50 7.34
N ASN A 36 -7.80 -7.91 6.53
CA ASN A 36 -8.65 -8.68 5.63
C ASN A 36 -8.53 -8.17 4.19
N VAL A 37 -8.14 -9.07 3.29
CA VAL A 37 -7.98 -8.71 1.88
C VAL A 37 -9.17 -9.19 1.06
N THR A 38 -9.64 -8.34 0.16
CA THR A 38 -10.78 -8.67 -0.68
C THR A 38 -10.49 -8.35 -2.15
N TRP A 39 -10.50 -9.38 -2.99
CA TRP A 39 -10.23 -9.20 -4.41
C TRP A 39 -11.51 -9.37 -5.22
N ASP A 40 -11.65 -8.56 -6.27
CA ASP A 40 -12.84 -8.62 -7.13
C ASP A 40 -12.45 -8.40 -8.58
N GLY A 41 -12.41 -9.48 -9.36
CA GLY A 41 -12.06 -9.37 -10.76
C GLY A 41 -10.56 -9.40 -10.98
N ASP A 42 -9.91 -8.25 -10.81
CA ASP A 42 -8.47 -8.13 -11.00
C ASP A 42 -7.90 -7.04 -10.11
N THR A 43 -8.64 -6.68 -9.07
CA THR A 43 -8.20 -5.64 -8.14
C THR A 43 -8.21 -6.14 -6.70
N VAL A 44 -7.11 -5.93 -6.00
CA VAL A 44 -6.99 -6.36 -4.61
C VAL A 44 -6.99 -5.16 -3.65
N THR A 45 -7.79 -5.25 -2.60
CA THR A 45 -7.88 -4.18 -1.63
C THR A 45 -7.71 -4.72 -0.20
N VAL A 46 -6.79 -4.11 0.54
CA VAL A 46 -6.52 -4.53 1.91
C VAL A 46 -7.37 -3.73 2.90
N GLU A 47 -7.91 -4.41 3.91
CA GLU A 47 -8.73 -3.76 4.92
C GLU A 47 -8.17 -4.02 6.32
N GLY A 48 -7.77 -2.94 6.99
CA GLY A 48 -7.22 -3.07 8.33
C GLY A 48 -7.89 -2.12 9.32
N GLN A 49 -7.86 -2.50 10.59
CA GLN A 49 -8.47 -1.68 11.63
C GLN A 49 -7.47 -1.37 12.74
N LEU A 50 -7.77 -0.34 13.54
CA LEU A 50 -6.89 0.05 14.63
C LEU A 50 -7.63 0.07 15.96
N GLU A 51 -6.98 -0.40 17.01
CA GLU A 51 -7.58 -0.44 18.34
C GLU A 51 -6.80 0.42 19.32
N GLY A 52 -5.48 0.47 19.13
CA GLY A 52 -4.64 1.26 20.00
C GLY A 52 -3.76 0.40 20.89
N GLY A 53 -3.22 -0.68 20.31
CA GLY A 53 -2.36 -1.56 21.07
C GLY A 53 -1.15 -2.01 20.28
N SER A 54 -0.77 -3.28 20.46
CA SER A 54 0.39 -3.82 19.77
C SER A 54 0.53 -5.33 20.05
N LEU A 55 0.23 -5.72 21.27
CA LEU A 55 0.32 -7.12 21.67
C LEU A 55 1.72 -7.66 21.42
N GLU A 56 2.71 -6.77 21.44
CA GLU A 56 4.09 -7.17 21.21
C GLU A 56 4.20 -8.14 20.05
N HIS A 57 5.33 -8.83 19.96
CA HIS A 57 5.57 -9.80 18.89
C HIS A 57 6.94 -10.44 19.03
N HIS A 58 7.00 -11.76 18.82
CA HIS A 58 8.25 -12.49 18.92
C HIS A 58 9.12 -12.26 17.68
N GLU B 2 6.64 -1.30 -15.96
CA GLU B 2 5.29 -1.56 -15.47
C GLU B 2 4.78 -0.36 -14.67
N ARG B 3 3.45 -0.26 -14.55
CA ARG B 3 2.84 0.83 -13.81
C ARG B 3 2.17 0.32 -12.54
N VAL B 4 2.38 1.03 -11.44
CA VAL B 4 1.80 0.64 -10.16
C VAL B 4 1.14 1.84 -9.47
N ARG B 5 -0.13 1.68 -9.11
CA ARG B 5 -0.87 2.74 -8.45
C ARG B 5 -1.58 2.22 -7.21
N ILE B 6 -1.34 2.86 -6.07
CA ILE B 6 -1.95 2.46 -4.81
C ILE B 6 -2.69 3.63 -4.17
N SER B 7 -3.95 3.42 -3.86
CA SER B 7 -4.78 4.45 -3.23
C SER B 7 -5.19 4.04 -1.81
N ILE B 8 -5.07 4.98 -0.89
CA ILE B 8 -5.43 4.72 0.50
C ILE B 8 -6.69 5.48 0.90
N THR B 9 -7.59 4.81 1.59
CA THR B 9 -8.85 5.42 2.03
C THR B 9 -8.78 5.80 3.50
N ALA B 10 -7.99 6.83 3.82
CA ALA B 10 -7.85 7.29 5.19
C ALA B 10 -8.70 8.53 5.44
N ARG B 11 -9.00 8.78 6.72
CA ARG B 11 -9.81 9.94 7.09
C ARG B 11 -8.96 11.20 7.12
N THR B 12 -8.04 11.27 8.10
CA THR B 12 -7.17 12.43 8.24
C THR B 12 -5.95 12.31 7.35
N LYS B 13 -5.37 13.45 6.99
CA LYS B 13 -4.19 13.48 6.13
C LYS B 13 -3.02 12.75 6.81
N LYS B 14 -2.90 12.91 8.11
CA LYS B 14 -1.83 12.26 8.87
C LYS B 14 -1.87 10.75 8.69
N GLU B 15 -3.09 10.21 8.62
CA GLU B 15 -3.26 8.77 8.45
C GLU B 15 -2.67 8.30 7.12
N ALA B 16 -3.08 8.96 6.04
CA ALA B 16 -2.59 8.61 4.71
C ALA B 16 -1.10 8.91 4.57
N GLU B 17 -0.68 10.04 5.13
CA GLU B 17 0.72 10.45 5.06
C GLU B 17 1.62 9.39 5.69
N LYS B 18 1.17 8.81 6.79
CA LYS B 18 1.93 7.77 7.49
C LYS B 18 2.17 6.57 6.57
N PHE B 19 1.15 6.20 5.80
CA PHE B 19 1.25 5.07 4.89
C PHE B 19 2.10 5.43 3.68
N ALA B 20 1.90 6.63 3.16
CA ALA B 20 2.65 7.10 2.00
C ALA B 20 4.16 7.01 2.25
N ALA B 21 4.58 7.45 3.43
CA ALA B 21 5.99 7.43 3.79
C ALA B 21 6.60 6.05 3.56
N ILE B 22 5.91 5.02 4.04
CA ILE B 22 6.38 3.64 3.89
C ILE B 22 6.32 3.21 2.42
N LEU B 23 5.20 3.48 1.77
CA LEU B 23 5.03 3.12 0.37
C LEU B 23 6.18 3.63 -0.47
N ILE B 24 6.66 4.83 -0.16
CA ILE B 24 7.76 5.44 -0.88
C ILE B 24 9.02 4.58 -0.77
N LYS B 25 9.30 4.10 0.44
CA LYS B 25 10.47 3.28 0.69
C LYS B 25 10.36 1.96 -0.06
N VAL B 26 9.18 1.36 -0.04
CA VAL B 26 8.95 0.09 -0.71
C VAL B 26 9.10 0.23 -2.22
N PHE B 27 8.60 1.35 -2.76
CA PHE B 27 8.69 1.60 -4.20
C PHE B 27 10.14 1.84 -4.62
N ALA B 28 10.86 2.61 -3.81
CA ALA B 28 12.26 2.92 -4.10
C ALA B 28 13.11 1.66 -4.11
N GLU B 29 12.91 0.81 -3.11
CA GLU B 29 13.66 -0.43 -3.00
C GLU B 29 13.26 -1.41 -4.09
N LEU B 30 12.10 -1.17 -4.70
CA LEU B 30 11.60 -2.04 -5.76
C LEU B 30 12.03 -1.51 -7.12
N GLY B 31 12.74 -0.39 -7.13
CA GLY B 31 13.20 0.18 -8.37
C GLY B 31 12.19 1.12 -9.00
N TYR B 32 11.15 1.44 -8.24
CA TYR B 32 10.09 2.32 -8.73
C TYR B 32 10.37 3.77 -8.32
N ASN B 33 11.64 4.15 -8.33
CA ASN B 33 12.04 5.50 -7.95
C ASN B 33 11.20 6.54 -8.69
N ASP B 34 11.17 7.76 -8.16
CA ASP B 34 10.41 8.84 -8.79
C ASP B 34 8.92 8.57 -8.70
N ILE B 35 8.38 8.64 -7.49
CA ILE B 35 6.96 8.39 -7.27
C ILE B 35 6.18 9.71 -7.22
N ASN B 36 4.93 9.67 -7.67
CA ASN B 36 4.08 10.85 -7.68
C ASN B 36 2.78 10.61 -6.91
N VAL B 37 2.56 11.38 -5.85
CA VAL B 37 1.37 11.24 -5.04
C VAL B 37 0.38 12.37 -5.32
N THR B 38 -0.89 12.02 -5.43
CA THR B 38 -1.93 13.00 -5.69
C THR B 38 -3.13 12.81 -4.76
N TRP B 39 -3.35 13.80 -3.89
CA TRP B 39 -4.44 13.74 -2.93
C TRP B 39 -5.65 14.54 -3.44
N ASP B 40 -6.82 13.91 -3.41
CA ASP B 40 -8.04 14.56 -3.88
C ASP B 40 -9.16 14.38 -2.86
N GLY B 41 -9.40 15.41 -2.05
CA GLY B 41 -10.44 15.33 -1.04
C GLY B 41 -9.95 14.75 0.26
N ASP B 42 -9.98 13.42 0.36
CA ASP B 42 -9.54 12.73 1.57
C ASP B 42 -8.94 11.37 1.23
N THR B 43 -8.58 11.19 -0.04
CA THR B 43 -8.00 9.93 -0.50
C THR B 43 -6.67 10.17 -1.22
N VAL B 44 -5.61 9.55 -0.71
CA VAL B 44 -4.29 9.69 -1.31
C VAL B 44 -3.99 8.55 -2.27
N THR B 45 -3.47 8.88 -3.45
CA THR B 45 -3.14 7.88 -4.45
C THR B 45 -1.71 8.05 -4.94
N VAL B 46 -0.89 7.01 -4.75
CA VAL B 46 0.50 7.04 -5.18
C VAL B 46 0.67 6.40 -6.54
N GLU B 47 1.46 7.04 -7.40
CA GLU B 47 1.70 6.54 -8.75
C GLU B 47 3.19 6.29 -8.96
N GLY B 48 3.52 5.07 -9.38
CA GLY B 48 4.91 4.72 -9.63
C GLY B 48 5.11 4.09 -10.99
N GLN B 49 6.31 4.29 -11.56
CA GLN B 49 6.63 3.74 -12.86
C GLN B 49 7.84 2.82 -12.79
N LEU B 50 7.88 1.82 -13.66
CA LEU B 50 8.98 0.87 -13.69
C LEU B 50 9.58 0.76 -15.10
N GLU B 51 10.88 0.96 -15.20
CA GLU B 51 11.57 0.89 -16.49
C GLU B 51 12.49 -0.33 -16.54
N GLY B 52 13.13 -0.63 -15.42
CA GLY B 52 14.03 -1.77 -15.36
C GLY B 52 15.17 -1.56 -14.39
N GLY B 53 15.21 -2.36 -13.33
CA GLY B 53 16.26 -2.24 -12.34
C GLY B 53 15.91 -2.92 -11.03
N SER B 54 16.85 -3.69 -10.50
CA SER B 54 16.63 -4.41 -9.24
C SER B 54 17.96 -4.81 -8.61
N LEU B 55 18.16 -4.40 -7.36
CA LEU B 55 19.39 -4.72 -6.64
C LEU B 55 19.49 -6.22 -6.38
N GLU B 56 18.47 -6.79 -5.77
CA GLU B 56 18.45 -8.22 -5.47
C GLU B 56 17.26 -8.90 -6.15
N HIS B 57 16.07 -8.71 -5.58
CA HIS B 57 14.87 -9.31 -6.13
C HIS B 57 15.05 -10.80 -6.36
N HIS B 58 15.13 -11.56 -5.28
CA HIS B 58 15.31 -13.01 -5.38
C HIS B 58 14.55 -13.73 -4.27
N GLU A 2 -11.51 3.99 13.63
CA GLU A 2 -10.23 4.14 12.95
C GLU A 2 -9.94 2.94 12.05
N ARG A 3 -10.42 3.01 10.82
CA ARG A 3 -10.22 1.93 9.86
C ARG A 3 -9.31 2.38 8.72
N VAL A 4 -8.51 1.44 8.19
CA VAL A 4 -7.60 1.74 7.10
C VAL A 4 -7.73 0.72 5.98
N ARG A 5 -7.99 1.21 4.77
CA ARG A 5 -8.14 0.33 3.61
C ARG A 5 -7.27 0.82 2.45
N ILE A 6 -6.48 -0.08 1.89
CA ILE A 6 -5.61 0.25 0.77
C ILE A 6 -5.85 -0.67 -0.41
N SER A 7 -6.14 -0.08 -1.57
CA SER A 7 -6.40 -0.86 -2.78
C SER A 7 -5.30 -0.63 -3.81
N ILE A 8 -4.73 -1.72 -4.31
CA ILE A 8 -3.67 -1.63 -5.31
C ILE A 8 -4.15 -2.14 -6.67
N THR A 9 -3.82 -1.40 -7.72
CA THR A 9 -4.22 -1.78 -9.07
C THR A 9 -3.01 -2.14 -9.92
N ALA A 10 -2.69 -3.43 -9.98
CA ALA A 10 -1.57 -3.92 -10.76
C ALA A 10 -2.03 -4.57 -12.06
N ARG A 11 -1.07 -4.84 -12.95
CA ARG A 11 -1.39 -5.45 -14.23
C ARG A 11 -1.58 -6.95 -14.08
N THR A 12 -0.80 -7.56 -13.19
CA THR A 12 -0.88 -9.00 -12.95
C THR A 12 -1.05 -9.30 -11.46
N LYS A 13 -1.58 -10.48 -11.15
CA LYS A 13 -1.79 -10.89 -9.78
C LYS A 13 -0.46 -11.05 -9.04
N LYS A 14 0.56 -11.49 -9.77
CA LYS A 14 1.89 -11.67 -9.18
C LYS A 14 2.41 -10.36 -8.59
N GLU A 15 2.20 -9.27 -9.30
CA GLU A 15 2.65 -7.96 -8.84
C GLU A 15 1.87 -7.53 -7.60
N ALA A 16 0.55 -7.65 -7.66
CA ALA A 16 -0.30 -7.26 -6.54
C ALA A 16 0.05 -8.08 -5.29
N GLU A 17 0.28 -9.37 -5.48
CA GLU A 17 0.62 -10.26 -4.37
C GLU A 17 1.87 -9.77 -3.65
N LYS A 18 2.85 -9.31 -4.43
CA LYS A 18 4.11 -8.81 -3.86
C LYS A 18 3.86 -7.58 -3.00
N PHE A 19 2.91 -6.75 -3.41
CA PHE A 19 2.58 -5.54 -2.68
C PHE A 19 1.86 -5.86 -1.37
N ALA A 20 0.88 -6.77 -1.45
CA ALA A 20 0.12 -7.17 -0.29
C ALA A 20 1.04 -7.68 0.82
N ALA A 21 2.00 -8.51 0.44
CA ALA A 21 2.95 -9.07 1.41
C ALA A 21 3.57 -7.98 2.26
N ILE A 22 4.02 -6.90 1.61
CA ILE A 22 4.63 -5.78 2.32
C ILE A 22 3.62 -5.05 3.18
N LEU A 23 2.47 -4.72 2.59
CA LEU A 23 1.42 -4.01 3.30
C LEU A 23 1.06 -4.74 4.59
N ILE A 24 1.01 -6.06 4.53
CA ILE A 24 0.68 -6.88 5.69
C ILE A 24 1.66 -6.65 6.82
N LYS A 25 2.95 -6.59 6.48
CA LYS A 25 4.00 -6.36 7.46
C LYS A 25 3.88 -4.98 8.08
N VAL A 26 3.61 -3.99 7.25
CA VAL A 26 3.47 -2.61 7.71
C VAL A 26 2.27 -2.46 8.64
N PHE A 27 1.17 -3.13 8.30
CA PHE A 27 -0.04 -3.08 9.10
C PHE A 27 0.15 -3.79 10.44
N ALA A 28 0.82 -4.94 10.40
CA ALA A 28 1.08 -5.72 11.61
C ALA A 28 1.99 -4.96 12.56
N GLU A 29 3.05 -4.37 12.02
CA GLU A 29 4.00 -3.61 12.83
C GLU A 29 3.36 -2.32 13.34
N LEU A 30 2.27 -1.91 12.71
CA LEU A 30 1.57 -0.69 13.10
C LEU A 30 0.48 -1.01 14.12
N GLY A 31 0.31 -2.29 14.44
CA GLY A 31 -0.69 -2.69 15.40
C GLY A 31 -2.05 -2.92 14.77
N TYR A 32 -2.07 -3.00 13.44
CA TYR A 32 -3.31 -3.22 12.70
C TYR A 32 -3.52 -4.71 12.42
N ASN A 33 -3.11 -5.55 13.36
CA ASN A 33 -3.25 -6.99 13.20
C ASN A 33 -4.67 -7.36 12.79
N ASP A 34 -4.83 -8.57 12.25
CA ASP A 34 -6.14 -9.04 11.81
C ASP A 34 -6.58 -8.31 10.55
N ILE A 35 -5.79 -8.42 9.50
CA ILE A 35 -6.10 -7.77 8.23
C ILE A 35 -6.91 -8.69 7.32
N ASN A 36 -7.77 -8.09 6.50
CA ASN A 36 -8.60 -8.86 5.59
C ASN A 36 -8.43 -8.36 4.15
N VAL A 37 -8.06 -9.27 3.26
CA VAL A 37 -7.87 -8.93 1.85
C VAL A 37 -9.06 -9.37 1.00
N THR A 38 -9.49 -8.52 0.09
CA THR A 38 -10.62 -8.83 -0.79
C THR A 38 -10.30 -8.47 -2.23
N TRP A 39 -10.43 -9.45 -3.12
CA TRP A 39 -10.16 -9.24 -4.53
C TRP A 39 -11.46 -9.13 -5.32
N ASP A 40 -11.65 -8.01 -6.00
CA ASP A 40 -12.85 -7.79 -6.79
C ASP A 40 -12.52 -7.03 -8.08
N GLY A 41 -12.87 -7.64 -9.22
CA GLY A 41 -12.60 -7.01 -10.50
C GLY A 41 -11.11 -6.91 -10.80
N ASP A 42 -10.40 -8.01 -10.58
CA ASP A 42 -8.96 -8.05 -10.83
C ASP A 42 -8.24 -7.01 -9.98
N THR A 43 -8.88 -6.58 -8.90
CA THR A 43 -8.30 -5.59 -8.01
C THR A 43 -8.29 -6.09 -6.56
N VAL A 44 -7.12 -6.03 -5.93
CA VAL A 44 -6.98 -6.49 -4.55
C VAL A 44 -6.93 -5.30 -3.60
N THR A 45 -7.72 -5.38 -2.52
CA THR A 45 -7.77 -4.32 -1.53
C THR A 45 -7.61 -4.87 -0.12
N VAL A 46 -6.71 -4.27 0.66
CA VAL A 46 -6.47 -4.71 2.03
C VAL A 46 -7.29 -3.88 3.01
N GLU A 47 -7.85 -4.57 4.02
CA GLU A 47 -8.66 -3.89 5.04
C GLU A 47 -8.14 -4.21 6.43
N GLY A 48 -7.74 -3.17 7.16
CA GLY A 48 -7.23 -3.35 8.50
C GLY A 48 -7.90 -2.45 9.50
N GLN A 49 -7.71 -2.73 10.80
CA GLN A 49 -8.31 -1.94 11.86
C GLN A 49 -7.39 -1.86 13.06
N LEU A 50 -7.34 -0.70 13.69
CA LEU A 50 -6.49 -0.48 14.87
C LEU A 50 -7.33 -0.45 16.14
N GLU A 51 -6.81 -1.05 17.19
CA GLU A 51 -7.52 -1.09 18.48
C GLU A 51 -6.71 -0.37 19.56
N GLY A 52 -5.39 -0.41 19.43
CA GLY A 52 -4.52 0.23 20.40
C GLY A 52 -3.09 -0.25 20.31
N GLY A 53 -2.87 -1.52 20.66
CA GLY A 53 -1.53 -2.08 20.60
C GLY A 53 -1.43 -3.38 21.37
N SER A 54 -0.42 -4.18 21.04
CA SER A 54 -0.20 -5.46 21.69
C SER A 54 1.15 -6.05 21.33
N LEU A 55 1.54 -7.12 22.03
CA LEU A 55 2.82 -7.77 21.78
C LEU A 55 2.63 -9.07 21.00
N GLU A 56 1.90 -8.98 19.89
CA GLU A 56 1.65 -10.15 19.05
C GLU A 56 2.91 -10.95 18.84
N HIS A 57 3.80 -10.44 17.97
CA HIS A 57 5.05 -11.10 17.68
C HIS A 57 6.19 -10.53 18.52
N HIS A 58 6.59 -11.28 19.55
CA HIS A 58 7.67 -10.84 20.43
C HIS A 58 8.89 -11.74 20.28
N GLU B 2 4.81 -0.94 -17.50
CA GLU B 2 4.43 -1.53 -16.22
C GLU B 2 4.31 -0.44 -15.16
N ARG B 3 3.10 0.12 -15.02
CA ARG B 3 2.85 1.16 -14.03
C ARG B 3 2.11 0.60 -12.82
N VAL B 4 2.40 1.16 -11.65
CA VAL B 4 1.77 0.73 -10.42
C VAL B 4 1.17 1.91 -9.66
N ARG B 5 -0.10 1.80 -9.32
CA ARG B 5 -0.80 2.85 -8.59
C ARG B 5 -1.54 2.28 -7.38
N ILE B 6 -1.28 2.84 -6.21
CA ILE B 6 -1.92 2.39 -4.98
C ILE B 6 -2.69 3.53 -4.32
N SER B 7 -3.97 3.30 -4.05
CA SER B 7 -4.80 4.31 -3.41
C SER B 7 -5.15 3.90 -1.98
N ILE B 8 -4.81 4.78 -1.04
CA ILE B 8 -5.08 4.52 0.37
C ILE B 8 -6.18 5.44 0.92
N THR B 9 -7.11 4.88 1.66
CA THR B 9 -8.20 5.65 2.24
C THR B 9 -8.04 5.80 3.75
N ALA B 10 -7.66 7.00 4.19
CA ALA B 10 -7.47 7.27 5.61
C ALA B 10 -8.56 8.19 6.14
N ARG B 11 -8.63 8.32 7.45
CA ARG B 11 -9.62 9.18 8.09
C ARG B 11 -9.18 10.64 8.08
N THR B 12 -7.89 10.86 8.32
CA THR B 12 -7.33 12.20 8.35
C THR B 12 -6.16 12.33 7.38
N LYS B 13 -5.87 13.56 6.97
CA LYS B 13 -4.76 13.81 6.05
C LYS B 13 -3.46 13.26 6.60
N LYS B 14 -3.28 13.35 7.91
CA LYS B 14 -2.07 12.85 8.56
C LYS B 14 -1.96 11.34 8.42
N GLU B 15 -3.11 10.66 8.49
CA GLU B 15 -3.14 9.21 8.37
C GLU B 15 -2.65 8.76 6.99
N ALA B 16 -2.97 9.56 5.97
CA ALA B 16 -2.56 9.24 4.61
C ALA B 16 -1.04 9.36 4.45
N GLU B 17 -0.46 10.37 5.10
CA GLU B 17 0.97 10.60 5.03
C GLU B 17 1.74 9.50 5.77
N LYS B 18 1.17 9.05 6.88
CA LYS B 18 1.80 8.00 7.68
C LYS B 18 1.99 6.72 6.85
N PHE B 19 1.08 6.49 5.92
CA PHE B 19 1.14 5.31 5.06
C PHE B 19 1.94 5.60 3.80
N ALA B 20 1.73 6.78 3.23
CA ALA B 20 2.42 7.18 2.01
C ALA B 20 3.94 7.11 2.20
N ALA B 21 4.42 7.57 3.35
CA ALA B 21 5.84 7.56 3.65
C ALA B 21 6.42 6.15 3.50
N ILE B 22 5.67 5.16 3.99
CA ILE B 22 6.11 3.78 3.90
C ILE B 22 6.09 3.28 2.46
N LEU B 23 4.97 3.51 1.78
CA LEU B 23 4.83 3.08 0.38
C LEU B 23 5.97 3.61 -0.47
N ILE B 24 6.39 4.84 -0.20
CA ILE B 24 7.48 5.46 -0.95
C ILE B 24 8.78 4.67 -0.77
N LYS B 25 9.05 4.25 0.46
CA LYS B 25 10.24 3.49 0.76
C LYS B 25 10.22 2.12 0.08
N VAL B 26 9.06 1.48 0.10
CA VAL B 26 8.89 0.18 -0.52
C VAL B 26 9.08 0.25 -2.03
N PHE B 27 8.54 1.30 -2.63
CA PHE B 27 8.65 1.51 -4.08
C PHE B 27 10.09 1.79 -4.48
N ALA B 28 10.77 2.60 -3.67
CA ALA B 28 12.16 2.95 -3.94
C ALA B 28 13.06 1.71 -3.92
N GLU B 29 12.87 0.87 -2.91
CA GLU B 29 13.66 -0.34 -2.78
C GLU B 29 13.30 -1.35 -3.87
N LEU B 30 12.14 -1.16 -4.48
CA LEU B 30 11.68 -2.05 -5.54
C LEU B 30 12.13 -1.54 -6.91
N GLY B 31 12.81 -0.40 -6.92
CA GLY B 31 13.28 0.16 -8.16
C GLY B 31 12.25 1.07 -8.82
N TYR B 32 11.19 1.39 -8.08
CA TYR B 32 10.13 2.24 -8.60
C TYR B 32 10.37 3.70 -8.21
N ASN B 33 11.64 4.10 -8.17
CA ASN B 33 12.00 5.46 -7.82
C ASN B 33 11.20 6.47 -8.65
N ASP B 34 11.15 7.71 -8.18
CA ASP B 34 10.44 8.76 -8.87
C ASP B 34 8.93 8.55 -8.77
N ILE B 35 8.43 8.50 -7.53
CA ILE B 35 7.01 8.30 -7.29
C ILE B 35 6.26 9.63 -7.24
N ASN B 36 5.03 9.63 -7.73
CA ASN B 36 4.21 10.84 -7.74
C ASN B 36 2.88 10.60 -7.04
N VAL B 37 2.58 11.43 -6.04
CA VAL B 37 1.34 11.31 -5.29
C VAL B 37 0.31 12.32 -5.78
N THR B 38 -0.94 11.86 -5.93
CA THR B 38 -2.02 12.72 -6.40
C THR B 38 -3.23 12.59 -5.50
N TRP B 39 -3.58 13.68 -4.82
CA TRP B 39 -4.73 13.71 -3.92
C TRP B 39 -5.84 14.57 -4.48
N ASP B 40 -7.09 14.13 -4.28
CA ASP B 40 -8.25 14.87 -4.78
C ASP B 40 -9.39 14.80 -3.77
N GLY B 41 -9.55 15.87 -2.99
CA GLY B 41 -10.61 15.91 -2.00
C GLY B 41 -10.18 15.36 -0.66
N ASP B 42 -10.30 14.05 -0.49
CA ASP B 42 -9.91 13.40 0.76
C ASP B 42 -9.32 12.02 0.48
N THR B 43 -8.84 11.80 -0.74
CA THR B 43 -8.26 10.53 -1.13
C THR B 43 -6.87 10.72 -1.70
N VAL B 44 -5.91 9.90 -1.21
CA VAL B 44 -4.54 9.98 -1.68
C VAL B 44 -4.15 8.72 -2.44
N THR B 45 -3.60 8.90 -3.64
CA THR B 45 -3.18 7.77 -4.46
C THR B 45 -1.76 7.95 -4.96
N VAL B 46 -0.92 6.93 -4.71
CA VAL B 46 0.48 6.98 -5.13
C VAL B 46 0.65 6.39 -6.51
N GLU B 47 1.49 7.02 -7.33
CA GLU B 47 1.75 6.55 -8.68
C GLU B 47 3.24 6.32 -8.91
N GLY B 48 3.60 5.10 -9.27
CA GLY B 48 4.99 4.77 -9.51
C GLY B 48 5.21 4.07 -10.83
N GLN B 49 6.46 3.98 -11.26
CA GLN B 49 6.80 3.33 -12.52
C GLN B 49 8.16 2.64 -12.43
N LEU B 50 8.27 1.47 -13.05
CA LEU B 50 9.51 0.70 -13.03
C LEU B 50 10.17 0.73 -14.41
N GLU B 51 11.49 0.87 -14.41
CA GLU B 51 12.25 0.90 -15.66
C GLU B 51 13.16 -0.31 -15.79
N GLY B 52 13.65 -0.80 -14.65
CA GLY B 52 14.53 -1.95 -14.65
C GLY B 52 14.68 -2.56 -13.27
N GLY B 53 13.74 -3.41 -12.88
CA GLY B 53 13.78 -4.05 -11.59
C GLY B 53 13.07 -5.37 -11.56
N SER B 54 12.50 -5.73 -10.41
CA SER B 54 11.79 -6.99 -10.26
C SER B 54 12.72 -8.17 -10.45
N LEU B 55 13.13 -8.77 -9.34
CA LEU B 55 14.04 -9.91 -9.38
C LEU B 55 13.28 -11.19 -9.72
N GLU B 56 13.13 -11.46 -11.01
CA GLU B 56 12.43 -12.65 -11.47
C GLU B 56 13.01 -13.91 -10.83
N HIS B 57 12.16 -14.90 -10.61
CA HIS B 57 12.60 -16.16 -10.00
C HIS B 57 11.42 -17.13 -9.85
N HIS B 58 11.43 -18.17 -10.68
CA HIS B 58 10.36 -19.17 -10.65
C HIS B 58 10.87 -20.48 -10.06
N GLU A 2 -10.83 3.97 13.84
CA GLU A 2 -9.64 4.08 13.01
C GLU A 2 -9.57 2.94 12.00
N ARG A 3 -10.13 3.17 10.82
CA ARG A 3 -10.14 2.17 9.76
C ARG A 3 -9.23 2.58 8.61
N VAL A 4 -8.51 1.62 8.06
CA VAL A 4 -7.60 1.88 6.95
C VAL A 4 -7.78 0.87 5.83
N ARG A 5 -8.03 1.36 4.62
CA ARG A 5 -8.23 0.48 3.47
C ARG A 5 -7.36 0.94 2.30
N ILE A 6 -6.54 0.01 1.79
CA ILE A 6 -5.66 0.32 0.68
C ILE A 6 -5.92 -0.63 -0.50
N SER A 7 -6.19 -0.04 -1.67
CA SER A 7 -6.46 -0.82 -2.87
C SER A 7 -5.37 -0.61 -3.91
N ILE A 8 -4.79 -1.71 -4.38
CA ILE A 8 -3.74 -1.65 -5.38
C ILE A 8 -4.22 -2.20 -6.72
N THR A 9 -3.90 -1.49 -7.80
CA THR A 9 -4.29 -1.91 -9.14
C THR A 9 -3.08 -2.19 -10.01
N ALA A 10 -2.65 -3.45 -10.04
CA ALA A 10 -1.51 -3.85 -10.83
C ALA A 10 -1.94 -4.53 -12.13
N ARG A 11 -0.99 -4.74 -13.03
CA ARG A 11 -1.28 -5.39 -14.31
C ARG A 11 -1.59 -6.87 -14.12
N THR A 12 -0.67 -7.57 -13.45
CA THR A 12 -0.84 -9.00 -13.20
C THR A 12 -1.12 -9.27 -11.73
N LYS A 13 -1.71 -10.42 -11.45
CA LYS A 13 -2.04 -10.80 -10.08
C LYS A 13 -0.77 -10.96 -9.24
N LYS A 14 0.26 -11.56 -9.85
CA LYS A 14 1.53 -11.77 -9.17
C LYS A 14 2.11 -10.45 -8.68
N GLU A 15 1.87 -9.38 -9.44
CA GLU A 15 2.38 -8.07 -9.08
C GLU A 15 1.70 -7.55 -7.82
N ALA A 16 0.37 -7.57 -7.82
CA ALA A 16 -0.40 -7.10 -6.67
C ALA A 16 -0.08 -7.92 -5.42
N GLU A 17 0.08 -9.23 -5.60
CA GLU A 17 0.39 -10.11 -4.48
C GLU A 17 1.68 -9.68 -3.80
N LYS A 18 2.66 -9.27 -4.59
CA LYS A 18 3.95 -8.84 -4.06
C LYS A 18 3.79 -7.60 -3.18
N PHE A 19 2.81 -6.76 -3.53
CA PHE A 19 2.55 -5.54 -2.77
C PHE A 19 1.83 -5.86 -1.47
N ALA A 20 0.83 -6.73 -1.55
CA ALA A 20 0.06 -7.12 -0.38
C ALA A 20 0.96 -7.65 0.72
N ALA A 21 1.93 -8.49 0.34
CA ALA A 21 2.85 -9.07 1.29
C ALA A 21 3.49 -8.00 2.17
N ILE A 22 3.93 -6.92 1.54
CA ILE A 22 4.56 -5.81 2.25
C ILE A 22 3.54 -5.07 3.12
N LEU A 23 2.41 -4.71 2.51
CA LEU A 23 1.36 -4.00 3.22
C LEU A 23 0.98 -4.73 4.51
N ILE A 24 0.90 -6.05 4.42
CA ILE A 24 0.55 -6.86 5.59
C ILE A 24 1.53 -6.66 6.73
N LYS A 25 2.81 -6.62 6.39
CA LYS A 25 3.86 -6.42 7.38
C LYS A 25 3.77 -5.03 8.01
N VAL A 26 3.52 -4.02 7.17
CA VAL A 26 3.40 -2.65 7.65
C VAL A 26 2.19 -2.49 8.58
N PHE A 27 1.09 -3.14 8.22
CA PHE A 27 -0.13 -3.07 9.02
C PHE A 27 0.07 -3.76 10.37
N ALA A 28 0.72 -4.91 10.34
CA ALA A 28 0.97 -5.68 11.56
C ALA A 28 1.89 -4.91 12.50
N GLU A 29 2.96 -4.35 11.95
CA GLU A 29 3.92 -3.59 12.75
C GLU A 29 3.30 -2.29 13.26
N LEU A 30 2.21 -1.86 12.61
CA LEU A 30 1.52 -0.64 12.99
C LEU A 30 0.43 -0.93 14.02
N GLY A 31 0.25 -2.20 14.34
CA GLY A 31 -0.76 -2.58 15.31
C GLY A 31 -2.13 -2.80 14.68
N TYR A 32 -2.14 -2.89 13.35
CA TYR A 32 -3.39 -3.11 12.62
C TYR A 32 -3.62 -4.59 12.36
N ASN A 33 -3.21 -5.42 13.30
CA ASN A 33 -3.38 -6.87 13.18
C ASN A 33 -4.80 -7.22 12.76
N ASP A 34 -4.98 -8.44 12.25
CA ASP A 34 -6.30 -8.90 11.81
C ASP A 34 -6.74 -8.17 10.55
N ILE A 35 -5.94 -8.28 9.49
CA ILE A 35 -6.25 -7.64 8.23
C ILE A 35 -7.10 -8.54 7.34
N ASN A 36 -7.94 -7.93 6.52
CA ASN A 36 -8.81 -8.68 5.61
C ASN A 36 -8.69 -8.16 4.19
N VAL A 37 -8.31 -9.05 3.28
CA VAL A 37 -8.15 -8.69 1.87
C VAL A 37 -9.33 -9.18 1.04
N THR A 38 -9.82 -8.32 0.15
CA THR A 38 -10.95 -8.67 -0.70
C THR A 38 -10.66 -8.34 -2.16
N TRP A 39 -10.58 -9.37 -3.00
CA TRP A 39 -10.30 -9.18 -4.41
C TRP A 39 -11.57 -9.37 -5.24
N ASP A 40 -11.72 -8.57 -6.28
CA ASP A 40 -12.88 -8.65 -7.16
C ASP A 40 -12.48 -8.42 -8.62
N GLY A 41 -12.34 -9.51 -9.37
CA GLY A 41 -11.97 -9.41 -10.77
C GLY A 41 -10.46 -9.43 -10.96
N ASP A 42 -9.83 -8.27 -10.79
CA ASP A 42 -8.39 -8.16 -10.96
C ASP A 42 -7.82 -7.08 -10.05
N THR A 43 -8.58 -6.71 -9.03
CA THR A 43 -8.15 -5.68 -8.09
C THR A 43 -8.21 -6.18 -6.65
N VAL A 44 -7.13 -5.96 -5.91
CA VAL A 44 -7.05 -6.39 -4.51
C VAL A 44 -7.06 -5.20 -3.57
N THR A 45 -7.87 -5.30 -2.52
CA THR A 45 -7.97 -4.22 -1.54
C THR A 45 -7.81 -4.75 -0.12
N VAL A 46 -6.84 -4.21 0.61
CA VAL A 46 -6.58 -4.63 1.99
C VAL A 46 -7.38 -3.78 2.98
N GLU A 47 -7.94 -4.43 3.99
CA GLU A 47 -8.73 -3.74 5.00
C GLU A 47 -8.20 -4.05 6.40
N GLY A 48 -7.74 -3.00 7.09
CA GLY A 48 -7.22 -3.18 8.43
C GLY A 48 -7.81 -2.20 9.42
N GLN A 49 -7.88 -2.61 10.68
CA GLN A 49 -8.43 -1.76 11.73
C GLN A 49 -7.45 -1.60 12.88
N LEU A 50 -7.61 -0.51 13.64
CA LEU A 50 -6.73 -0.24 14.76
C LEU A 50 -7.50 -0.25 16.07
N GLU A 51 -6.88 -0.79 17.12
CA GLU A 51 -7.52 -0.87 18.43
C GLU A 51 -6.70 -0.11 19.47
N GLY A 52 -5.39 -0.11 19.30
CA GLY A 52 -4.52 0.58 20.23
C GLY A 52 -3.67 -0.38 21.06
N GLY A 53 -2.35 -0.27 20.91
CA GLY A 53 -1.45 -1.14 21.64
C GLY A 53 -0.72 -2.11 20.74
N SER A 54 -0.25 -3.22 21.31
CA SER A 54 0.48 -4.22 20.56
C SER A 54 0.29 -5.61 21.17
N LEU A 55 -0.02 -6.58 20.33
CA LEU A 55 -0.23 -7.96 20.78
C LEU A 55 1.03 -8.79 20.57
N GLU A 56 2.02 -8.59 21.44
CA GLU A 56 3.27 -9.34 21.35
C GLU A 56 3.01 -10.82 21.13
N HIS A 57 2.65 -11.51 22.22
CA HIS A 57 2.37 -12.94 22.15
C HIS A 57 3.64 -13.73 21.85
N HIS A 58 4.06 -13.72 20.59
CA HIS A 58 5.27 -14.43 20.18
C HIS A 58 5.11 -15.93 20.42
N GLU B 2 4.81 -0.94 -17.50
CA GLU B 2 4.43 -1.47 -16.20
C GLU B 2 4.30 -0.35 -15.18
N ARG B 3 3.08 0.08 -14.91
CA ARG B 3 2.83 1.16 -13.95
C ARG B 3 2.13 0.62 -12.71
N VAL B 4 2.43 1.21 -11.56
CA VAL B 4 1.83 0.80 -10.30
C VAL B 4 1.15 1.97 -9.60
N ARG B 5 -0.13 1.81 -9.28
CA ARG B 5 -0.89 2.86 -8.60
C ARG B 5 -1.63 2.30 -7.39
N ILE B 6 -1.30 2.83 -6.21
CA ILE B 6 -1.93 2.37 -4.98
C ILE B 6 -2.69 3.52 -4.31
N SER B 7 -3.97 3.29 -4.03
CA SER B 7 -4.82 4.29 -3.40
C SER B 7 -5.09 3.93 -1.94
N ILE B 8 -4.66 4.78 -1.03
CA ILE B 8 -4.86 4.55 0.39
C ILE B 8 -5.86 5.54 0.98
N THR B 9 -6.78 5.04 1.79
CA THR B 9 -7.80 5.88 2.41
C THR B 9 -7.58 5.98 3.91
N ALA B 10 -7.48 7.21 4.41
CA ALA B 10 -7.26 7.45 5.83
C ALA B 10 -8.22 8.52 6.36
N ARG B 11 -8.28 8.65 7.68
CA ARG B 11 -9.14 9.65 8.30
C ARG B 11 -8.60 11.06 8.11
N THR B 12 -7.47 11.35 8.75
CA THR B 12 -6.84 12.66 8.66
C THR B 12 -5.60 12.61 7.78
N LYS B 13 -5.08 13.78 7.42
CA LYS B 13 -3.90 13.87 6.58
C LYS B 13 -2.71 13.15 7.23
N LYS B 14 -2.59 13.31 8.55
CA LYS B 14 -1.51 12.68 9.30
C LYS B 14 -1.54 11.16 9.15
N GLU B 15 -2.76 10.61 9.15
CA GLU B 15 -2.93 9.17 9.00
C GLU B 15 -2.46 8.69 7.63
N ALA B 16 -2.99 9.34 6.59
CA ALA B 16 -2.63 8.99 5.22
C ALA B 16 -1.14 9.21 4.96
N GLU B 17 -0.63 10.33 5.46
CA GLU B 17 0.78 10.67 5.28
C GLU B 17 1.68 9.58 5.85
N LYS B 18 1.27 9.03 7.00
CA LYS B 18 2.05 7.97 7.65
C LYS B 18 2.18 6.76 6.74
N PHE B 19 1.11 6.45 6.02
CA PHE B 19 1.10 5.30 5.10
C PHE B 19 1.92 5.61 3.85
N ALA B 20 1.72 6.79 3.29
CA ALA B 20 2.43 7.20 2.09
C ALA B 20 3.95 7.13 2.31
N ALA B 21 4.39 7.57 3.47
CA ALA B 21 5.81 7.55 3.81
C ALA B 21 6.40 6.15 3.64
N ILE B 22 5.67 5.15 4.12
CA ILE B 22 6.12 3.77 4.02
C ILE B 22 6.12 3.29 2.58
N LEU B 23 5.02 3.52 1.89
CA LEU B 23 4.88 3.12 0.48
C LEU B 23 6.05 3.65 -0.35
N ILE B 24 6.47 4.87 -0.06
CA ILE B 24 7.57 5.49 -0.77
C ILE B 24 8.86 4.70 -0.59
N LYS B 25 9.11 4.25 0.63
CA LYS B 25 10.30 3.47 0.93
C LYS B 25 10.26 2.12 0.23
N VAL B 26 9.10 1.48 0.23
CA VAL B 26 8.93 0.19 -0.42
C VAL B 26 9.14 0.30 -1.93
N PHE B 27 8.62 1.37 -2.51
CA PHE B 27 8.74 1.60 -3.94
C PHE B 27 10.19 1.87 -4.33
N ALA B 28 10.88 2.67 -3.52
CA ALA B 28 12.28 3.00 -3.77
C ALA B 28 13.15 1.76 -3.74
N GLU B 29 12.94 0.90 -2.75
CA GLU B 29 13.72 -0.32 -2.61
C GLU B 29 13.38 -1.31 -3.73
N LEU B 30 12.24 -1.09 -4.38
CA LEU B 30 11.80 -1.95 -5.46
C LEU B 30 12.26 -1.42 -6.81
N GLY B 31 12.93 -0.26 -6.78
CA GLY B 31 13.42 0.33 -8.00
C GLY B 31 12.39 1.25 -8.66
N TYR B 32 11.32 1.56 -7.92
CA TYR B 32 10.27 2.41 -8.44
C TYR B 32 10.50 3.87 -8.04
N ASN B 33 11.77 4.27 -8.01
CA ASN B 33 12.13 5.64 -7.65
C ASN B 33 11.32 6.64 -8.45
N ASP B 34 11.25 7.87 -7.94
CA ASP B 34 10.50 8.93 -8.62
C ASP B 34 9.00 8.65 -8.57
N ILE B 35 8.42 8.73 -7.38
CA ILE B 35 7.00 8.47 -7.20
C ILE B 35 6.20 9.78 -7.22
N ASN B 36 4.98 9.70 -7.72
CA ASN B 36 4.11 10.88 -7.79
C ASN B 36 2.80 10.64 -7.06
N VAL B 37 2.50 11.49 -6.08
CA VAL B 37 1.28 11.38 -5.30
C VAL B 37 0.25 12.42 -5.73
N THR B 38 -0.99 11.99 -5.86
CA THR B 38 -2.07 12.89 -6.26
C THR B 38 -3.31 12.69 -5.39
N TRP B 39 -3.72 13.76 -4.72
CA TRP B 39 -4.89 13.70 -3.85
C TRP B 39 -6.08 14.39 -4.51
N ASP B 40 -7.20 13.66 -4.60
CA ASP B 40 -8.40 14.18 -5.21
C ASP B 40 -9.64 13.70 -4.46
N GLY B 41 -10.19 14.56 -3.60
CA GLY B 41 -11.36 14.18 -2.84
C GLY B 41 -11.02 13.55 -1.51
N ASP B 42 -10.05 14.14 -0.81
CA ASP B 42 -9.63 13.62 0.49
C ASP B 42 -9.15 12.18 0.37
N THR B 43 -8.71 11.81 -0.83
CA THR B 43 -8.22 10.46 -1.08
C THR B 43 -6.75 10.47 -1.48
N VAL B 44 -5.97 9.60 -0.85
CA VAL B 44 -4.54 9.51 -1.15
C VAL B 44 -4.26 8.44 -2.19
N THR B 45 -3.48 8.81 -3.20
CA THR B 45 -3.13 7.87 -4.27
C THR B 45 -1.69 8.05 -4.71
N VAL B 46 -0.94 6.96 -4.71
CA VAL B 46 0.47 7.00 -5.12
C VAL B 46 0.66 6.38 -6.50
N GLU B 47 1.48 7.01 -7.32
CA GLU B 47 1.74 6.52 -8.67
C GLU B 47 3.25 6.35 -8.89
N GLY B 48 3.63 5.17 -9.36
CA GLY B 48 5.04 4.90 -9.61
C GLY B 48 5.28 4.34 -11.00
N GLN B 49 6.55 4.24 -11.39
CA GLN B 49 6.92 3.73 -12.69
C GLN B 49 8.15 2.83 -12.61
N LEU B 50 8.19 1.81 -13.46
CA LEU B 50 9.31 0.88 -13.48
C LEU B 50 9.77 0.60 -14.91
N GLU B 51 11.06 0.78 -15.15
CA GLU B 51 11.62 0.55 -16.48
C GLU B 51 12.72 -0.51 -16.43
N GLY B 52 13.47 -0.53 -15.32
CA GLY B 52 14.54 -1.49 -15.17
C GLY B 52 14.69 -1.98 -13.74
N GLY B 53 15.03 -3.26 -13.58
CA GLY B 53 15.20 -3.82 -12.25
C GLY B 53 16.30 -3.14 -11.47
N SER B 54 17.51 -3.67 -11.58
CA SER B 54 18.66 -3.11 -10.86
C SER B 54 18.49 -3.27 -9.35
N LEU B 55 19.39 -4.02 -8.74
CA LEU B 55 19.35 -4.25 -7.30
C LEU B 55 20.32 -3.33 -6.57
N GLU B 56 21.54 -3.22 -7.10
CA GLU B 56 22.56 -2.37 -6.50
C GLU B 56 23.81 -2.32 -7.38
N HIS B 57 24.87 -1.74 -6.84
CA HIS B 57 26.13 -1.63 -7.57
C HIS B 57 27.20 -0.95 -6.72
N HIS B 58 28.38 -1.54 -6.67
CA HIS B 58 29.49 -0.99 -5.89
C HIS B 58 30.39 -0.12 -6.77
N GLU A 2 -11.66 3.76 13.80
CA GLU A 2 -10.56 4.14 12.93
C GLU A 2 -10.12 2.96 12.06
N ARG A 3 -10.76 2.83 10.90
CA ARG A 3 -10.43 1.75 9.97
C ARG A 3 -9.54 2.25 8.84
N VAL A 4 -8.66 1.38 8.36
CA VAL A 4 -7.74 1.73 7.28
C VAL A 4 -7.83 0.72 6.13
N ARG A 5 -8.10 1.22 4.94
CA ARG A 5 -8.20 0.37 3.76
C ARG A 5 -7.36 0.90 2.62
N ILE A 6 -6.55 0.02 2.02
CA ILE A 6 -5.69 0.42 0.92
C ILE A 6 -5.93 -0.46 -0.31
N SER A 7 -6.21 0.16 -1.44
CA SER A 7 -6.47 -0.57 -2.68
C SER A 7 -5.33 -0.35 -3.68
N ILE A 8 -4.75 -1.45 -4.16
CA ILE A 8 -3.66 -1.37 -5.12
C ILE A 8 -4.10 -1.89 -6.49
N THR A 9 -3.74 -1.15 -7.53
CA THR A 9 -4.09 -1.53 -8.89
C THR A 9 -2.85 -1.96 -9.68
N ALA A 10 -2.70 -3.28 -9.84
CA ALA A 10 -1.57 -3.83 -10.58
C ALA A 10 -2.02 -4.48 -11.87
N ARG A 11 -1.06 -4.81 -12.73
CA ARG A 11 -1.37 -5.44 -14.01
C ARG A 11 -1.87 -6.87 -13.82
N THR A 12 -1.09 -7.67 -13.11
CA THR A 12 -1.46 -9.06 -12.84
C THR A 12 -1.61 -9.31 -11.35
N LYS A 13 -2.23 -10.43 -11.01
CA LYS A 13 -2.44 -10.80 -9.62
C LYS A 13 -1.11 -10.93 -8.87
N LYS A 14 -0.14 -11.57 -9.52
CA LYS A 14 1.18 -11.76 -8.93
C LYS A 14 1.80 -10.42 -8.57
N GLU A 15 1.54 -9.40 -9.39
CA GLU A 15 2.08 -8.07 -9.16
C GLU A 15 1.50 -7.46 -7.88
N ALA A 16 0.17 -7.46 -7.78
CA ALA A 16 -0.50 -6.91 -6.62
C ALA A 16 -0.17 -7.71 -5.36
N GLU A 17 -0.10 -9.03 -5.51
CA GLU A 17 0.22 -9.90 -4.38
C GLU A 17 1.56 -9.53 -3.76
N LYS A 18 2.53 -9.20 -4.60
CA LYS A 18 3.85 -8.83 -4.14
C LYS A 18 3.79 -7.60 -3.22
N PHE A 19 2.84 -6.72 -3.50
CA PHE A 19 2.67 -5.51 -2.71
C PHE A 19 1.89 -5.81 -1.43
N ALA A 20 0.89 -6.67 -1.53
CA ALA A 20 0.07 -7.04 -0.38
C ALA A 20 0.94 -7.58 0.75
N ALA A 21 1.90 -8.43 0.41
CA ALA A 21 2.79 -9.02 1.39
C ALA A 21 3.45 -7.94 2.25
N ILE A 22 3.93 -6.88 1.61
CA ILE A 22 4.58 -5.79 2.31
C ILE A 22 3.59 -5.02 3.17
N LEU A 23 2.45 -4.66 2.57
CA LEU A 23 1.42 -3.91 3.29
C LEU A 23 1.04 -4.63 4.58
N ILE A 24 0.95 -5.96 4.51
CA ILE A 24 0.60 -6.76 5.68
C ILE A 24 1.59 -6.56 6.81
N LYS A 25 2.88 -6.55 6.46
CA LYS A 25 3.94 -6.36 7.45
C LYS A 25 3.86 -4.97 8.07
N VAL A 26 3.61 -3.97 7.23
CA VAL A 26 3.51 -2.59 7.70
C VAL A 26 2.32 -2.41 8.63
N PHE A 27 1.20 -3.05 8.28
CA PHE A 27 -0.01 -2.96 9.08
C PHE A 27 0.16 -3.67 10.41
N ALA A 28 0.79 -4.85 10.37
CA ALA A 28 1.02 -5.64 11.58
C ALA A 28 1.90 -4.89 12.56
N GLU A 29 2.98 -4.30 12.05
CA GLU A 29 3.92 -3.56 12.87
C GLU A 29 3.29 -2.27 13.39
N LEU A 30 2.22 -1.84 12.73
CA LEU A 30 1.52 -0.62 13.11
C LEU A 30 0.39 -0.92 14.10
N GLY A 31 0.27 -2.19 14.47
CA GLY A 31 -0.77 -2.59 15.41
C GLY A 31 -2.07 -2.93 14.72
N TYR A 32 -2.05 -2.97 13.38
CA TYR A 32 -3.23 -3.28 12.60
C TYR A 32 -3.28 -4.76 12.25
N ASN A 33 -2.73 -5.59 13.12
CA ASN A 33 -2.70 -7.03 12.90
C ASN A 33 -4.09 -7.55 12.51
N ASP A 34 -4.12 -8.73 11.91
CA ASP A 34 -5.37 -9.33 11.47
C ASP A 34 -5.99 -8.55 10.32
N ILE A 35 -5.30 -8.53 9.19
CA ILE A 35 -5.77 -7.82 8.01
C ILE A 35 -6.58 -8.73 7.10
N ASN A 36 -7.55 -8.16 6.40
CA ASN A 36 -8.40 -8.92 5.50
C ASN A 36 -8.33 -8.36 4.08
N VAL A 37 -7.98 -9.22 3.13
CA VAL A 37 -7.87 -8.82 1.73
C VAL A 37 -9.13 -9.22 0.95
N THR A 38 -9.62 -8.30 0.13
CA THR A 38 -10.82 -8.55 -0.67
C THR A 38 -10.58 -8.17 -2.13
N TRP A 39 -10.59 -9.16 -3.01
CA TRP A 39 -10.38 -8.91 -4.43
C TRP A 39 -11.68 -9.12 -5.22
N ASP A 40 -11.90 -8.27 -6.21
CA ASP A 40 -13.11 -8.37 -7.03
C ASP A 40 -12.79 -8.04 -8.49
N GLY A 41 -12.65 -9.08 -9.30
CA GLY A 41 -12.35 -8.89 -10.71
C GLY A 41 -10.86 -8.90 -10.99
N ASP A 42 -10.21 -7.75 -10.78
CA ASP A 42 -8.78 -7.64 -11.01
C ASP A 42 -8.17 -6.58 -10.09
N THR A 43 -8.87 -6.26 -9.01
CA THR A 43 -8.40 -5.26 -8.06
C THR A 43 -8.38 -5.83 -6.64
N VAL A 44 -7.26 -5.62 -5.95
CA VAL A 44 -7.10 -6.11 -4.59
C VAL A 44 -7.07 -4.96 -3.59
N THR A 45 -7.85 -5.08 -2.52
CA THR A 45 -7.90 -4.05 -1.49
C THR A 45 -7.73 -4.65 -0.11
N VAL A 46 -6.78 -4.10 0.65
CA VAL A 46 -6.51 -4.58 2.00
C VAL A 46 -7.33 -3.81 3.03
N GLU A 47 -7.86 -4.53 4.01
CA GLU A 47 -8.67 -3.91 5.05
C GLU A 47 -8.15 -4.28 6.45
N GLY A 48 -7.80 -3.27 7.23
CA GLY A 48 -7.29 -3.52 8.57
C GLY A 48 -8.02 -2.71 9.62
N GLN A 49 -7.78 -3.04 10.88
CA GLN A 49 -8.42 -2.34 11.99
C GLN A 49 -7.41 -2.01 13.09
N LEU A 50 -7.73 -1.00 13.89
CA LEU A 50 -6.85 -0.58 14.97
C LEU A 50 -7.57 -0.65 16.31
N GLU A 51 -6.83 -1.01 17.36
CA GLU A 51 -7.39 -1.12 18.70
C GLU A 51 -6.76 -0.10 19.63
N GLY A 52 -5.50 0.22 19.40
CA GLY A 52 -4.80 1.18 20.23
C GLY A 52 -4.34 0.59 21.54
N GLY A 53 -3.41 1.27 22.21
CA GLY A 53 -2.90 0.78 23.48
C GLY A 53 -1.55 0.11 23.35
N SER A 54 -1.23 -0.32 22.13
CA SER A 54 0.05 -0.99 21.88
C SER A 54 0.63 -0.55 20.54
N LEU A 55 1.95 -0.68 20.40
CA LEU A 55 2.63 -0.29 19.18
C LEU A 55 3.00 -1.52 18.35
N GLU A 56 3.28 -2.63 19.03
CA GLU A 56 3.66 -3.87 18.36
C GLU A 56 3.03 -5.07 19.06
N HIS A 57 3.35 -6.26 18.58
CA HIS A 57 2.82 -7.49 19.16
C HIS A 57 3.37 -8.72 18.43
N HIS A 58 4.15 -9.52 19.14
CA HIS A 58 4.73 -10.73 18.56
C HIS A 58 4.45 -11.95 19.44
N GLU B 2 5.42 -1.07 -16.94
CA GLU B 2 4.89 -1.59 -15.70
C GLU B 2 4.60 -0.47 -14.71
N ARG B 3 3.38 0.04 -14.72
CA ARG B 3 2.99 1.13 -13.83
C ARG B 3 2.24 0.58 -12.61
N VAL B 4 2.41 1.25 -11.47
CA VAL B 4 1.76 0.83 -10.24
C VAL B 4 1.07 2.01 -9.56
N ARG B 5 -0.20 1.83 -9.19
CA ARG B 5 -0.96 2.87 -8.54
C ARG B 5 -1.64 2.34 -7.27
N ILE B 6 -1.34 2.96 -6.14
CA ILE B 6 -1.93 2.56 -4.87
C ILE B 6 -2.63 3.72 -4.18
N SER B 7 -3.91 3.54 -3.85
CA SER B 7 -4.68 4.57 -3.19
C SER B 7 -5.09 4.14 -1.79
N ILE B 8 -4.85 5.01 -0.81
CA ILE B 8 -5.18 4.72 0.58
C ILE B 8 -6.32 5.62 1.07
N THR B 9 -7.29 5.01 1.76
CA THR B 9 -8.42 5.76 2.29
C THR B 9 -8.35 5.88 3.80
N ALA B 10 -7.79 6.99 4.28
CA ALA B 10 -7.67 7.23 5.71
C ALA B 10 -8.65 8.30 6.18
N ARG B 11 -8.77 8.44 7.49
CA ARG B 11 -9.67 9.44 8.07
C ARG B 11 -9.07 10.83 7.99
N THR B 12 -7.88 10.99 8.57
CA THR B 12 -7.20 12.28 8.56
C THR B 12 -5.99 12.26 7.65
N LYS B 13 -5.54 13.43 7.22
CA LYS B 13 -4.38 13.54 6.34
C LYS B 13 -3.13 13.00 7.02
N LYS B 14 -3.02 13.26 8.32
CA LYS B 14 -1.86 12.79 9.09
C LYS B 14 -1.73 11.27 9.00
N GLU B 15 -2.87 10.58 9.01
CA GLU B 15 -2.87 9.12 8.94
C GLU B 15 -2.38 8.65 7.57
N ALA B 16 -2.98 9.19 6.51
CA ALA B 16 -2.59 8.82 5.15
C ALA B 16 -1.12 9.14 4.89
N GLU B 17 -0.67 10.28 5.40
CA GLU B 17 0.71 10.70 5.22
C GLU B 17 1.68 9.66 5.76
N LYS B 18 1.32 9.08 6.91
CA LYS B 18 2.16 8.06 7.53
C LYS B 18 2.30 6.83 6.64
N PHE B 19 1.22 6.52 5.91
CA PHE B 19 1.23 5.37 5.01
C PHE B 19 2.07 5.65 3.77
N ALA B 20 1.90 6.84 3.20
CA ALA B 20 2.64 7.23 2.01
C ALA B 20 4.15 7.12 2.24
N ALA B 21 4.60 7.57 3.41
CA ALA B 21 6.01 7.52 3.75
C ALA B 21 6.57 6.12 3.56
N ILE B 22 5.84 5.13 4.05
CA ILE B 22 6.26 3.74 3.94
C ILE B 22 6.22 3.27 2.48
N LEU B 23 5.11 3.52 1.82
CA LEU B 23 4.94 3.13 0.42
C LEU B 23 6.11 3.64 -0.43
N ILE B 24 6.55 4.86 -0.15
CA ILE B 24 7.67 5.45 -0.88
C ILE B 24 8.93 4.62 -0.74
N LYS B 25 9.20 4.17 0.48
CA LYS B 25 10.37 3.36 0.76
C LYS B 25 10.29 2.01 0.04
N VAL B 26 9.11 1.41 0.06
CA VAL B 26 8.90 0.12 -0.60
C VAL B 26 9.07 0.24 -2.11
N PHE B 27 8.56 1.33 -2.68
CA PHE B 27 8.65 1.57 -4.11
C PHE B 27 10.09 1.83 -4.52
N ALA B 28 10.80 2.62 -3.72
CA ALA B 28 12.20 2.95 -4.00
C ALA B 28 13.06 1.70 -3.98
N GLU B 29 12.88 0.87 -2.96
CA GLU B 29 13.66 -0.36 -2.82
C GLU B 29 13.28 -1.36 -3.90
N LEU B 30 12.12 -1.16 -4.50
CA LEU B 30 11.64 -2.05 -5.56
C LEU B 30 12.09 -1.56 -6.93
N GLY B 31 12.79 -0.44 -6.96
CA GLY B 31 13.28 0.12 -8.20
C GLY B 31 12.26 1.03 -8.86
N TYR B 32 11.22 1.38 -8.12
CA TYR B 32 10.18 2.26 -8.64
C TYR B 32 10.45 3.72 -8.30
N ASN B 33 11.73 4.08 -8.30
CA ASN B 33 12.14 5.45 -7.99
C ASN B 33 11.32 6.46 -8.80
N ASP B 34 11.30 7.70 -8.33
CA ASP B 34 10.56 8.76 -9.00
C ASP B 34 9.05 8.55 -8.87
N ILE B 35 8.57 8.58 -7.63
CA ILE B 35 7.15 8.38 -7.37
C ILE B 35 6.40 9.71 -7.35
N ASN B 36 5.13 9.68 -7.76
CA ASN B 36 4.31 10.88 -7.80
C ASN B 36 2.98 10.65 -7.07
N VAL B 37 2.71 11.49 -6.07
CA VAL B 37 1.47 11.37 -5.31
C VAL B 37 0.44 12.39 -5.78
N THR B 38 -0.80 11.94 -5.92
CA THR B 38 -1.88 12.80 -6.37
C THR B 38 -3.11 12.66 -5.47
N TRP B 39 -3.67 13.79 -5.08
CA TRP B 39 -4.85 13.80 -4.22
C TRP B 39 -6.08 14.28 -4.99
N ASP B 40 -7.12 13.45 -5.00
CA ASP B 40 -8.36 13.80 -5.70
C ASP B 40 -9.55 13.74 -4.74
N GLY B 41 -9.98 14.90 -4.26
CA GLY B 41 -11.10 14.96 -3.35
C GLY B 41 -10.68 14.78 -1.90
N ASP B 42 -10.51 13.53 -1.48
CA ASP B 42 -10.12 13.22 -0.11
C ASP B 42 -9.38 11.90 -0.04
N THR B 43 -8.86 11.46 -1.18
CA THR B 43 -8.13 10.19 -1.25
C THR B 43 -6.74 10.39 -1.84
N VAL B 44 -5.72 10.01 -1.08
CA VAL B 44 -4.34 10.15 -1.54
C VAL B 44 -3.86 8.88 -2.25
N THR B 45 -3.38 9.05 -3.47
CA THR B 45 -2.89 7.91 -4.25
C THR B 45 -1.43 8.10 -4.66
N VAL B 46 -0.72 7.00 -4.82
CA VAL B 46 0.69 7.04 -5.21
C VAL B 46 0.90 6.40 -6.57
N GLU B 47 1.72 7.05 -7.41
CA GLU B 47 2.01 6.55 -8.74
C GLU B 47 3.50 6.30 -8.92
N GLY B 48 3.85 5.04 -9.14
CA GLY B 48 5.26 4.68 -9.32
C GLY B 48 5.48 3.85 -10.57
N GLN B 49 6.59 4.13 -11.26
CA GLN B 49 6.92 3.41 -12.49
C GLN B 49 8.26 2.70 -12.35
N LEU B 50 8.46 1.66 -13.13
CA LEU B 50 9.70 0.89 -13.10
C LEU B 50 10.37 0.87 -14.48
N GLU B 51 11.59 1.40 -14.55
CA GLU B 51 12.32 1.44 -15.81
C GLU B 51 13.22 0.21 -15.95
N GLY B 52 13.62 -0.35 -14.82
CA GLY B 52 14.47 -1.53 -14.85
C GLY B 52 13.94 -2.65 -13.95
N GLY B 53 13.89 -3.85 -14.51
CA GLY B 53 13.40 -4.99 -13.75
C GLY B 53 12.46 -5.87 -14.55
N SER B 54 13.02 -6.56 -15.55
CA SER B 54 12.23 -7.44 -16.41
C SER B 54 13.11 -8.50 -17.05
N LEU B 55 12.49 -9.61 -17.45
CA LEU B 55 13.21 -10.71 -18.08
C LEU B 55 12.28 -11.55 -18.95
N GLU B 56 11.27 -10.90 -19.52
CA GLU B 56 10.31 -11.58 -20.38
C GLU B 56 9.51 -12.61 -19.58
N HIS B 57 8.31 -12.91 -20.05
CA HIS B 57 7.44 -13.87 -19.38
C HIS B 57 6.16 -14.10 -20.18
N HIS B 58 5.53 -13.00 -20.60
CA HIS B 58 4.30 -13.08 -21.37
C HIS B 58 3.25 -13.92 -20.64
N GLU A 2 -11.40 4.34 13.37
CA GLU A 2 -10.08 4.43 12.75
C GLU A 2 -9.83 3.23 11.84
N ARG A 3 -10.42 3.27 10.66
CA ARG A 3 -10.26 2.19 9.69
C ARG A 3 -9.35 2.61 8.54
N VAL A 4 -8.58 1.66 8.02
CA VAL A 4 -7.67 1.93 6.92
C VAL A 4 -7.80 0.89 5.81
N ARG A 5 -8.09 1.34 4.60
CA ARG A 5 -8.25 0.45 3.46
C ARG A 5 -7.42 0.93 2.27
N ILE A 6 -6.49 0.10 1.83
CA ILE A 6 -5.63 0.44 0.70
C ILE A 6 -5.90 -0.48 -0.48
N SER A 7 -6.19 0.12 -1.64
CA SER A 7 -6.47 -0.64 -2.85
C SER A 7 -5.35 -0.45 -3.88
N ILE A 8 -4.82 -1.56 -4.38
CA ILE A 8 -3.75 -1.52 -5.37
C ILE A 8 -4.21 -2.09 -6.70
N THR A 9 -3.88 -1.41 -7.79
CA THR A 9 -4.26 -1.85 -9.12
C THR A 9 -3.03 -2.19 -9.95
N ALA A 10 -2.68 -3.48 -9.97
CA ALA A 10 -1.52 -3.94 -10.73
C ALA A 10 -1.96 -4.64 -12.02
N ARG A 11 -0.99 -4.90 -12.89
CA ARG A 11 -1.27 -5.56 -14.16
C ARG A 11 -1.51 -7.06 -13.95
N THR A 12 -0.58 -7.70 -13.25
CA THR A 12 -0.68 -9.13 -12.99
C THR A 12 -0.98 -9.40 -11.52
N LYS A 13 -1.52 -10.58 -11.24
CA LYS A 13 -1.87 -10.97 -9.87
C LYS A 13 -0.61 -11.04 -9.00
N LYS A 14 0.49 -11.47 -9.61
CA LYS A 14 1.76 -11.59 -8.89
C LYS A 14 2.17 -10.26 -8.29
N GLU A 15 1.99 -9.19 -9.05
CA GLU A 15 2.35 -7.86 -8.59
C GLU A 15 1.52 -7.45 -7.38
N ALA A 16 0.26 -7.90 -7.35
CA ALA A 16 -0.63 -7.60 -6.25
C ALA A 16 -0.19 -8.30 -4.97
N GLU A 17 0.30 -9.54 -5.11
CA GLU A 17 0.76 -10.31 -3.96
C GLU A 17 2.03 -9.70 -3.37
N LYS A 18 2.89 -9.19 -4.23
CA LYS A 18 4.14 -8.58 -3.79
C LYS A 18 3.88 -7.36 -2.92
N PHE A 19 2.89 -6.57 -3.30
CA PHE A 19 2.53 -5.37 -2.54
C PHE A 19 1.81 -5.75 -1.25
N ALA A 20 0.85 -6.67 -1.36
CA ALA A 20 0.09 -7.11 -0.20
C ALA A 20 1.01 -7.62 0.90
N ALA A 21 1.98 -8.45 0.53
CA ALA A 21 2.93 -9.01 1.49
C ALA A 21 3.55 -7.90 2.33
N ILE A 22 4.03 -6.85 1.67
CA ILE A 22 4.65 -5.73 2.37
C ILE A 22 3.64 -4.97 3.21
N LEU A 23 2.51 -4.63 2.60
CA LEU A 23 1.45 -3.90 3.30
C LEU A 23 1.07 -4.61 4.60
N ILE A 24 0.97 -5.93 4.53
CA ILE A 24 0.61 -6.73 5.69
C ILE A 24 1.60 -6.51 6.84
N LYS A 25 2.88 -6.51 6.50
CA LYS A 25 3.93 -6.31 7.50
C LYS A 25 3.84 -4.92 8.11
N VAL A 26 3.59 -3.92 7.27
CA VAL A 26 3.48 -2.55 7.73
C VAL A 26 2.27 -2.37 8.65
N PHE A 27 1.16 -3.01 8.29
CA PHE A 27 -0.06 -2.92 9.08
C PHE A 27 0.11 -3.61 10.42
N ALA A 28 0.74 -4.78 10.41
CA ALA A 28 0.97 -5.54 11.64
C ALA A 28 1.87 -4.76 12.60
N GLU A 29 2.95 -4.20 12.08
CA GLU A 29 3.89 -3.43 12.89
C GLU A 29 3.25 -2.13 13.37
N LEU A 30 2.18 -1.72 12.70
CA LEU A 30 1.48 -0.49 13.05
C LEU A 30 0.36 -0.77 14.05
N GLY A 31 0.18 -2.04 14.38
CA GLY A 31 -0.85 -2.41 15.33
C GLY A 31 -2.19 -2.66 14.66
N TYR A 32 -2.18 -2.76 13.34
CA TYR A 32 -3.40 -2.99 12.58
C TYR A 32 -3.60 -4.47 12.30
N ASN A 33 -3.19 -5.32 13.26
CA ASN A 33 -3.32 -6.76 13.11
C ASN A 33 -4.73 -7.14 12.69
N ASP A 34 -4.88 -8.35 12.16
CA ASP A 34 -6.18 -8.84 11.72
C ASP A 34 -6.63 -8.12 10.45
N ILE A 35 -5.80 -8.20 9.41
CA ILE A 35 -6.12 -7.55 8.14
C ILE A 35 -6.95 -8.47 7.24
N ASN A 36 -7.80 -7.87 6.42
CA ASN A 36 -8.65 -8.64 5.51
C ASN A 36 -8.49 -8.15 4.08
N VAL A 37 -8.13 -9.05 3.18
CA VAL A 37 -7.94 -8.71 1.78
C VAL A 37 -9.14 -9.14 0.94
N THR A 38 -9.58 -8.26 0.05
CA THR A 38 -10.73 -8.56 -0.81
C THR A 38 -10.41 -8.23 -2.27
N TRP A 39 -10.65 -9.20 -3.14
CA TRP A 39 -10.40 -9.02 -4.57
C TRP A 39 -11.70 -8.83 -5.34
N ASP A 40 -11.81 -7.69 -6.02
CA ASP A 40 -13.02 -7.40 -6.80
C ASP A 40 -12.65 -6.69 -8.10
N GLY A 41 -13.07 -7.27 -9.22
CA GLY A 41 -12.78 -6.69 -10.51
C GLY A 41 -11.30 -6.68 -10.83
N ASP A 42 -10.66 -7.82 -10.61
CA ASP A 42 -9.23 -7.96 -10.87
C ASP A 42 -8.42 -6.95 -10.06
N THR A 43 -9.03 -6.46 -8.98
CA THR A 43 -8.37 -5.50 -8.11
C THR A 43 -8.36 -5.97 -6.66
N VAL A 44 -7.21 -5.89 -6.01
CA VAL A 44 -7.07 -6.31 -4.63
C VAL A 44 -7.06 -5.12 -3.68
N THR A 45 -7.83 -5.20 -2.62
CA THR A 45 -7.91 -4.11 -1.64
C THR A 45 -7.75 -4.64 -0.22
N VAL A 46 -6.75 -4.12 0.49
CA VAL A 46 -6.50 -4.53 1.87
C VAL A 46 -7.30 -3.70 2.86
N GLU A 47 -7.86 -4.36 3.87
CA GLU A 47 -8.66 -3.68 4.88
C GLU A 47 -8.12 -3.98 6.28
N GLY A 48 -7.70 -2.94 6.99
CA GLY A 48 -7.17 -3.11 8.33
C GLY A 48 -7.83 -2.19 9.33
N GLN A 49 -7.80 -2.57 10.61
CA GLN A 49 -8.40 -1.77 11.66
C GLN A 49 -7.47 -1.68 12.87
N LEU A 50 -7.44 -0.51 13.50
CA LEU A 50 -6.59 -0.30 14.68
C LEU A 50 -7.43 -0.25 15.95
N GLU A 51 -6.91 -0.87 17.01
CA GLU A 51 -7.61 -0.90 18.28
C GLU A 51 -6.80 -0.19 19.37
N GLY A 52 -5.48 -0.28 19.25
CA GLY A 52 -4.61 0.35 20.23
C GLY A 52 -3.28 -0.36 20.37
N GLY A 53 -3.02 -0.90 21.56
CA GLY A 53 -1.77 -1.61 21.79
C GLY A 53 -1.89 -3.09 21.54
N SER A 54 -0.80 -3.83 21.73
CA SER A 54 -0.78 -5.27 21.52
C SER A 54 0.20 -5.95 22.46
N LEU A 55 -0.20 -7.11 22.99
CA LEU A 55 0.65 -7.86 23.90
C LEU A 55 1.19 -9.12 23.24
N GLU A 56 1.96 -8.93 22.18
CA GLU A 56 2.55 -10.05 21.44
C GLU A 56 3.42 -10.90 22.37
N HIS A 57 3.46 -12.20 22.10
CA HIS A 57 4.25 -13.13 22.91
C HIS A 57 4.13 -14.55 22.37
N HIS A 58 4.96 -15.44 22.91
CA HIS A 58 4.94 -16.85 22.49
C HIS A 58 4.08 -17.68 23.42
N GLU B 2 5.04 -0.93 -17.36
CA GLU B 2 4.51 -1.45 -16.11
C GLU B 2 4.31 -0.33 -15.10
N ARG B 3 3.07 0.11 -14.94
CA ARG B 3 2.75 1.17 -14.00
C ARG B 3 2.02 0.62 -12.78
N VAL B 4 2.26 1.25 -11.63
CA VAL B 4 1.63 0.82 -10.38
C VAL B 4 1.01 2.00 -9.65
N ARG B 5 -0.26 1.86 -9.26
CA ARG B 5 -0.96 2.90 -8.54
C ARG B 5 -1.64 2.36 -7.30
N ILE B 6 -1.36 2.98 -6.15
CA ILE B 6 -1.95 2.55 -4.89
C ILE B 6 -2.67 3.70 -4.20
N SER B 7 -3.94 3.49 -3.88
CA SER B 7 -4.75 4.50 -3.22
C SER B 7 -5.12 4.07 -1.80
N ILE B 8 -4.99 5.00 -0.85
CA ILE B 8 -5.32 4.72 0.54
C ILE B 8 -6.57 5.46 0.98
N THR B 9 -7.46 4.77 1.67
CA THR B 9 -8.70 5.36 2.16
C THR B 9 -8.58 5.76 3.62
N ALA B 10 -7.87 6.85 3.88
CA ALA B 10 -7.68 7.34 5.24
C ALA B 10 -8.60 8.52 5.53
N ARG B 11 -9.09 8.59 6.76
CA ARG B 11 -9.98 9.68 7.17
C ARG B 11 -9.20 10.95 7.46
N THR B 12 -7.98 10.79 7.97
CA THR B 12 -7.13 11.92 8.29
C THR B 12 -5.86 11.93 7.44
N LYS B 13 -5.40 13.12 7.09
CA LYS B 13 -4.20 13.26 6.26
C LYS B 13 -3.00 12.63 6.95
N LYS B 14 -3.00 12.66 8.28
CA LYS B 14 -1.91 12.09 9.07
C LYS B 14 -1.73 10.61 8.76
N GLU B 15 -2.85 9.89 8.65
CA GLU B 15 -2.82 8.47 8.34
C GLU B 15 -2.29 8.22 6.94
N ALA B 16 -2.75 9.02 5.99
CA ALA B 16 -2.32 8.89 4.61
C ALA B 16 -0.84 9.25 4.44
N GLU B 17 -0.41 10.26 5.19
CA GLU B 17 0.98 10.71 5.12
C GLU B 17 1.91 9.67 5.74
N LYS B 18 1.45 9.04 6.81
CA LYS B 18 2.24 8.01 7.49
C LYS B 18 2.41 6.78 6.61
N PHE B 19 1.37 6.45 5.85
CA PHE B 19 1.41 5.29 4.97
C PHE B 19 2.21 5.59 3.71
N ALA B 20 2.01 6.79 3.16
CA ALA B 20 2.72 7.20 1.96
C ALA B 20 4.23 7.09 2.14
N ALA B 21 4.72 7.53 3.29
CA ALA B 21 6.14 7.48 3.60
C ALA B 21 6.69 6.07 3.41
N ILE B 22 5.96 5.08 3.92
CA ILE B 22 6.37 3.69 3.82
C ILE B 22 6.34 3.21 2.38
N LEU B 23 5.22 3.47 1.70
CA LEU B 23 5.06 3.07 0.30
C LEU B 23 6.21 3.58 -0.55
N ILE B 24 6.66 4.80 -0.28
CA ILE B 24 7.76 5.41 -1.01
C ILE B 24 9.04 4.59 -0.86
N LYS B 25 9.32 4.16 0.38
CA LYS B 25 10.50 3.36 0.65
C LYS B 25 10.44 2.01 -0.05
N VAL B 26 9.26 1.40 -0.03
CA VAL B 26 9.06 0.10 -0.67
C VAL B 26 9.22 0.20 -2.18
N PHE B 27 8.70 1.29 -2.75
CA PHE B 27 8.79 1.51 -4.19
C PHE B 27 10.22 1.82 -4.61
N ALA B 28 10.89 2.63 -3.80
CA ALA B 28 12.27 3.02 -4.08
C ALA B 28 13.19 1.80 -4.10
N GLU B 29 13.04 0.92 -3.11
CA GLU B 29 13.85 -0.28 -3.02
C GLU B 29 13.50 -1.26 -4.14
N LEU B 30 12.33 -1.07 -4.75
CA LEU B 30 11.88 -1.93 -5.84
C LEU B 30 12.29 -1.37 -7.19
N GLY B 31 12.92 -0.19 -7.16
CA GLY B 31 13.35 0.44 -8.40
C GLY B 31 12.27 1.31 -9.01
N TYR B 32 11.23 1.60 -8.24
CA TYR B 32 10.13 2.44 -8.71
C TYR B 32 10.35 3.89 -8.35
N ASN B 33 11.61 4.32 -8.37
CA ASN B 33 11.96 5.70 -8.05
C ASN B 33 11.09 6.67 -8.83
N ASP B 34 11.04 7.92 -8.37
CA ASP B 34 10.25 8.96 -9.04
C ASP B 34 8.76 8.70 -8.85
N ILE B 35 8.32 8.69 -7.61
CA ILE B 35 6.91 8.45 -7.30
C ILE B 35 6.14 9.77 -7.21
N ASN B 36 4.89 9.75 -7.65
CA ASN B 36 4.05 10.94 -7.62
C ASN B 36 2.80 10.69 -6.79
N VAL B 37 2.58 11.54 -5.78
CA VAL B 37 1.42 11.42 -4.91
C VAL B 37 0.31 12.36 -5.35
N THR B 38 -0.93 11.85 -5.36
CA THR B 38 -2.07 12.65 -5.75
C THR B 38 -3.27 12.38 -4.84
N TRP B 39 -3.67 13.39 -4.09
CA TRP B 39 -4.81 13.26 -3.17
C TRP B 39 -6.08 13.77 -3.83
N ASP B 40 -7.11 12.92 -3.86
CA ASP B 40 -8.39 13.29 -4.46
C ASP B 40 -9.55 12.71 -3.65
N GLY B 41 -10.35 13.58 -3.06
CA GLY B 41 -11.48 13.14 -2.27
C GLY B 41 -11.06 12.49 -0.97
N ASP B 42 -10.17 13.15 -0.24
CA ASP B 42 -9.68 12.64 1.04
C ASP B 42 -8.99 11.29 0.84
N THR B 43 -8.58 11.00 -0.39
CA THR B 43 -7.91 9.75 -0.71
C THR B 43 -6.58 9.99 -1.40
N VAL B 44 -5.50 9.49 -0.79
CA VAL B 44 -4.16 9.65 -1.34
C VAL B 44 -3.82 8.52 -2.30
N THR B 45 -3.42 8.88 -3.52
CA THR B 45 -3.06 7.89 -4.53
C THR B 45 -1.62 8.07 -4.98
N VAL B 46 -0.81 7.03 -4.79
CA VAL B 46 0.59 7.08 -5.19
C VAL B 46 0.79 6.45 -6.57
N GLU B 47 1.62 7.09 -7.39
CA GLU B 47 1.90 6.60 -8.73
C GLU B 47 3.39 6.32 -8.91
N GLY B 48 3.73 5.06 -9.11
CA GLY B 48 5.13 4.69 -9.30
C GLY B 48 5.34 3.84 -10.54
N GLN B 49 6.44 4.09 -11.24
CA GLN B 49 6.75 3.34 -12.46
C GLN B 49 8.09 2.62 -12.31
N LEU B 50 8.20 1.45 -12.94
CA LEU B 50 9.43 0.67 -12.88
C LEU B 50 10.28 0.93 -14.12
N GLU B 51 11.60 0.78 -13.95
CA GLU B 51 12.53 0.99 -15.06
C GLU B 51 13.09 -0.33 -15.55
N GLY B 52 12.29 -1.38 -15.47
CA GLY B 52 12.71 -2.69 -15.92
C GLY B 52 11.97 -3.15 -17.17
N GLY B 53 11.56 -2.19 -17.99
CA GLY B 53 10.85 -2.53 -19.21
C GLY B 53 11.43 -1.86 -20.43
N SER B 54 11.52 -0.53 -20.39
CA SER B 54 12.06 0.23 -21.51
C SER B 54 12.86 1.44 -21.01
N LEU B 55 14.02 1.66 -21.61
CA LEU B 55 14.88 2.77 -21.23
C LEU B 55 14.61 3.99 -22.10
N GLU B 56 13.51 4.67 -21.84
CA GLU B 56 13.14 5.86 -22.60
C GLU B 56 14.04 7.03 -22.25
N HIS B 57 13.68 8.22 -22.74
CA HIS B 57 14.46 9.43 -22.47
C HIS B 57 13.81 10.65 -23.11
N HIS B 58 14.14 11.83 -22.61
CA HIS B 58 13.60 13.07 -23.14
C HIS B 58 14.70 14.08 -23.42
N GLU A 2 -11.64 4.31 12.76
CA GLU A 2 -10.20 4.11 12.76
C GLU A 2 -9.82 2.96 11.83
N ARG A 3 -10.59 2.76 10.77
CA ARG A 3 -10.34 1.70 9.82
C ARG A 3 -9.47 2.19 8.67
N VAL A 4 -8.57 1.33 8.19
CA VAL A 4 -7.69 1.67 7.09
C VAL A 4 -7.84 0.69 5.93
N ARG A 5 -8.05 1.23 4.74
CA ARG A 5 -8.21 0.40 3.54
C ARG A 5 -7.31 0.89 2.41
N ILE A 6 -6.53 -0.02 1.85
CA ILE A 6 -5.62 0.33 0.76
C ILE A 6 -5.86 -0.58 -0.45
N SER A 7 -6.01 0.04 -1.62
CA SER A 7 -6.25 -0.70 -2.85
C SER A 7 -5.11 -0.48 -3.84
N ILE A 8 -4.65 -1.57 -4.46
CA ILE A 8 -3.56 -1.50 -5.43
C ILE A 8 -4.07 -1.77 -6.84
N THR A 9 -3.62 -0.95 -7.79
CA THR A 9 -4.02 -1.10 -9.18
C THR A 9 -2.92 -1.78 -10.01
N ALA A 10 -2.76 -3.08 -9.80
CA ALA A 10 -1.75 -3.84 -10.52
C ALA A 10 -2.37 -4.63 -11.67
N ARG A 11 -1.52 -5.15 -12.56
CA ARG A 11 -1.98 -5.92 -13.70
C ARG A 11 -2.33 -7.35 -13.29
N THR A 12 -1.31 -8.11 -12.92
CA THR A 12 -1.50 -9.50 -12.50
C THR A 12 -1.55 -9.62 -10.98
N LYS A 13 -2.03 -10.76 -10.50
CA LYS A 13 -2.14 -10.99 -9.06
C LYS A 13 -0.75 -11.08 -8.43
N LYS A 14 0.23 -11.52 -9.21
CA LYS A 14 1.59 -11.65 -8.72
C LYS A 14 2.13 -10.30 -8.25
N GLU A 15 1.87 -9.26 -9.03
CA GLU A 15 2.32 -7.91 -8.69
C GLU A 15 1.64 -7.41 -7.41
N ALA A 16 0.31 -7.49 -7.39
CA ALA A 16 -0.45 -7.05 -6.23
C ALA A 16 -0.07 -7.85 -4.99
N GLU A 17 0.16 -9.14 -5.16
CA GLU A 17 0.54 -10.01 -4.05
C GLU A 17 1.87 -9.56 -3.44
N LYS A 18 2.80 -9.18 -4.29
CA LYS A 18 4.11 -8.73 -3.83
C LYS A 18 3.98 -7.51 -2.92
N PHE A 19 2.99 -6.66 -3.20
CA PHE A 19 2.76 -5.46 -2.41
C PHE A 19 1.98 -5.80 -1.14
N ALA A 20 1.00 -6.69 -1.27
CA ALA A 20 0.18 -7.10 -0.14
C ALA A 20 1.04 -7.62 1.00
N ALA A 21 2.01 -8.48 0.66
CA ALA A 21 2.89 -9.05 1.66
C ALA A 21 3.52 -7.97 2.54
N ILE A 22 4.04 -6.93 1.91
CA ILE A 22 4.66 -5.82 2.63
C ILE A 22 3.62 -5.06 3.45
N LEU A 23 2.51 -4.71 2.81
CA LEU A 23 1.44 -3.98 3.48
C LEU A 23 1.04 -4.66 4.78
N ILE A 24 0.98 -5.99 4.76
CA ILE A 24 0.62 -6.76 5.94
C ILE A 24 1.58 -6.50 7.08
N LYS A 25 2.88 -6.49 6.78
CA LYS A 25 3.90 -6.26 7.77
C LYS A 25 3.79 -4.85 8.35
N VAL A 26 3.55 -3.88 7.47
CA VAL A 26 3.42 -2.49 7.88
C VAL A 26 2.19 -2.29 8.77
N PHE A 27 1.10 -2.96 8.42
CA PHE A 27 -0.14 -2.86 9.18
C PHE A 27 0.00 -3.54 10.53
N ALA A 28 0.62 -4.72 10.53
CA ALA A 28 0.81 -5.48 11.76
C ALA A 28 1.67 -4.70 12.76
N GLU A 29 2.75 -4.10 12.26
CA GLU A 29 3.65 -3.33 13.12
C GLU A 29 2.96 -2.05 13.60
N LEU A 30 1.89 -1.66 12.93
CA LEU A 30 1.15 -0.46 13.29
C LEU A 30 -0.02 -0.81 14.21
N GLY A 31 -0.13 -2.07 14.57
CA GLY A 31 -1.21 -2.51 15.45
C GLY A 31 -2.46 -2.88 14.69
N TYR A 32 -2.37 -2.90 13.36
CA TYR A 32 -3.51 -3.23 12.52
C TYR A 32 -3.50 -4.72 12.16
N ASN A 33 -2.91 -5.53 13.03
CA ASN A 33 -2.83 -6.97 12.80
C ASN A 33 -4.19 -7.52 12.38
N ASP A 34 -4.18 -8.71 11.78
CA ASP A 34 -5.40 -9.35 11.32
C ASP A 34 -6.01 -8.59 10.16
N ILE A 35 -5.27 -8.50 9.05
CA ILE A 35 -5.75 -7.80 7.87
C ILE A 35 -6.49 -8.74 6.93
N ASN A 36 -7.46 -8.20 6.20
CA ASN A 36 -8.25 -8.99 5.27
C ASN A 36 -8.11 -8.45 3.85
N VAL A 37 -7.66 -9.31 2.94
CA VAL A 37 -7.48 -8.93 1.54
C VAL A 37 -8.63 -9.43 0.69
N THR A 38 -9.12 -8.58 -0.21
CA THR A 38 -10.21 -8.93 -1.10
C THR A 38 -9.94 -8.48 -2.53
N TRP A 39 -9.78 -9.45 -3.42
CA TRP A 39 -9.51 -9.15 -4.83
C TRP A 39 -10.80 -9.20 -5.65
N ASP A 40 -10.98 -8.20 -6.51
CA ASP A 40 -12.16 -8.14 -7.36
C ASP A 40 -11.79 -7.75 -8.79
N GLY A 41 -11.72 -8.75 -9.66
CA GLY A 41 -11.37 -8.50 -11.05
C GLY A 41 -9.87 -8.49 -11.27
N ASP A 42 -9.24 -7.34 -11.03
CA ASP A 42 -7.80 -7.21 -11.21
C ASP A 42 -7.22 -6.18 -10.24
N THR A 43 -7.98 -5.88 -9.19
CA THR A 43 -7.54 -4.91 -8.18
C THR A 43 -7.61 -5.52 -6.78
N VAL A 44 -6.47 -5.53 -6.10
CA VAL A 44 -6.40 -6.07 -4.75
C VAL A 44 -6.60 -4.98 -3.71
N THR A 45 -7.40 -5.28 -2.69
CA THR A 45 -7.68 -4.33 -1.62
C THR A 45 -7.46 -4.95 -0.25
N VAL A 46 -6.81 -4.20 0.64
CA VAL A 46 -6.53 -4.67 1.98
C VAL A 46 -7.34 -3.90 3.02
N GLU A 47 -7.94 -4.61 3.96
CA GLU A 47 -8.73 -3.98 5.01
C GLU A 47 -8.20 -4.35 6.39
N GLY A 48 -7.86 -3.33 7.18
CA GLY A 48 -7.34 -3.57 8.51
C GLY A 48 -8.08 -2.77 9.57
N GLN A 49 -7.89 -3.14 10.83
CA GLN A 49 -8.54 -2.45 11.94
C GLN A 49 -7.58 -2.24 13.09
N LEU A 50 -7.75 -1.15 13.82
CA LEU A 50 -6.89 -0.82 14.96
C LEU A 50 -7.69 -0.79 16.26
N GLU A 51 -7.13 -1.36 17.31
CA GLU A 51 -7.79 -1.39 18.62
C GLU A 51 -6.96 -0.65 19.66
N GLY A 52 -5.64 -0.74 19.54
CA GLY A 52 -4.75 -0.09 20.48
C GLY A 52 -3.46 -0.85 20.68
N GLY A 53 -2.40 -0.13 21.06
CA GLY A 53 -1.12 -0.75 21.27
C GLY A 53 -0.51 -1.28 20.00
N SER A 54 -0.05 -2.53 20.03
CA SER A 54 0.56 -3.15 18.86
C SER A 54 0.62 -4.67 19.02
N LEU A 55 0.94 -5.12 20.23
CA LEU A 55 1.03 -6.55 20.51
C LEU A 55 2.00 -7.23 19.56
N GLU A 56 2.96 -6.47 19.05
CA GLU A 56 3.95 -7.01 18.12
C GLU A 56 4.72 -8.15 18.76
N HIS A 57 5.03 -8.01 20.05
CA HIS A 57 5.77 -9.03 20.78
C HIS A 57 7.03 -9.44 20.01
N HIS A 58 7.66 -10.52 20.46
CA HIS A 58 8.87 -11.02 19.82
C HIS A 58 8.90 -12.55 19.81
N GLU B 2 3.29 -1.22 -17.23
CA GLU B 2 3.72 -1.72 -15.92
C GLU B 2 3.67 -0.60 -14.88
N ARG B 3 2.57 0.15 -14.87
CA ARG B 3 2.40 1.25 -13.93
C ARG B 3 1.68 0.77 -12.67
N VAL B 4 2.25 1.09 -11.51
CA VAL B 4 1.67 0.70 -10.24
C VAL B 4 1.08 1.90 -9.51
N ARG B 5 -0.21 1.83 -9.20
CA ARG B 5 -0.90 2.92 -8.51
C ARG B 5 -1.68 2.39 -7.31
N ILE B 6 -1.35 2.89 -6.12
CA ILE B 6 -2.03 2.48 -4.90
C ILE B 6 -2.75 3.64 -4.26
N SER B 7 -4.05 3.45 -4.01
CA SER B 7 -4.87 4.50 -3.39
C SER B 7 -5.25 4.11 -1.96
N ILE B 8 -4.95 4.98 -1.01
CA ILE B 8 -5.26 4.72 0.39
C ILE B 8 -6.32 5.69 0.90
N THR B 9 -7.30 5.17 1.63
CA THR B 9 -8.37 5.99 2.17
C THR B 9 -8.31 6.03 3.70
N ALA B 10 -7.70 7.08 4.23
CA ALA B 10 -7.57 7.24 5.68
C ALA B 10 -8.58 8.25 6.21
N ARG B 11 -8.72 8.30 7.53
CA ARG B 11 -9.65 9.22 8.16
C ARG B 11 -9.17 10.67 8.03
N THR B 12 -7.87 10.86 8.24
CA THR B 12 -7.28 12.20 8.14
C THR B 12 -6.04 12.19 7.25
N LYS B 13 -5.66 13.37 6.77
CA LYS B 13 -4.49 13.49 5.91
C LYS B 13 -3.22 13.02 6.64
N LYS B 14 -3.13 13.36 7.92
CA LYS B 14 -1.97 12.97 8.72
C LYS B 14 -1.81 11.45 8.73
N GLU B 15 -2.92 10.73 8.78
CA GLU B 15 -2.90 9.28 8.79
C GLU B 15 -2.37 8.73 7.46
N ALA B 16 -2.97 9.19 6.37
CA ALA B 16 -2.57 8.75 5.03
C ALA B 16 -1.10 9.08 4.77
N GLU B 17 -0.68 10.26 5.20
CA GLU B 17 0.69 10.69 5.00
C GLU B 17 1.68 9.71 5.64
N LYS B 18 1.32 9.19 6.81
CA LYS B 18 2.17 8.23 7.51
C LYS B 18 2.34 6.96 6.68
N PHE B 19 1.31 6.60 5.92
CA PHE B 19 1.35 5.40 5.09
C PHE B 19 2.16 5.66 3.82
N ALA B 20 2.00 6.84 3.25
CA ALA B 20 2.72 7.20 2.03
C ALA B 20 4.23 7.06 2.22
N ALA B 21 4.72 7.54 3.36
CA ALA B 21 6.15 7.46 3.66
C ALA B 21 6.67 6.04 3.50
N ILE B 22 5.93 5.08 4.02
CA ILE B 22 6.32 3.68 3.93
C ILE B 22 6.25 3.18 2.49
N LEU B 23 5.12 3.45 1.84
CA LEU B 23 4.93 3.03 0.45
C LEU B 23 6.07 3.52 -0.43
N ILE B 24 6.53 4.73 -0.18
CA ILE B 24 7.62 5.31 -0.96
C ILE B 24 8.90 4.48 -0.81
N LYS B 25 9.18 4.05 0.41
CA LYS B 25 10.36 3.23 0.67
C LYS B 25 10.25 1.88 -0.01
N VAL B 26 9.07 1.27 0.05
CA VAL B 26 8.84 -0.03 -0.57
C VAL B 26 8.98 0.05 -2.08
N PHE B 27 8.46 1.13 -2.66
CA PHE B 27 8.52 1.32 -4.11
C PHE B 27 9.96 1.59 -4.56
N ALA B 28 10.66 2.40 -3.78
CA ALA B 28 12.05 2.74 -4.10
C ALA B 28 12.93 1.50 -4.10
N GLU B 29 12.76 0.65 -3.09
CA GLU B 29 13.55 -0.57 -2.98
C GLU B 29 13.15 -1.57 -4.07
N LEU B 30 11.98 -1.37 -4.66
CA LEU B 30 11.49 -2.24 -5.72
C LEU B 30 11.89 -1.71 -7.09
N GLY B 31 12.63 -0.61 -7.10
CA GLY B 31 13.07 -0.02 -8.35
C GLY B 31 12.05 0.95 -8.92
N TYR B 32 11.02 1.25 -8.14
CA TYR B 32 9.97 2.16 -8.58
C TYR B 32 10.24 3.58 -8.09
N ASN B 33 11.53 3.91 -7.96
CA ASN B 33 11.93 5.23 -7.51
C ASN B 33 11.24 6.32 -8.31
N ASP B 34 11.22 7.54 -7.77
CA ASP B 34 10.58 8.67 -8.44
C ASP B 34 9.06 8.51 -8.45
N ILE B 35 8.48 8.31 -7.27
CA ILE B 35 7.04 8.15 -7.15
C ILE B 35 6.33 9.50 -7.10
N ASN B 36 5.11 9.54 -7.61
CA ASN B 36 4.32 10.77 -7.62
C ASN B 36 2.99 10.57 -6.91
N VAL B 37 2.70 11.43 -5.95
CA VAL B 37 1.46 11.35 -5.19
C VAL B 37 0.44 12.37 -5.70
N THR B 38 -0.81 11.93 -5.86
CA THR B 38 -1.87 12.80 -6.34
C THR B 38 -3.09 12.71 -5.44
N TRP B 39 -3.44 13.83 -4.82
CA TRP B 39 -4.60 13.88 -3.94
C TRP B 39 -5.78 14.58 -4.61
N ASP B 40 -6.99 14.10 -4.33
CA ASP B 40 -8.19 14.69 -4.91
C ASP B 40 -9.33 14.70 -3.89
N GLY B 41 -9.56 15.86 -3.28
CA GLY B 41 -10.62 15.98 -2.30
C GLY B 41 -10.16 15.60 -0.91
N ASP B 42 -10.15 14.30 -0.63
CA ASP B 42 -9.74 13.80 0.68
C ASP B 42 -9.13 12.41 0.56
N THR B 43 -8.71 12.05 -0.65
CA THR B 43 -8.11 10.74 -0.89
C THR B 43 -6.74 10.87 -1.55
N VAL B 44 -5.76 10.16 -1.02
CA VAL B 44 -4.41 10.20 -1.56
C VAL B 44 -4.08 8.91 -2.32
N THR B 45 -3.52 9.07 -3.52
CA THR B 45 -3.17 7.92 -4.34
C THR B 45 -1.74 8.05 -4.86
N VAL B 46 -0.93 7.02 -4.60
CA VAL B 46 0.46 7.02 -5.04
C VAL B 46 0.58 6.40 -6.43
N GLU B 47 1.41 7.01 -7.27
CA GLU B 47 1.63 6.52 -8.62
C GLU B 47 3.12 6.37 -8.92
N GLY B 48 3.50 5.20 -9.43
CA GLY B 48 4.90 4.95 -9.74
C GLY B 48 5.09 4.43 -11.15
N GLN B 49 6.34 4.35 -11.59
CA GLN B 49 6.65 3.86 -12.93
C GLN B 49 7.84 2.90 -12.90
N LEU B 50 7.77 1.85 -13.70
CA LEU B 50 8.83 0.86 -13.77
C LEU B 50 9.30 0.65 -15.20
N GLU B 51 10.62 0.68 -15.40
CA GLU B 51 11.19 0.49 -16.73
C GLU B 51 11.51 -0.98 -16.99
N GLY B 52 10.58 -1.85 -16.62
CA GLY B 52 10.78 -3.28 -16.82
C GLY B 52 10.44 -3.72 -18.23
N GLY B 53 11.02 -4.83 -18.66
CA GLY B 53 10.77 -5.34 -19.99
C GLY B 53 11.13 -4.34 -21.07
N SER B 54 12.28 -3.70 -20.93
CA SER B 54 12.73 -2.72 -21.90
C SER B 54 14.26 -2.61 -21.92
N LEU B 55 14.82 -2.16 -20.81
CA LEU B 55 16.27 -2.02 -20.68
C LEU B 55 16.80 -0.98 -21.66
N GLU B 56 16.96 -1.39 -22.91
CA GLU B 56 17.47 -0.49 -23.94
C GLU B 56 16.75 -0.73 -25.27
N HIS B 57 17.14 -1.79 -25.96
CA HIS B 57 16.54 -2.13 -27.24
C HIS B 57 16.53 -0.93 -28.19
N HIS B 58 17.61 -0.17 -28.17
CA HIS B 58 17.73 1.02 -29.01
C HIS B 58 17.68 0.63 -30.49
N GLU A 2 -9.89 2.94 14.45
CA GLU A 2 -10.10 3.50 13.13
C GLU A 2 -10.10 2.40 12.06
N ARG A 3 -10.33 2.79 10.81
CA ARG A 3 -10.36 1.84 9.71
C ARG A 3 -9.50 2.34 8.55
N VAL A 4 -8.63 1.46 8.05
CA VAL A 4 -7.75 1.81 6.94
C VAL A 4 -7.83 0.76 5.82
N ARG A 5 -8.14 1.21 4.61
CA ARG A 5 -8.24 0.32 3.47
C ARG A 5 -7.43 0.84 2.30
N ILE A 6 -6.58 -0.01 1.73
CA ILE A 6 -5.75 0.37 0.60
C ILE A 6 -5.95 -0.59 -0.57
N SER A 7 -6.15 -0.03 -1.76
CA SER A 7 -6.35 -0.84 -2.96
C SER A 7 -5.21 -0.63 -3.95
N ILE A 8 -4.64 -1.72 -4.43
CA ILE A 8 -3.55 -1.66 -5.39
C ILE A 8 -3.95 -2.27 -6.73
N THR A 9 -3.59 -1.58 -7.81
CA THR A 9 -3.92 -2.05 -9.15
C THR A 9 -2.66 -2.44 -9.91
N ALA A 10 -2.40 -3.75 -9.98
CA ALA A 10 -1.24 -4.26 -10.69
C ALA A 10 -1.64 -4.99 -11.96
N ARG A 11 -0.66 -5.31 -12.80
CA ARG A 11 -0.90 -6.01 -14.05
C ARG A 11 -1.35 -7.44 -13.79
N THR A 12 -0.51 -8.20 -13.07
CA THR A 12 -0.81 -9.59 -12.75
C THR A 12 -0.95 -9.79 -11.25
N LYS A 13 -1.63 -10.86 -10.87
CA LYS A 13 -1.83 -11.17 -9.46
C LYS A 13 -0.50 -11.29 -8.73
N LYS A 14 0.49 -11.86 -9.40
CA LYS A 14 1.82 -12.04 -8.82
C LYS A 14 2.40 -10.70 -8.40
N GLU A 15 2.19 -9.68 -9.22
CA GLU A 15 2.70 -8.33 -8.92
C GLU A 15 2.00 -7.75 -7.71
N ALA A 16 0.67 -7.76 -7.72
CA ALA A 16 -0.11 -7.22 -6.62
C ALA A 16 0.19 -7.98 -5.32
N GLU A 17 0.34 -9.29 -5.42
CA GLU A 17 0.63 -10.12 -4.26
C GLU A 17 1.90 -9.66 -3.57
N LYS A 18 2.91 -9.30 -4.36
CA LYS A 18 4.18 -8.84 -3.82
C LYS A 18 4.00 -7.58 -2.98
N PHE A 19 3.05 -6.75 -3.37
CA PHE A 19 2.77 -5.50 -2.65
C PHE A 19 1.98 -5.79 -1.38
N ALA A 20 1.01 -6.67 -1.47
CA ALA A 20 0.18 -7.04 -0.32
C ALA A 20 1.05 -7.52 0.83
N ALA A 21 2.02 -8.38 0.53
CA ALA A 21 2.91 -8.92 1.54
C ALA A 21 3.53 -7.80 2.38
N ILE A 22 4.02 -6.76 1.70
CA ILE A 22 4.64 -5.63 2.38
C ILE A 22 3.62 -4.86 3.21
N LEU A 23 2.48 -4.54 2.59
CA LEU A 23 1.43 -3.80 3.27
C LEU A 23 1.03 -4.49 4.57
N ILE A 24 0.99 -5.82 4.55
CA ILE A 24 0.64 -6.60 5.72
C ILE A 24 1.61 -6.35 6.87
N LYS A 25 2.90 -6.32 6.53
CA LYS A 25 3.94 -6.08 7.52
C LYS A 25 3.84 -4.68 8.11
N VAL A 26 3.59 -3.70 7.24
CA VAL A 26 3.47 -2.31 7.66
C VAL A 26 2.26 -2.12 8.57
N PHE A 27 1.16 -2.78 8.23
CA PHE A 27 -0.07 -2.68 9.01
C PHE A 27 0.11 -3.33 10.38
N ALA A 28 0.78 -4.48 10.40
CA ALA A 28 1.02 -5.21 11.64
C ALA A 28 1.85 -4.38 12.61
N GLU A 29 2.93 -3.78 12.09
CA GLU A 29 3.81 -2.96 12.92
C GLU A 29 3.12 -1.67 13.34
N LEU A 30 2.05 -1.32 12.63
CA LEU A 30 1.29 -0.10 12.93
C LEU A 30 0.16 -0.40 13.90
N GLY A 31 0.05 -1.66 14.31
CA GLY A 31 -0.99 -2.04 15.25
C GLY A 31 -2.29 -2.42 14.55
N TYR A 32 -2.24 -2.49 13.22
CA TYR A 32 -3.42 -2.83 12.43
C TYR A 32 -3.47 -4.33 12.14
N ASN A 33 -3.00 -5.13 13.10
CA ASN A 33 -2.99 -6.57 12.94
C ASN A 33 -4.36 -7.10 12.51
N ASP A 34 -4.38 -8.30 11.98
CA ASP A 34 -5.63 -8.92 11.53
C ASP A 34 -6.16 -8.21 10.28
N ILE A 35 -5.40 -8.27 9.20
CA ILE A 35 -5.79 -7.64 7.94
C ILE A 35 -6.54 -8.62 7.04
N ASN A 36 -7.52 -8.10 6.30
CA ASN A 36 -8.30 -8.93 5.39
C ASN A 36 -8.21 -8.41 3.96
N VAL A 37 -7.79 -9.27 3.04
CA VAL A 37 -7.67 -8.90 1.64
C VAL A 37 -8.92 -9.28 0.85
N THR A 38 -9.39 -8.35 0.04
CA THR A 38 -10.59 -8.59 -0.77
C THR A 38 -10.36 -8.17 -2.22
N TRP A 39 -10.73 -9.05 -3.15
CA TRP A 39 -10.58 -8.77 -4.57
C TRP A 39 -11.92 -8.49 -5.23
N ASP A 40 -12.04 -7.33 -5.85
CA ASP A 40 -13.28 -6.94 -6.53
C ASP A 40 -12.98 -6.20 -7.82
N GLY A 41 -13.08 -6.91 -8.94
CA GLY A 41 -12.81 -6.29 -10.23
C GLY A 41 -11.35 -6.36 -10.62
N ASP A 42 -10.72 -7.51 -10.36
CA ASP A 42 -9.31 -7.70 -10.69
C ASP A 42 -8.44 -6.74 -9.89
N THR A 43 -8.98 -6.24 -8.78
CA THR A 43 -8.24 -5.32 -7.92
C THR A 43 -8.21 -5.81 -6.49
N VAL A 44 -7.00 -5.99 -5.97
CA VAL A 44 -6.83 -6.46 -4.59
C VAL A 44 -6.77 -5.28 -3.61
N THR A 45 -7.69 -5.29 -2.65
CA THR A 45 -7.76 -4.23 -1.65
C THR A 45 -7.61 -4.78 -0.24
N VAL A 46 -6.68 -4.22 0.52
CA VAL A 46 -6.44 -4.66 1.89
C VAL A 46 -7.29 -3.88 2.88
N GLU A 47 -7.88 -4.59 3.83
CA GLU A 47 -8.73 -3.96 4.83
C GLU A 47 -8.15 -4.17 6.23
N GLY A 48 -7.84 -3.07 6.90
CA GLY A 48 -7.29 -3.15 8.24
C GLY A 48 -8.03 -2.28 9.24
N GLN A 49 -8.09 -2.74 10.48
CA GLN A 49 -8.79 -2.00 11.53
C GLN A 49 -7.83 -1.62 12.65
N LEU A 50 -8.24 -0.65 13.47
CA LEU A 50 -7.42 -0.19 14.58
C LEU A 50 -8.25 -0.06 15.85
N GLU A 51 -7.84 -0.78 16.90
CA GLU A 51 -8.55 -0.73 18.17
C GLU A 51 -7.69 -0.08 19.25
N GLY A 52 -6.38 -0.29 19.15
CA GLY A 52 -5.46 0.28 20.13
C GLY A 52 -4.02 -0.03 19.82
N GLY A 53 -3.64 -1.30 19.99
CA GLY A 53 -2.28 -1.71 19.72
C GLY A 53 -1.99 -3.12 20.18
N SER A 54 -1.38 -3.25 21.36
CA SER A 54 -1.04 -4.55 21.90
C SER A 54 -0.07 -5.29 20.99
N LEU A 55 0.52 -6.37 21.52
CA LEU A 55 1.47 -7.17 20.75
C LEU A 55 1.00 -8.61 20.63
N GLU A 56 -0.25 -8.78 20.18
CA GLU A 56 -0.82 -10.11 20.02
C GLU A 56 -0.95 -10.82 21.37
N HIS A 57 -1.89 -11.75 21.45
CA HIS A 57 -2.11 -12.51 22.69
C HIS A 57 -3.03 -13.70 22.44
N HIS A 58 -3.29 -14.47 23.49
CA HIS A 58 -4.15 -15.64 23.39
C HIS A 58 -5.24 -15.61 24.46
N GLU B 2 4.64 -1.33 -17.47
CA GLU B 2 4.25 -1.86 -16.17
C GLU B 2 4.17 -0.74 -15.13
N ARG B 3 2.97 -0.20 -14.95
CA ARG B 3 2.75 0.88 -14.00
C ARG B 3 2.06 0.36 -12.74
N VAL B 4 2.38 0.96 -11.60
CA VAL B 4 1.80 0.56 -10.33
C VAL B 4 1.18 1.76 -9.61
N ARG B 5 -0.09 1.63 -9.24
CA ARG B 5 -0.79 2.70 -8.54
C ARG B 5 -1.50 2.16 -7.30
N ILE B 6 -1.26 2.82 -6.16
CA ILE B 6 -1.88 2.41 -4.91
C ILE B 6 -2.63 3.57 -4.27
N SER B 7 -3.91 3.34 -3.95
CA SER B 7 -4.73 4.37 -3.34
C SER B 7 -5.11 3.97 -1.92
N ILE B 8 -5.04 4.93 -1.00
CA ILE B 8 -5.37 4.68 0.39
C ILE B 8 -6.65 5.41 0.79
N THR B 9 -7.53 4.70 1.51
CA THR B 9 -8.79 5.27 1.95
C THR B 9 -8.75 5.64 3.43
N ALA B 10 -8.03 6.72 3.74
CA ALA B 10 -7.90 7.17 5.12
C ALA B 10 -8.85 8.35 5.39
N ARG B 11 -9.31 8.45 6.63
CA ARG B 11 -10.22 9.52 7.02
C ARG B 11 -9.45 10.83 7.21
N THR B 12 -8.27 10.74 7.81
CA THR B 12 -7.45 11.93 8.05
C THR B 12 -6.16 11.88 7.24
N LYS B 13 -5.69 13.04 6.81
CA LYS B 13 -4.47 13.12 6.02
C LYS B 13 -3.27 12.60 6.81
N LYS B 14 -3.34 12.74 8.13
CA LYS B 14 -2.26 12.29 9.01
C LYS B 14 -2.02 10.79 8.82
N GLU B 15 -3.09 10.03 8.74
CA GLU B 15 -2.99 8.58 8.56
C GLU B 15 -2.41 8.24 7.19
N ALA B 16 -3.00 8.81 6.15
CA ALA B 16 -2.55 8.57 4.78
C ALA B 16 -1.10 8.97 4.61
N GLU B 17 -0.72 10.09 5.23
CA GLU B 17 0.64 10.59 5.14
C GLU B 17 1.64 9.56 5.67
N LYS B 18 1.27 8.91 6.77
CA LYS B 18 2.14 7.89 7.37
C LYS B 18 2.31 6.71 6.44
N PHE B 19 1.24 6.33 5.75
CA PHE B 19 1.28 5.21 4.82
C PHE B 19 2.11 5.56 3.58
N ALA B 20 1.90 6.76 3.05
CA ALA B 20 2.61 7.20 1.86
C ALA B 20 4.12 7.14 2.08
N ALA B 21 4.56 7.62 3.25
CA ALA B 21 5.99 7.61 3.58
C ALA B 21 6.59 6.22 3.38
N ILE B 22 5.91 5.21 3.92
CA ILE B 22 6.38 3.84 3.80
C ILE B 22 6.33 3.35 2.36
N LEU B 23 5.20 3.59 1.69
CA LEU B 23 5.04 3.18 0.31
C LEU B 23 6.19 3.68 -0.55
N ILE B 24 6.63 4.91 -0.28
CA ILE B 24 7.73 5.51 -1.04
C ILE B 24 9.00 4.68 -0.90
N LYS B 25 9.29 4.25 0.33
CA LYS B 25 10.47 3.44 0.60
C LYS B 25 10.38 2.09 -0.11
N VAL B 26 9.21 1.48 -0.07
CA VAL B 26 8.99 0.19 -0.71
C VAL B 26 9.15 0.30 -2.23
N PHE B 27 8.64 1.38 -2.80
CA PHE B 27 8.72 1.60 -4.24
C PHE B 27 10.15 1.88 -4.66
N ALA B 28 10.85 2.70 -3.88
CA ALA B 28 12.24 3.04 -4.17
C ALA B 28 13.13 1.82 -4.12
N GLU B 29 12.96 1.00 -3.09
CA GLU B 29 13.75 -0.22 -2.93
C GLU B 29 13.40 -1.24 -3.99
N LEU B 30 12.23 -1.07 -4.61
CA LEU B 30 11.77 -1.98 -5.65
C LEU B 30 12.23 -1.52 -7.03
N GLY B 31 12.75 -0.30 -7.09
CA GLY B 31 13.23 0.24 -8.35
C GLY B 31 12.20 1.12 -9.03
N TYR B 32 11.14 1.46 -8.30
CA TYR B 32 10.07 2.30 -8.84
C TYR B 32 10.32 3.76 -8.50
N ASN B 33 11.57 4.17 -8.52
CA ASN B 33 11.94 5.55 -8.22
C ASN B 33 11.09 6.53 -9.02
N ASP B 34 11.05 7.78 -8.57
CA ASP B 34 10.27 8.80 -9.25
C ASP B 34 8.77 8.57 -9.05
N ILE B 35 8.34 8.55 -7.79
CA ILE B 35 6.94 8.34 -7.48
C ILE B 35 6.18 9.67 -7.39
N ASN B 36 4.90 9.63 -7.74
CA ASN B 36 4.06 10.83 -7.71
C ASN B 36 2.78 10.56 -6.93
N VAL B 37 2.55 11.35 -5.89
CA VAL B 37 1.35 11.21 -5.07
C VAL B 37 0.38 12.36 -5.31
N THR B 38 -0.91 12.03 -5.42
CA THR B 38 -1.94 13.03 -5.65
C THR B 38 -3.13 12.83 -4.73
N TRP B 39 -3.34 13.77 -3.82
CA TRP B 39 -4.45 13.69 -2.88
C TRP B 39 -5.64 14.50 -3.37
N ASP B 40 -6.84 13.95 -3.20
CA ASP B 40 -8.06 14.62 -3.62
C ASP B 40 -9.19 14.40 -2.61
N GLY B 41 -9.42 15.38 -1.76
CA GLY B 41 -10.47 15.26 -0.76
C GLY B 41 -9.98 14.61 0.52
N ASP B 42 -10.01 13.28 0.55
CA ASP B 42 -9.58 12.53 1.72
C ASP B 42 -8.96 11.19 1.30
N THR B 43 -8.60 11.08 0.03
CA THR B 43 -7.99 9.86 -0.49
C THR B 43 -6.67 10.15 -1.18
N VAL B 44 -5.60 9.51 -0.70
CA VAL B 44 -4.28 9.71 -1.27
C VAL B 44 -3.91 8.55 -2.20
N THR B 45 -3.42 8.89 -3.39
CA THR B 45 -3.04 7.88 -4.37
C THR B 45 -1.59 8.06 -4.81
N VAL B 46 -0.86 6.96 -4.89
CA VAL B 46 0.54 7.00 -5.30
C VAL B 46 0.74 6.35 -6.66
N GLU B 47 1.55 6.98 -7.50
CA GLU B 47 1.82 6.46 -8.84
C GLU B 47 3.31 6.18 -9.02
N GLY B 48 3.65 4.92 -9.23
CA GLY B 48 5.05 4.55 -9.40
C GLY B 48 5.26 3.70 -10.66
N GLN B 49 6.37 3.92 -11.34
CA GLN B 49 6.69 3.18 -12.54
C GLN B 49 8.06 2.52 -12.43
N LEU B 50 8.22 1.38 -13.10
CA LEU B 50 9.48 0.64 -13.07
C LEU B 50 10.15 0.67 -14.44
N GLU B 51 11.47 0.82 -14.44
CA GLU B 51 12.24 0.87 -15.67
C GLU B 51 13.27 -0.25 -15.73
N GLY B 52 13.85 -0.58 -14.58
CA GLY B 52 14.84 -1.62 -14.50
C GLY B 52 15.55 -1.67 -13.16
N GLY B 53 16.36 -2.70 -12.95
CA GLY B 53 17.09 -2.83 -11.70
C GLY B 53 18.32 -1.96 -11.65
N SER B 54 19.26 -2.32 -10.79
CA SER B 54 20.50 -1.55 -10.65
C SER B 54 21.58 -2.41 -9.99
N LEU B 55 22.83 -1.93 -10.06
CA LEU B 55 23.95 -2.64 -9.47
C LEU B 55 24.40 -1.97 -8.18
N GLU B 56 24.56 -0.65 -8.23
CA GLU B 56 24.99 0.11 -7.06
C GLU B 56 24.05 1.28 -6.81
N HIS B 57 23.89 1.64 -5.53
CA HIS B 57 23.02 2.75 -5.16
C HIS B 57 23.02 2.94 -3.65
N HIS B 58 22.49 4.09 -3.21
CA HIS B 58 22.43 4.39 -1.77
C HIS B 58 23.80 4.25 -1.13
#